data_7OJL
#
_entry.id   7OJL
#
_cell.length_a   1.00
_cell.length_b   1.00
_cell.length_c   1.00
_cell.angle_alpha   90.00
_cell.angle_beta   90.00
_cell.angle_gamma   90.00
#
_symmetry.space_group_name_H-M   'P 1'
#
loop_
_entity.id
_entity.type
_entity.pdbx_description
1 polymer 'RNA-directed RNA polymerase L'
2 polymer "3' RNA"
3 polymer "5' RNA"
4 non-polymer 'MANGANESE (II) ION'
#
loop_
_entity_poly.entity_id
_entity_poly.type
_entity_poly.pdbx_seq_one_letter_code
_entity_poly.pdbx_strand_id
1 'polypeptide(L)'
;MEDDMACVKDLVSKYLADNERLSRQKLAFLVQTEPRMLLMEGLKLLSLCIEIDSCNANGCEHNSEDKSVERILHDHGILT
PSLCFVVPDGYKLTGNVLILLECFVRSSPANFEQKYIEDFKKLEQLKEDLKSVDINLIPLIDGRTSFYNEQIPDWVNDKL
RDTLFSLLRYAQESNSLFEESEYSRLCESLSMTSGRLSGVESLNVLLDNRSSHYEEIIASCHQGINNKLTAHEVKLQIEE
EYQVFRNRLRKGEITGQFLKVDKSRLLNDFNNLYVDEVTATKDNIEHLIYQFKRASPILRFLYANIGEGNGEERHHTIKE
CQMQYWRSFLNKVKSLRILNTRRKLLLIFDALILLASIHDQTRHKCSKGWLGSCFISVNDRLVSLESTKRDLEKWVGRRQ
QSERSNTIQPPDKNQILISMFQKTILKATAALKDVGISVEHYKINMEVICPDSYDLILNFDVSGVVPTISYQRTEDEKFP
FIMGGVELLESTDLERLSSLSLALVNSMKTSSTVKLRQNEFGPARYQVVRCKEAYCQEFLLSGAEFQLIYQKTGECSKCY
AINDNRVGEICSFYADPKRYFPAIFSAEVLQTTVSTMISWVKDCSELEEQLCNINSLTKMILVLILAHPSKRSQKLLQNL
RYFIMAYVSDYHHKDLIDKLREELITDVEFLLYRLVRALVNLILSEDVKSMMTNRFKFILNISYMCHFITKETPDRLTDQ
IKCFEKFLEPKLEFGHVSINPADVATEEELDDMVYNAKKFLSKEGCTSIKGPDYKKPGVSKRFLSLLTSSFNNGSLFKES
EVKREIKDPLVTSGCATALDLASNKSVVVNKYTDGSRVLNYDFNKLTALAVSQLTEVFSRKGKHLLNKQDYDYKVQQAMS
NLVLGPRQNKVGADEADLDEILLDGGASVYFDQLKETVERIIDQYREPVKPGSNPNGGDQPSVNDLDEVVPNKFYIRLIK
GELSNHMVEDFDYDVLPGNFYEEFCDAVYKNNKLKERYFYCGQMSQCPIGELTKAVATRTYFDQEYFQCFKSILLIMNAN
TLMGRYTHYKSRNLNFKFDMGRLSDDVRISERESNSEALSKALSLTNCTTAMLKNLCFYSQESPQSYSSTGPDTGRLKFS
LSYKEQVGGNRELYIGDLRTKMFTRLIEDYFEALSLQLSGSCLNNEREFENAILSMKLNVSLAHVSYSMDHSKWGPMMCP
FLFLATLQNLIFLSKDLQADIKGRDYLSTLLTWHMHKMVEIPFNVVSAMMKSFIKAQLGLKKKTTQSITEDFFYSNFQIG
VVPSHVSSILDMGQGILHNTSDFYALISERFINYAISCICGGTIDAYTSSDDQISLFDQVLTELMQRDPEEFKTLIEFHY
YMSDQLNKFVSPKSVIGRFVAEFKSRFYVWGDEVPLLTKFVAAALHNIKCKEPHQLAETIDTIIDQSVANGVPVHLCNLI
QKRTLSLLQYARYPIDPFLLNCETDVRDWVDGNRSYRIMRQIERLIPDACGRIRSMLRKLYNKLKTGQLHEEFTTNYLSS
EHLSSLSNLCELLGVEPPSESDLEFSWLNLAAHHPLRMVLRQKIIYSGAVNLDDEKVPTIVKTIQNKLSSTFTRGAQKLL
SEAINKSAFQSSIASGFVGLCRTLGSKCVRGPNKESLYIKSIQSLISDIQGIEPLIDSHGVQYWRVPLNIRDGNEGVISY
FRPLLWDYMCISLSTAIELGAWVLGEPKKVRVLEFFKHNPCDYFPLKPAASKLLEDRVGLNHIIHSLRRLYPSVFEKHIL
PFMSDLASTKMKWSPRIKFLDLCVALDVNCEALSLVSHIVKWKREEHYIVLSSELRLSHTRTHEPMVEERVVSTSDAVDN
FMRQIYFESYVRSFVATTRTLGSFTWFPHKTSVPEGEGLQRLGPFSSFVEKAIHKGIERPMFKHDLMMGYAWIDFDIEPA
RFNHNQLIASGLVGPRFDSLEDFFDAVESLPPGSAKLSQTVRFRIKSQDASFKESFAIHLDYTGSINQQTKYLVHEVSAM
YSGAVSPCVLSDCWRLVLSGPTFKGKSAWYVDTEIVNEFLTDTNQLGHVTPVEIVVDMEKLQFTEYDFVLVGPCVEPVPL
VVHRGGLWECDKKLASFTPVVQDQDLEMFVKEVGDSSLDLLIGALSAMILDRLKLRMQWSEVDIVSMLKAAMPSNSVKVL
NAVLEAVDDWVDFKGYALCYSKSRKKVMVHSSGGKLRLKGRTCEELVKEDEGIEDIE
;
L
2 'polyribonucleotide' GCCUAGGAUCCACUGUGCG E
3 'polyribonucleotide' GCGCACCGGGGAUCCUAGGC D
#
loop_
_chem_comp.id
_chem_comp.type
_chem_comp.name
_chem_comp.formula
A RNA linking ADENOSINE-5'-MONOPHOSPHATE 'C10 H14 N5 O7 P'
C RNA linking CYTIDINE-5'-MONOPHOSPHATE 'C9 H14 N3 O8 P'
G RNA linking GUANOSINE-5'-MONOPHOSPHATE 'C10 H14 N5 O8 P'
MN non-polymer 'MANGANESE (II) ION' 'Mn 2'
U RNA linking URIDINE-5'-MONOPHOSPHATE 'C9 H13 N2 O9 P'
#
# COMPACT_ATOMS: atom_id res chain seq x y z
N GLY A 199 20.50 -8.29 -29.81
CA GLY A 199 19.23 -8.97 -29.92
C GLY A 199 18.03 -8.05 -29.89
N VAL A 200 17.93 -7.19 -30.89
CA VAL A 200 16.83 -6.23 -30.97
C VAL A 200 16.09 -6.41 -32.30
N GLU A 201 16.81 -6.23 -33.41
CA GLU A 201 16.21 -6.25 -34.74
C GLU A 201 15.77 -7.67 -35.10
N SER A 202 14.45 -7.91 -35.03
CA SER A 202 13.90 -9.22 -35.38
C SER A 202 12.61 -9.09 -36.19
N LEU A 203 12.41 -7.97 -36.87
CA LEU A 203 11.18 -7.75 -37.64
C LEU A 203 11.22 -8.42 -39.01
N ASN A 204 12.41 -8.77 -39.50
CA ASN A 204 12.54 -9.34 -40.84
C ASN A 204 11.86 -10.70 -40.99
N VAL A 205 11.35 -11.28 -39.90
CA VAL A 205 10.63 -12.54 -39.98
C VAL A 205 9.17 -12.36 -40.40
N LEU A 206 8.66 -11.14 -40.38
CA LEU A 206 7.26 -10.86 -40.63
C LEU A 206 7.08 -10.08 -41.93
N LEU A 207 5.83 -10.00 -42.38
CA LEU A 207 5.48 -9.28 -43.59
C LEU A 207 5.21 -7.81 -43.27
N ASP A 208 5.61 -6.92 -44.17
CA ASP A 208 5.59 -5.50 -43.88
C ASP A 208 4.17 -4.96 -43.84
N ASN A 209 3.44 -5.10 -44.96
CA ASN A 209 2.04 -4.67 -45.07
C ASN A 209 1.85 -3.18 -44.80
N ARG A 210 2.92 -2.39 -44.85
CA ARG A 210 2.84 -0.95 -44.60
C ARG A 210 2.43 -0.27 -45.91
N SER A 211 1.15 0.06 -46.04
CA SER A 211 0.59 0.48 -47.32
C SER A 211 -0.11 1.84 -47.17
N SER A 212 0.53 2.88 -47.69
CA SER A 212 -0.07 4.18 -47.96
C SER A 212 -0.54 4.92 -46.70
N HIS A 213 -0.39 4.31 -45.53
CA HIS A 213 -0.69 4.98 -44.28
C HIS A 213 0.55 5.27 -43.45
N TYR A 214 1.37 4.25 -43.21
CA TYR A 214 2.65 4.48 -42.55
C TYR A 214 3.49 5.49 -43.33
N GLU A 215 3.46 5.40 -44.67
CA GLU A 215 4.16 6.37 -45.50
C GLU A 215 3.63 7.78 -45.26
N GLU A 216 2.31 7.92 -45.04
CA GLU A 216 1.73 9.23 -44.82
C GLU A 216 2.20 9.81 -43.48
N ILE A 217 2.15 9.01 -42.42
CA ILE A 217 2.61 9.48 -41.12
C ILE A 217 4.09 9.84 -41.18
N ILE A 218 4.88 9.07 -41.92
CA ILE A 218 6.30 9.39 -42.05
C ILE A 218 6.49 10.71 -42.78
N ALA A 219 5.89 10.84 -43.97
CA ALA A 219 5.97 12.08 -44.72
C ALA A 219 5.37 13.28 -44.01
N SER A 220 4.59 13.05 -42.94
CA SER A 220 4.07 14.18 -42.17
C SER A 220 5.20 14.87 -41.39
N CYS A 221 6.01 14.09 -40.68
CA CYS A 221 7.10 14.64 -39.89
C CYS A 221 8.33 14.98 -40.74
N HIS A 222 8.19 15.01 -42.07
CA HIS A 222 9.24 15.51 -42.95
C HIS A 222 8.76 16.65 -43.83
N GLN A 223 7.68 17.33 -43.43
CA GLN A 223 7.05 18.31 -44.30
C GLN A 223 7.82 19.63 -44.30
N GLY A 224 7.86 20.30 -43.16
CA GLY A 224 8.52 21.59 -43.06
C GLY A 224 9.66 21.59 -42.09
N ILE A 225 10.31 20.43 -41.95
CA ILE A 225 11.39 20.24 -40.98
C ILE A 225 12.70 20.09 -41.75
N ASN A 226 13.70 20.88 -41.37
CA ASN A 226 15.02 20.85 -41.99
C ASN A 226 16.02 20.44 -40.91
N ASN A 227 16.35 19.15 -40.87
CA ASN A 227 17.35 18.65 -39.93
C ASN A 227 18.74 18.65 -40.55
N LYS A 228 19.10 19.78 -41.16
CA LYS A 228 20.42 19.92 -41.77
C LYS A 228 21.00 21.31 -41.56
N LEU A 229 20.36 22.16 -40.75
CA LEU A 229 20.85 23.51 -40.53
C LEU A 229 22.21 23.47 -39.84
N THR A 230 23.11 24.33 -40.28
CA THR A 230 24.44 24.41 -39.69
C THR A 230 24.36 25.12 -38.34
N ALA A 231 25.51 25.18 -37.65
CA ALA A 231 25.55 25.81 -36.34
C ALA A 231 25.37 27.32 -36.41
N HIS A 232 25.39 27.92 -37.60
CA HIS A 232 25.20 29.35 -37.74
C HIS A 232 23.76 29.75 -38.05
N GLU A 233 23.09 29.02 -38.95
CA GLU A 233 21.69 29.29 -39.21
C GLU A 233 20.85 29.10 -37.95
N VAL A 234 21.19 28.10 -37.13
CA VAL A 234 20.46 27.87 -35.89
C VAL A 234 20.63 29.06 -34.95
N LYS A 235 21.86 29.54 -34.79
CA LYS A 235 22.10 30.71 -33.95
C LYS A 235 21.34 31.92 -34.47
N LEU A 236 21.33 32.11 -35.80
CA LEU A 236 20.61 33.25 -36.36
C LEU A 236 19.11 33.17 -36.08
N GLN A 237 18.53 31.99 -36.29
CA GLN A 237 17.10 31.84 -36.05
C GLN A 237 16.77 32.01 -34.57
N ILE A 238 17.64 31.54 -33.68
CA ILE A 238 17.39 31.70 -32.25
C ILE A 238 17.48 33.17 -31.86
N GLU A 239 18.46 33.90 -32.42
CA GLU A 239 18.55 35.32 -32.14
C GLU A 239 17.32 36.08 -32.64
N GLU A 240 16.84 35.73 -33.84
CA GLU A 240 15.63 36.36 -34.36
C GLU A 240 14.44 36.10 -33.45
N GLU A 241 14.25 34.84 -33.06
CA GLU A 241 13.14 34.50 -32.17
C GLU A 241 13.24 35.25 -30.85
N TYR A 242 14.44 35.35 -30.29
CA TYR A 242 14.58 36.04 -29.00
C TYR A 242 14.31 37.54 -29.14
N GLN A 243 14.78 38.15 -30.23
CA GLN A 243 14.50 39.57 -30.44
C GLN A 243 13.00 39.81 -30.55
N VAL A 244 12.32 39.02 -31.37
CA VAL A 244 10.88 39.19 -31.53
C VAL A 244 10.16 38.96 -30.20
N PHE A 245 10.63 37.98 -29.42
CA PHE A 245 9.99 37.66 -28.16
C PHE A 245 10.16 38.80 -27.16
N ARG A 246 11.38 39.32 -27.04
CA ARG A 246 11.61 40.44 -26.13
C ARG A 246 10.78 41.65 -26.54
N ASN A 247 10.70 41.92 -27.84
CA ASN A 247 9.90 43.04 -28.31
C ASN A 247 8.43 42.86 -27.93
N ARG A 248 7.85 41.71 -28.28
CA ARG A 248 6.43 41.48 -28.03
C ARG A 248 6.13 41.28 -26.54
N LEU A 249 7.13 41.04 -25.71
CA LEU A 249 6.92 40.98 -24.28
C LEU A 249 6.98 42.36 -23.64
N ARG A 250 7.89 43.22 -24.12
CA ARG A 250 7.90 44.59 -23.65
C ARG A 250 6.62 45.31 -24.07
N LYS A 251 6.15 45.07 -25.30
CA LYS A 251 4.92 45.70 -25.74
C LYS A 251 3.71 45.22 -24.96
N GLY A 252 3.74 43.98 -24.48
CA GLY A 252 2.65 43.43 -23.71
C GLY A 252 1.75 42.45 -24.44
N GLU A 253 2.12 42.04 -25.66
CA GLU A 253 1.31 41.08 -26.41
C GLU A 253 1.45 39.65 -25.88
N ILE A 254 2.29 39.43 -24.86
CA ILE A 254 2.49 38.10 -24.30
C ILE A 254 2.44 38.22 -22.78
N THR A 255 1.81 37.26 -22.13
CA THR A 255 1.60 37.32 -20.69
C THR A 255 2.93 37.22 -19.95
N GLY A 256 2.89 37.54 -18.66
CA GLY A 256 4.08 37.58 -17.84
C GLY A 256 4.58 36.21 -17.43
N GLN A 257 3.69 35.37 -16.88
CA GLN A 257 3.92 33.97 -16.53
C GLN A 257 4.89 33.79 -15.37
N PHE A 258 5.50 34.85 -14.85
CA PHE A 258 6.40 34.73 -13.72
C PHE A 258 6.37 36.03 -12.92
N LEU A 259 6.53 35.90 -11.61
CA LEU A 259 6.47 37.02 -10.70
C LEU A 259 7.65 36.95 -9.74
N LYS A 260 8.27 38.10 -9.49
CA LYS A 260 9.30 38.18 -8.47
C LYS A 260 8.67 37.98 -7.09
N VAL A 261 9.33 37.19 -6.25
CA VAL A 261 8.76 36.83 -4.96
C VAL A 261 8.73 38.06 -4.05
N ASP A 262 7.55 38.36 -3.51
CA ASP A 262 7.37 39.37 -2.47
C ASP A 262 6.74 38.68 -1.28
N LYS A 263 7.51 38.50 -0.20
CA LYS A 263 7.04 37.73 0.95
C LYS A 263 5.72 38.26 1.48
N SER A 264 5.56 39.58 1.52
CA SER A 264 4.33 40.17 2.01
C SER A 264 3.14 39.75 1.17
N ARG A 265 3.27 39.85 -0.16
CA ARG A 265 2.17 39.49 -1.05
C ARG A 265 1.84 38.01 -0.95
N LEU A 266 2.87 37.16 -0.86
CA LEU A 266 2.63 35.72 -0.74
C LEU A 266 1.90 35.39 0.54
N LEU A 267 2.35 35.96 1.67
CA LEU A 267 1.67 35.74 2.94
C LEU A 267 0.22 36.23 2.87
N ASN A 268 0.00 37.39 2.25
CA ASN A 268 -1.36 37.94 2.16
C ASN A 268 -2.26 37.04 1.32
N ASP A 269 -1.73 36.51 0.22
CA ASP A 269 -2.53 35.61 -0.62
C ASP A 269 -2.83 34.31 0.12
N PHE A 270 -1.84 33.77 0.84
CA PHE A 270 -2.08 32.54 1.59
C PHE A 270 -3.13 32.76 2.68
N ASN A 271 -3.08 33.92 3.33
CA ASN A 271 -4.11 34.26 4.32
C ASN A 271 -5.49 34.32 3.66
N ASN A 272 -5.62 35.17 2.64
CA ASN A 272 -6.90 35.26 1.92
C ASN A 272 -6.94 34.25 0.77
N LEU A 273 -6.57 33.01 1.06
CA LEU A 273 -6.70 31.92 0.09
C LEU A 273 -8.12 31.39 0.04
N TYR A 274 -8.78 31.28 1.19
CA TYR A 274 -10.13 30.74 1.30
C TYR A 274 -11.11 31.80 1.77
N VAL A 275 -11.00 33.02 1.27
CA VAL A 275 -11.94 34.04 1.73
C VAL A 275 -13.19 33.99 0.85
N ASP A 276 -14.00 32.96 1.09
CA ASP A 276 -15.41 32.93 0.72
C ASP A 276 -16.28 32.26 1.78
N GLU A 277 -15.70 31.49 2.68
CA GLU A 277 -16.32 30.79 3.79
C GLU A 277 -15.64 31.09 5.11
N VAL A 278 -14.31 31.19 5.12
CA VAL A 278 -13.58 31.62 6.32
C VAL A 278 -13.51 33.13 6.25
N THR A 279 -14.59 33.77 6.70
CA THR A 279 -14.71 35.23 6.64
C THR A 279 -14.01 35.81 7.86
N ALA A 280 -12.69 35.86 7.77
CA ALA A 280 -11.85 36.42 8.82
C ALA A 280 -10.44 36.58 8.27
N THR A 281 -9.63 37.37 8.97
CA THR A 281 -8.24 37.59 8.59
C THR A 281 -7.27 37.11 9.66
N LYS A 282 -7.45 37.54 10.90
CA LYS A 282 -6.58 37.17 12.01
C LYS A 282 -7.39 36.43 13.06
N ASP A 283 -6.81 35.37 13.61
CA ASP A 283 -7.47 34.53 14.59
C ASP A 283 -6.66 34.49 15.88
N ASN A 284 -7.35 34.58 17.01
CA ASN A 284 -6.70 34.48 18.30
C ASN A 284 -6.33 33.02 18.59
N ILE A 285 -5.09 32.80 19.02
CA ILE A 285 -4.61 31.45 19.25
C ILE A 285 -5.42 30.79 20.37
N GLU A 286 -5.72 31.54 21.44
CA GLU A 286 -6.51 30.99 22.53
C GLU A 286 -7.90 30.58 22.04
N HIS A 287 -8.52 31.41 21.20
CA HIS A 287 -9.83 31.07 20.66
C HIS A 287 -9.76 29.85 19.77
N LEU A 288 -8.68 29.71 18.99
CA LEU A 288 -8.51 28.54 18.15
C LEU A 288 -8.38 27.28 18.98
N ILE A 289 -7.56 27.33 20.04
CA ILE A 289 -7.46 26.20 20.96
C ILE A 289 -8.82 25.86 21.54
N TYR A 290 -9.53 26.87 22.06
CA TYR A 290 -10.83 26.65 22.67
C TYR A 290 -11.79 25.95 21.72
N GLN A 291 -11.86 26.42 20.47
CA GLN A 291 -12.79 25.83 19.52
C GLN A 291 -12.23 24.60 18.82
N PHE A 292 -11.00 24.20 19.13
CA PHE A 292 -10.48 22.94 18.58
C PHE A 292 -11.00 21.75 19.35
N LYS A 293 -11.03 21.84 20.68
CA LYS A 293 -11.47 20.72 21.52
C LYS A 293 -12.96 20.50 21.47
N ARG A 294 -13.70 21.17 20.58
CA ARG A 294 -15.14 20.98 20.46
C ARG A 294 -15.57 20.87 19.00
N ALA A 295 -14.63 20.62 18.09
CA ALA A 295 -14.91 20.71 16.66
C ALA A 295 -15.68 19.50 16.13
N SER A 296 -15.59 18.35 16.79
CA SER A 296 -16.17 17.13 16.26
C SER A 296 -16.40 16.17 17.40
N PRO A 297 -17.21 15.11 17.20
CA PRO A 297 -17.41 14.14 18.27
C PRO A 297 -16.11 13.53 18.78
N ILE A 298 -15.23 13.09 17.88
CA ILE A 298 -13.98 12.48 18.30
C ILE A 298 -13.15 13.47 19.11
N LEU A 299 -13.05 14.71 18.63
CA LEU A 299 -12.24 15.70 19.34
C LEU A 299 -12.89 16.09 20.67
N ARG A 300 -14.22 16.22 20.70
CA ARG A 300 -14.90 16.45 21.96
C ARG A 300 -14.60 15.34 22.97
N PHE A 301 -14.50 14.10 22.49
CA PHE A 301 -14.24 12.97 23.38
C PHE A 301 -12.78 12.91 23.81
N LEU A 302 -11.86 13.36 22.95
CA LEU A 302 -10.43 13.24 23.27
C LEU A 302 -10.06 14.16 24.43
N TYR A 303 -10.65 15.35 24.50
CA TYR A 303 -10.28 16.34 25.49
C TYR A 303 -11.35 16.53 26.54
N ALA A 304 -12.31 15.63 26.64
CA ALA A 304 -13.33 15.71 27.66
C ALA A 304 -12.73 15.42 29.04
N ASN A 305 -13.55 15.64 30.07
CA ASN A 305 -13.15 15.46 31.45
C ASN A 305 -13.93 14.27 32.00
N ILE A 306 -13.36 13.07 31.84
CA ILE A 306 -14.03 11.84 32.22
C ILE A 306 -13.29 11.19 33.38
N GLY A 307 -13.81 10.08 33.87
CA GLY A 307 -13.18 9.35 34.95
C GLY A 307 -13.45 9.94 36.32
N LYS A 319 -12.31 -11.03 36.92
CA LYS A 319 -12.60 -11.62 38.21
C LYS A 319 -12.79 -13.13 38.08
N GLU A 320 -12.64 -13.63 36.85
CA GLU A 320 -12.77 -15.06 36.55
C GLU A 320 -14.15 -15.59 36.93
N CYS A 321 -15.16 -15.07 36.26
CA CYS A 321 -16.56 -15.38 36.54
C CYS A 321 -17.07 -16.44 35.57
N GLN A 322 -18.31 -16.87 35.77
CA GLN A 322 -18.88 -17.95 34.96
C GLN A 322 -19.37 -17.46 33.61
N MET A 323 -19.84 -16.21 33.54
CA MET A 323 -20.35 -15.69 32.27
C MET A 323 -19.25 -15.67 31.21
N GLN A 324 -18.02 -15.36 31.61
CA GLN A 324 -16.91 -15.37 30.66
C GLN A 324 -16.68 -16.77 30.10
N TYR A 325 -16.70 -17.78 30.97
CA TYR A 325 -16.53 -19.16 30.50
C TYR A 325 -17.64 -19.54 29.53
N TRP A 326 -18.88 -19.25 29.89
CA TRP A 326 -19.99 -19.62 29.01
C TRP A 326 -19.91 -18.88 27.68
N ARG A 327 -19.49 -17.61 27.71
CA ARG A 327 -19.41 -16.83 26.48
C ARG A 327 -18.30 -17.35 25.58
N SER A 328 -17.14 -17.66 26.15
CA SER A 328 -16.06 -18.24 25.35
C SER A 328 -16.48 -19.58 24.76
N PHE A 329 -17.18 -20.41 25.54
CA PHE A 329 -17.60 -21.72 25.05
C PHE A 329 -18.58 -21.57 23.89
N LEU A 330 -19.61 -20.72 24.06
CA LEU A 330 -20.57 -20.53 23.00
C LEU A 330 -19.94 -19.87 21.78
N ASN A 331 -18.96 -18.99 21.99
CA ASN A 331 -18.25 -18.39 20.86
C ASN A 331 -17.50 -19.45 20.07
N LYS A 332 -16.82 -20.37 20.77
CA LYS A 332 -16.13 -21.46 20.09
C LYS A 332 -17.12 -22.35 19.34
N VAL A 333 -18.26 -22.64 19.95
CA VAL A 333 -19.27 -23.46 19.29
C VAL A 333 -19.76 -22.79 18.01
N LYS A 334 -20.03 -21.49 18.09
CA LYS A 334 -20.51 -20.76 16.92
C LYS A 334 -19.45 -20.67 15.83
N SER A 335 -18.19 -20.46 16.22
CA SER A 335 -17.11 -20.34 15.24
C SER A 335 -17.00 -21.60 14.39
N LEU A 336 -17.23 -22.78 14.97
CA LEU A 336 -17.15 -24.02 14.23
C LEU A 336 -18.31 -24.22 13.28
N ARG A 337 -19.34 -23.37 13.34
CA ARG A 337 -20.50 -23.46 12.46
C ARG A 337 -21.18 -24.81 12.61
N ILE A 338 -21.37 -25.24 13.86
CA ILE A 338 -21.98 -26.53 14.14
C ILE A 338 -23.49 -26.48 13.94
N LEU A 339 -24.16 -25.64 14.71
CA LEU A 339 -25.62 -25.59 14.73
C LEU A 339 -26.12 -24.59 13.69
N ASN A 340 -26.99 -25.06 12.81
CA ASN A 340 -27.56 -24.20 11.77
C ASN A 340 -28.55 -23.24 12.40
N THR A 341 -28.21 -21.96 12.43
CA THR A 341 -29.13 -20.95 12.93
C THR A 341 -30.35 -20.85 12.03
N ARG A 342 -31.48 -21.36 12.49
CA ARG A 342 -32.68 -21.28 11.65
C ARG A 342 -33.88 -20.70 12.38
N ARG A 343 -34.05 -21.00 13.67
CA ARG A 343 -35.15 -20.44 14.47
C ARG A 343 -34.59 -19.93 15.79
N LYS A 344 -34.10 -18.69 15.77
CA LYS A 344 -33.72 -17.96 16.98
C LYS A 344 -32.71 -18.75 17.83
N LEU A 345 -31.67 -19.25 17.18
CA LEU A 345 -30.60 -19.93 17.91
C LEU A 345 -29.83 -18.94 18.78
N LEU A 346 -29.48 -17.78 18.22
CA LEU A 346 -28.81 -16.76 19.00
C LEU A 346 -29.64 -16.35 20.20
N LEU A 347 -30.96 -16.51 20.13
CA LEU A 347 -31.81 -16.20 21.26
C LEU A 347 -31.50 -17.12 22.45
N ILE A 348 -31.42 -18.43 22.20
CA ILE A 348 -31.12 -19.32 23.32
C ILE A 348 -29.65 -19.19 23.72
N PHE A 349 -28.78 -18.79 22.79
CA PHE A 349 -27.42 -18.45 23.20
C PHE A 349 -27.42 -17.32 24.22
N ASP A 350 -28.13 -16.24 23.92
CA ASP A 350 -28.24 -15.12 24.86
C ASP A 350 -28.92 -15.56 26.15
N ALA A 351 -29.88 -16.49 26.06
CA ALA A 351 -30.54 -16.97 27.27
C ALA A 351 -29.56 -17.73 28.15
N LEU A 352 -28.69 -18.56 27.55
CA LEU A 352 -27.68 -19.26 28.33
C LEU A 352 -26.71 -18.27 28.98
N ILE A 353 -26.27 -17.26 28.23
CA ILE A 353 -25.37 -16.25 28.79
C ILE A 353 -26.05 -15.53 29.94
N LEU A 354 -27.34 -15.22 29.79
CA LEU A 354 -28.06 -14.50 30.84
C LEU A 354 -28.23 -15.37 32.09
N LEU A 355 -28.52 -16.66 31.91
CA LEU A 355 -28.60 -17.56 33.05
C LEU A 355 -27.26 -17.65 33.77
N ALA A 356 -26.17 -17.75 33.01
CA ALA A 356 -24.85 -17.75 33.62
C ALA A 356 -24.64 -16.48 34.44
N SER A 357 -24.98 -15.33 33.87
CA SER A 357 -24.79 -14.07 34.58
C SER A 357 -25.67 -13.98 35.81
N ILE A 358 -26.88 -14.54 35.76
CA ILE A 358 -27.79 -14.51 36.90
C ILE A 358 -27.20 -15.33 38.04
N HIS A 359 -26.80 -16.57 37.74
CA HIS A 359 -26.17 -17.41 38.76
C HIS A 359 -24.91 -16.75 39.32
N ASP A 360 -24.12 -16.14 38.43
CA ASP A 360 -22.89 -15.49 38.83
C ASP A 360 -23.15 -14.33 39.80
N GLN A 361 -24.13 -13.49 39.48
CA GLN A 361 -24.44 -12.36 40.34
C GLN A 361 -25.05 -12.81 41.66
N THR A 362 -25.91 -13.83 41.63
CA THR A 362 -26.42 -14.39 42.88
C THR A 362 -25.30 -14.96 43.74
N ARG A 363 -24.25 -15.47 43.11
CA ARG A 363 -23.11 -15.98 43.87
C ARG A 363 -22.32 -14.84 44.51
N HIS A 364 -21.73 -13.96 43.68
CA HIS A 364 -20.89 -12.91 44.24
C HIS A 364 -21.02 -11.56 43.56
N LYS A 365 -22.05 -11.36 42.73
CA LYS A 365 -22.33 -10.06 42.10
C LYS A 365 -21.18 -9.61 41.20
N CYS A 366 -20.80 -10.47 40.26
CA CYS A 366 -19.78 -10.15 39.27
C CYS A 366 -20.42 -9.22 38.24
N SER A 367 -20.36 -7.92 38.51
CA SER A 367 -21.07 -6.93 37.71
C SER A 367 -20.23 -6.50 36.51
N LYS A 368 -19.89 -7.48 35.68
CA LYS A 368 -19.16 -7.26 34.44
C LYS A 368 -19.99 -7.74 33.27
N GLY A 369 -19.54 -7.38 32.07
CA GLY A 369 -20.25 -7.76 30.87
C GLY A 369 -21.60 -7.11 30.67
N TRP A 370 -21.92 -6.08 31.47
CA TRP A 370 -23.18 -5.36 31.36
C TRP A 370 -22.91 -3.92 30.96
N LEU A 371 -23.93 -3.30 30.37
CA LEU A 371 -23.90 -1.89 29.96
C LEU A 371 -25.12 -1.17 30.52
N GLY A 372 -25.38 -1.34 31.81
CA GLY A 372 -26.53 -0.74 32.43
C GLY A 372 -27.79 -1.58 32.29
N SER A 373 -28.20 -1.84 31.04
CA SER A 373 -29.36 -2.67 30.79
C SER A 373 -29.16 -3.61 29.61
N CYS A 374 -27.93 -3.78 29.13
CA CYS A 374 -27.64 -4.69 28.04
C CYS A 374 -26.37 -5.48 28.37
N PHE A 375 -26.31 -6.70 27.85
CA PHE A 375 -25.17 -7.57 28.08
C PHE A 375 -24.63 -8.07 26.75
N ILE A 376 -23.36 -8.48 26.77
CA ILE A 376 -22.66 -8.89 25.55
C ILE A 376 -22.98 -10.35 25.27
N SER A 377 -23.47 -10.62 24.08
CA SER A 377 -23.88 -11.96 23.65
C SER A 377 -22.67 -12.72 23.10
N VAL A 378 -22.93 -13.80 22.37
CA VAL A 378 -21.88 -14.74 22.01
C VAL A 378 -20.85 -14.09 21.09
N ASN A 379 -21.26 -13.68 19.89
CA ASN A 379 -20.28 -13.32 18.87
C ASN A 379 -19.57 -12.02 19.21
N ASP A 380 -20.29 -10.93 19.12
CA ASP A 380 -19.93 -9.69 19.79
C ASP A 380 -21.19 -8.93 20.21
N ARG A 381 -22.36 -9.51 19.99
CA ARG A 381 -23.61 -8.78 20.05
C ARG A 381 -23.86 -8.26 21.47
N LEU A 382 -24.52 -7.11 21.54
CA LEU A 382 -24.91 -6.51 22.81
C LEU A 382 -26.43 -6.42 22.79
N VAL A 383 -27.09 -7.26 23.57
CA VAL A 383 -28.54 -7.35 23.56
C VAL A 383 -29.09 -6.82 24.87
N SER A 384 -30.28 -6.26 24.81
CA SER A 384 -30.95 -5.68 25.97
C SER A 384 -31.72 -6.74 26.73
N LEU A 385 -31.80 -6.57 28.05
CA LEU A 385 -32.44 -7.58 28.88
C LEU A 385 -33.93 -7.64 28.63
N GLU A 386 -34.59 -6.50 28.53
CA GLU A 386 -36.05 -6.50 28.37
C GLU A 386 -36.46 -7.14 27.06
N SER A 387 -35.72 -6.85 25.99
CA SER A 387 -36.09 -7.38 24.67
C SER A 387 -35.95 -8.89 24.64
N THR A 388 -34.82 -9.42 25.11
CA THR A 388 -34.65 -10.88 25.10
C THR A 388 -35.60 -11.55 26.07
N LYS A 389 -35.96 -10.88 27.17
CA LYS A 389 -36.93 -11.43 28.09
C LYS A 389 -38.29 -11.56 27.44
N ARG A 390 -38.73 -10.50 26.76
CA ARG A 390 -40.00 -10.55 26.04
C ARG A 390 -39.96 -11.58 24.91
N ASP A 391 -38.81 -11.74 24.26
CA ASP A 391 -38.70 -12.72 23.19
C ASP A 391 -38.82 -14.13 23.73
N LEU A 392 -38.15 -14.43 24.85
CA LEU A 392 -38.30 -15.72 25.50
C LEU A 392 -39.75 -15.96 25.90
N GLU A 393 -40.41 -14.94 26.45
CA GLU A 393 -41.81 -15.07 26.85
C GLU A 393 -42.68 -15.44 25.66
N LYS A 394 -42.60 -14.64 24.59
CA LYS A 394 -43.37 -14.92 23.38
C LYS A 394 -43.09 -16.31 22.84
N TRP A 395 -41.81 -16.70 22.81
CA TRP A 395 -41.45 -17.96 22.18
C TRP A 395 -41.98 -19.14 22.99
N VAL A 396 -41.77 -19.12 24.30
CA VAL A 396 -42.28 -20.18 25.16
C VAL A 396 -43.79 -20.26 25.07
N GLY A 397 -44.47 -19.11 25.05
CA GLY A 397 -45.92 -19.11 24.94
C GLY A 397 -46.40 -19.75 23.65
N ARG A 398 -45.83 -19.32 22.52
CA ARG A 398 -46.26 -19.85 21.22
C ARG A 398 -45.94 -21.33 21.10
N ARG A 399 -44.79 -21.76 21.61
CA ARG A 399 -44.44 -23.18 21.54
C ARG A 399 -45.38 -24.01 22.39
N GLN A 400 -45.66 -23.56 23.62
CA GLN A 400 -46.61 -24.27 24.47
C GLN A 400 -47.98 -24.37 23.82
N GLN A 401 -48.41 -23.28 23.17
CA GLN A 401 -49.70 -23.31 22.48
C GLN A 401 -49.70 -24.27 21.31
N SER A 402 -48.62 -24.29 20.52
CA SER A 402 -48.59 -25.10 19.31
C SER A 402 -48.45 -26.59 19.63
N GLU A 403 -47.69 -26.92 20.67
CA GLU A 403 -47.46 -28.32 21.01
C GLU A 403 -48.54 -28.91 21.90
N ARG A 404 -49.42 -28.09 22.46
CA ARG A 404 -50.48 -28.58 23.34
C ARG A 404 -51.51 -29.38 22.54
N PRO A 410 -49.55 -29.36 28.61
CA PRO A 410 -49.08 -30.39 29.55
C PRO A 410 -47.73 -30.10 30.24
N PRO A 411 -46.71 -29.62 29.53
CA PRO A 411 -45.44 -29.33 30.20
C PRO A 411 -45.35 -27.90 30.72
N ASP A 412 -44.68 -27.77 31.86
CA ASP A 412 -44.45 -26.46 32.44
C ASP A 412 -43.54 -25.64 31.54
N LYS A 413 -43.69 -24.31 31.62
CA LYS A 413 -42.81 -23.43 30.85
C LYS A 413 -41.35 -23.64 31.21
N ASN A 414 -41.05 -23.82 32.50
CA ASN A 414 -39.69 -24.14 32.91
C ASN A 414 -39.20 -25.41 32.22
N GLN A 415 -40.04 -26.44 32.16
CA GLN A 415 -39.65 -27.68 31.48
C GLN A 415 -39.44 -27.46 29.99
N ILE A 416 -40.36 -26.75 29.34
CA ILE A 416 -40.27 -26.54 27.91
C ILE A 416 -39.12 -25.62 27.54
N LEU A 417 -38.56 -24.90 28.51
CA LEU A 417 -37.35 -24.12 28.27
C LEU A 417 -36.09 -24.92 28.55
N ILE A 418 -36.07 -25.68 29.65
CA ILE A 418 -34.90 -26.49 29.98
C ILE A 418 -34.67 -27.56 28.94
N SER A 419 -35.74 -28.13 28.38
CA SER A 419 -35.57 -29.12 27.32
C SER A 419 -34.96 -28.49 26.07
N MET A 420 -35.43 -27.28 25.72
CA MET A 420 -34.87 -26.59 24.56
C MET A 420 -33.41 -26.23 24.77
N PHE A 421 -33.01 -25.94 26.01
CA PHE A 421 -31.60 -25.71 26.29
C PHE A 421 -30.81 -27.01 26.22
N GLN A 422 -31.36 -28.09 26.76
CA GLN A 422 -30.62 -29.35 26.86
C GLN A 422 -30.39 -29.96 25.49
N LYS A 423 -31.38 -29.87 24.60
CA LYS A 423 -31.19 -30.40 23.24
C LYS A 423 -30.00 -29.74 22.56
N THR A 424 -29.94 -28.40 22.63
CA THR A 424 -28.86 -27.67 21.99
C THR A 424 -27.51 -28.00 22.65
N ILE A 425 -27.47 -28.00 23.98
CA ILE A 425 -26.22 -28.30 24.67
C ILE A 425 -25.74 -29.71 24.33
N LEU A 426 -26.67 -30.66 24.25
CA LEU A 426 -26.31 -32.03 23.93
C LEU A 426 -25.76 -32.14 22.52
N LYS A 427 -26.43 -31.51 21.56
CA LYS A 427 -25.92 -31.55 20.18
C LYS A 427 -24.55 -30.91 20.08
N ALA A 428 -24.34 -29.78 20.77
CA ALA A 428 -23.06 -29.10 20.73
C ALA A 428 -21.96 -29.97 21.35
N THR A 429 -22.23 -30.57 22.51
CA THR A 429 -21.24 -31.40 23.16
C THR A 429 -20.94 -32.65 22.34
N ALA A 430 -21.96 -33.22 21.70
CA ALA A 430 -21.74 -34.39 20.85
C ALA A 430 -20.87 -34.04 19.65
N ALA A 431 -21.13 -32.88 19.02
CA ALA A 431 -20.29 -32.47 17.90
C ALA A 431 -18.87 -32.14 18.35
N LEU A 432 -18.71 -31.60 19.56
CA LEU A 432 -17.37 -31.30 20.05
C LEU A 432 -16.60 -32.57 20.39
N LYS A 433 -17.27 -33.57 20.96
CA LYS A 433 -16.62 -34.85 21.22
C LYS A 433 -16.63 -35.71 19.97
N ASP A 434 -16.25 -35.11 18.84
CA ASP A 434 -16.06 -35.83 17.58
C ASP A 434 -14.80 -35.40 16.85
N VAL A 435 -14.24 -34.23 17.14
CA VAL A 435 -13.03 -33.73 16.51
C VAL A 435 -12.03 -33.32 17.58
N GLY A 436 -12.12 -33.95 18.75
CA GLY A 436 -11.14 -33.76 19.81
C GLY A 436 -11.08 -32.36 20.38
N ILE A 437 -12.24 -31.81 20.72
CA ILE A 437 -12.33 -30.47 21.31
C ILE A 437 -13.03 -30.58 22.66
N SER A 438 -12.76 -31.67 23.37
CA SER A 438 -13.41 -32.02 24.63
C SER A 438 -13.74 -30.81 25.49
N VAL A 439 -14.99 -30.75 25.95
CA VAL A 439 -15.52 -29.55 26.59
C VAL A 439 -14.97 -29.31 27.99
N GLU A 440 -14.31 -30.30 28.59
CA GLU A 440 -13.73 -30.10 29.92
C GLU A 440 -12.69 -28.98 29.93
N HIS A 441 -12.13 -28.64 28.78
CA HIS A 441 -11.21 -27.51 28.69
C HIS A 441 -11.86 -26.23 29.20
N TYR A 442 -13.01 -25.88 28.64
CA TYR A 442 -13.76 -24.73 29.11
C TYR A 442 -14.39 -25.03 30.46
N LYS A 443 -14.09 -24.22 31.47
CA LYS A 443 -14.55 -24.47 32.83
C LYS A 443 -16.01 -24.07 32.99
N ILE A 444 -16.86 -24.70 32.17
CA ILE A 444 -18.29 -24.43 32.25
C ILE A 444 -18.90 -25.24 33.40
N ASN A 445 -20.07 -24.79 33.83
CA ASN A 445 -20.82 -25.48 34.88
C ASN A 445 -22.29 -25.51 34.45
N MET A 446 -22.79 -26.68 34.10
CA MET A 446 -24.17 -26.80 33.66
C MET A 446 -25.17 -26.72 34.81
N GLU A 447 -24.72 -26.34 36.00
CA GLU A 447 -25.64 -26.04 37.08
C GLU A 447 -26.46 -24.78 36.79
N VAL A 448 -25.94 -23.88 35.94
CA VAL A 448 -26.64 -22.65 35.61
C VAL A 448 -27.99 -22.93 34.99
N ILE A 449 -28.22 -24.13 34.47
CA ILE A 449 -29.53 -24.51 33.93
C ILE A 449 -30.32 -25.03 35.13
N CYS A 450 -30.91 -24.10 35.86
CA CYS A 450 -31.63 -24.41 37.08
C CYS A 450 -33.00 -24.99 36.72
N PRO A 451 -33.50 -25.97 37.50
CA PRO A 451 -34.87 -26.45 37.27
C PRO A 451 -35.90 -25.33 37.33
N ASP A 452 -35.61 -24.26 38.06
CA ASP A 452 -36.44 -23.05 38.08
C ASP A 452 -35.61 -21.96 37.39
N SER A 453 -35.71 -21.91 36.06
CA SER A 453 -34.93 -20.97 35.27
C SER A 453 -35.79 -19.96 34.54
N TYR A 454 -36.85 -20.40 33.86
CA TYR A 454 -37.72 -19.48 33.15
C TYR A 454 -38.27 -18.41 34.09
N ASP A 455 -38.82 -18.84 35.22
CA ASP A 455 -39.27 -17.87 36.23
C ASP A 455 -38.11 -17.06 36.77
N LEU A 456 -36.92 -17.66 36.86
CA LEU A 456 -35.76 -16.92 37.32
C LEU A 456 -35.37 -15.82 36.32
N ILE A 457 -35.50 -16.10 35.03
CA ILE A 457 -35.21 -15.09 34.01
C ILE A 457 -36.27 -13.99 34.05
N LEU A 458 -37.54 -14.37 33.95
CA LEU A 458 -38.61 -13.39 33.85
C LEU A 458 -38.72 -12.51 35.09
N ASN A 459 -38.22 -12.98 36.23
CA ASN A 459 -38.23 -12.19 37.46
C ASN A 459 -36.92 -11.45 37.70
N PHE A 460 -35.93 -11.64 36.84
CA PHE A 460 -34.67 -10.93 36.95
C PHE A 460 -34.75 -9.62 36.19
N ASP A 461 -34.13 -8.58 36.76
CA ASP A 461 -34.18 -7.25 36.16
C ASP A 461 -33.05 -6.43 36.75
N VAL A 462 -32.18 -5.90 35.88
CA VAL A 462 -31.10 -5.01 36.28
C VAL A 462 -31.43 -3.62 35.75
N SER A 463 -31.45 -2.64 36.64
CA SER A 463 -31.71 -1.26 36.26
C SER A 463 -30.41 -0.55 35.92
N GLY A 464 -30.49 0.36 34.96
CA GLY A 464 -29.33 1.12 34.55
C GLY A 464 -29.66 2.11 33.45
N VAL A 465 -28.73 2.29 32.51
CA VAL A 465 -28.94 3.19 31.39
C VAL A 465 -29.19 2.35 30.14
N VAL A 466 -29.58 3.01 29.06
CA VAL A 466 -29.87 2.36 27.80
C VAL A 466 -28.92 2.91 26.74
N PRO A 467 -28.09 2.10 26.12
CA PRO A 467 -27.16 2.61 25.10
C PRO A 467 -27.90 3.03 23.84
N THR A 468 -27.28 3.94 23.11
CA THR A 468 -27.94 4.58 21.98
C THR A 468 -26.91 4.84 20.87
N ILE A 469 -27.42 5.10 19.67
CA ILE A 469 -26.59 5.47 18.53
C ILE A 469 -27.30 6.60 17.79
N SER A 470 -26.63 7.73 17.64
CA SER A 470 -27.20 8.89 16.97
C SER A 470 -26.68 8.96 15.55
N TYR A 471 -27.59 8.89 14.57
CA TYR A 471 -27.21 8.93 13.17
C TYR A 471 -27.26 10.33 12.57
N GLN A 472 -27.84 11.29 13.27
CA GLN A 472 -27.94 12.67 12.80
C GLN A 472 -27.04 13.56 13.63
N ARG A 473 -26.78 14.76 13.10
CA ARG A 473 -25.89 15.71 13.78
C ARG A 473 -26.57 16.23 15.03
N THR A 474 -26.14 15.72 16.18
CA THR A 474 -26.76 16.08 17.44
C THR A 474 -26.37 17.50 17.85
N GLU A 475 -27.26 18.15 18.60
CA GLU A 475 -26.96 19.46 19.14
C GLU A 475 -25.82 19.38 20.15
N ASP A 476 -25.05 20.47 20.25
CA ASP A 476 -23.84 20.46 21.06
C ASP A 476 -24.15 20.73 22.53
N GLU A 477 -25.13 20.04 23.10
CA GLU A 477 -25.41 20.12 24.53
C GLU A 477 -25.64 18.77 25.17
N LYS A 478 -25.87 17.70 24.41
CA LYS A 478 -26.06 16.36 24.95
C LYS A 478 -24.76 15.69 25.36
N PHE A 479 -23.63 16.38 25.29
CA PHE A 479 -22.36 15.78 25.68
C PHE A 479 -22.26 15.77 27.20
N PRO A 480 -22.32 14.59 27.83
CA PRO A 480 -22.47 14.53 29.29
C PRO A 480 -21.20 14.80 30.08
N PHE A 481 -20.15 15.33 29.48
CA PHE A 481 -18.93 15.65 30.19
C PHE A 481 -18.49 17.08 29.86
N ILE A 482 -17.60 17.61 30.69
CA ILE A 482 -17.02 18.91 30.41
C ILE A 482 -16.21 18.82 29.13
N MET A 483 -16.29 19.88 28.31
CA MET A 483 -15.72 19.83 26.97
C MET A 483 -14.21 19.77 27.00
N GLY A 484 -13.56 20.79 27.57
CA GLY A 484 -12.12 20.84 27.54
C GLY A 484 -11.47 20.89 28.91
N GLY A 485 -10.80 19.80 29.28
CA GLY A 485 -10.04 19.77 30.51
C GLY A 485 -8.63 19.26 30.30
N VAL A 486 -8.40 18.62 29.17
CA VAL A 486 -7.10 18.04 28.85
C VAL A 486 -6.23 19.10 28.19
N GLU A 487 -5.03 19.30 28.73
CA GLU A 487 -4.09 20.22 28.14
C GLU A 487 -3.45 19.61 26.90
N LEU A 488 -3.04 20.48 25.97
CA LEU A 488 -2.38 20.00 24.77
C LEU A 488 -0.97 19.53 25.04
N LEU A 489 -0.33 20.04 26.11
CA LEU A 489 1.02 19.62 26.44
C LEU A 489 1.05 18.14 26.83
N GLU A 490 0.05 17.68 27.58
CA GLU A 490 0.02 16.30 28.03
C GLU A 490 -0.31 15.37 26.85
N SER A 491 -0.01 14.08 27.05
CA SER A 491 -0.19 13.07 26.03
C SER A 491 -1.48 12.27 26.20
N THR A 492 -2.34 12.65 27.15
CA THR A 492 -3.53 11.87 27.42
C THR A 492 -4.47 11.85 26.21
N ASP A 493 -4.53 12.94 25.45
CA ASP A 493 -5.37 12.96 24.26
C ASP A 493 -4.86 11.95 23.24
N LEU A 494 -3.54 11.85 23.07
CA LEU A 494 -2.99 10.88 22.14
C LEU A 494 -3.26 9.45 22.60
N GLU A 495 -3.21 9.21 23.91
CA GLU A 495 -3.53 7.88 24.43
C GLU A 495 -5.00 7.54 24.19
N ARG A 496 -5.90 8.50 24.42
CA ARG A 496 -7.31 8.26 24.15
C ARG A 496 -7.54 7.97 22.66
N LEU A 497 -6.88 8.73 21.79
CA LEU A 497 -7.00 8.47 20.36
C LEU A 497 -6.44 7.10 20.01
N SER A 498 -5.37 6.69 20.69
CA SER A 498 -4.80 5.37 20.46
C SER A 498 -5.80 4.28 20.80
N SER A 499 -6.39 4.34 21.99
CA SER A 499 -7.36 3.34 22.40
C SER A 499 -8.59 3.33 21.48
N LEU A 500 -9.06 4.52 21.09
CA LEU A 500 -10.22 4.60 20.23
C LEU A 500 -9.92 4.02 18.85
N SER A 501 -8.74 4.32 18.30
CA SER A 501 -8.34 3.76 17.01
C SER A 501 -8.19 2.25 17.09
N LEU A 502 -7.69 1.76 18.21
CA LEU A 502 -7.56 0.31 18.38
C LEU A 502 -8.93 -0.35 18.37
N ALA A 503 -9.88 0.17 19.15
CA ALA A 503 -11.22 -0.42 19.16
C ALA A 503 -11.92 -0.23 17.82
N LEU A 504 -11.53 0.79 17.06
CA LEU A 504 -12.15 1.03 15.78
C LEU A 504 -11.63 0.04 14.75
N VAL A 505 -10.33 -0.27 14.79
CA VAL A 505 -9.80 -1.26 13.87
C VAL A 505 -10.32 -2.64 14.27
N ASN A 506 -10.39 -2.93 15.58
CA ASN A 506 -10.96 -4.18 16.04
C ASN A 506 -12.42 -4.33 15.64
N SER A 507 -13.10 -3.23 15.29
CA SER A 507 -14.49 -3.34 14.89
C SER A 507 -14.67 -4.06 13.56
N MET A 508 -13.60 -4.53 12.94
CA MET A 508 -13.65 -5.25 11.67
C MET A 508 -13.55 -6.76 11.82
N LYS A 509 -13.20 -7.26 13.00
CA LYS A 509 -13.05 -8.69 13.25
C LYS A 509 -14.34 -9.38 13.64
N THR A 510 -15.49 -8.70 13.52
CA THR A 510 -16.77 -9.26 13.92
C THR A 510 -17.43 -9.96 12.73
N SER A 511 -17.74 -11.24 12.90
CA SER A 511 -18.35 -12.02 11.83
C SER A 511 -19.79 -11.57 11.61
N SER A 512 -20.20 -11.53 10.35
CA SER A 512 -21.53 -11.04 9.96
C SER A 512 -22.58 -12.10 10.28
N THR A 513 -23.03 -12.11 11.53
CA THR A 513 -24.07 -13.02 11.95
C THR A 513 -25.45 -12.44 11.61
N VAL A 514 -26.48 -13.27 11.71
CA VAL A 514 -27.85 -12.84 11.47
C VAL A 514 -28.33 -12.03 12.67
N LYS A 515 -29.46 -11.35 12.51
CA LYS A 515 -30.03 -10.53 13.55
C LYS A 515 -31.36 -11.11 14.02
N LEU A 516 -31.68 -10.87 15.29
CA LEU A 516 -32.93 -11.33 15.89
C LEU A 516 -34.03 -10.29 15.74
N ARG A 517 -33.80 -9.09 16.27
CA ARG A 517 -34.79 -8.02 16.27
C ARG A 517 -34.34 -6.90 15.34
N GLN A 518 -35.32 -6.15 14.83
CA GLN A 518 -35.05 -5.09 13.86
C GLN A 518 -34.61 -3.79 14.53
N ASN A 519 -34.83 -3.65 15.83
CA ASN A 519 -34.20 -2.62 16.66
C ASN A 519 -34.76 -1.23 16.40
N GLU A 520 -35.59 -1.08 15.36
CA GLU A 520 -36.26 0.16 15.01
C GLU A 520 -37.17 -0.12 13.83
N PHE A 521 -37.99 0.88 13.49
CA PHE A 521 -38.92 0.75 12.37
C PHE A 521 -39.10 2.11 11.71
N GLY A 522 -39.31 2.09 10.40
CA GLY A 522 -39.56 3.30 9.64
C GLY A 522 -38.36 4.24 9.65
N PRO A 523 -38.60 5.49 9.24
CA PRO A 523 -37.48 6.44 9.12
C PRO A 523 -36.75 6.68 10.42
N ALA A 524 -37.39 6.46 11.57
CA ALA A 524 -36.73 6.60 12.85
C ALA A 524 -35.51 5.69 12.97
N ARG A 525 -35.37 4.71 12.08
CA ARG A 525 -34.18 3.87 12.12
C ARG A 525 -32.93 4.60 11.69
N TYR A 526 -33.03 5.87 11.26
CA TYR A 526 -31.87 6.70 11.02
C TYR A 526 -31.84 7.94 11.92
N GLN A 527 -32.73 7.99 12.91
CA GLN A 527 -32.66 8.99 13.96
C GLN A 527 -31.89 8.41 15.13
N VAL A 528 -31.97 9.05 16.29
CA VAL A 528 -31.45 8.47 17.53
C VAL A 528 -32.09 7.10 17.72
N VAL A 529 -31.27 6.06 17.79
CA VAL A 529 -31.72 4.67 17.76
C VAL A 529 -31.27 4.00 19.05
N ARG A 530 -32.21 3.44 19.80
CA ARG A 530 -31.87 2.66 20.98
C ARG A 530 -31.21 1.35 20.57
N CYS A 531 -30.36 0.83 21.45
CA CYS A 531 -29.58 -0.37 21.16
C CYS A 531 -30.23 -1.56 21.84
N LYS A 532 -30.97 -2.35 21.07
CA LYS A 532 -31.53 -3.61 21.54
C LYS A 532 -30.75 -4.81 21.01
N GLU A 533 -30.09 -4.67 19.86
CA GLU A 533 -29.27 -5.74 19.30
C GLU A 533 -28.22 -5.08 18.41
N ALA A 534 -27.00 -4.97 18.91
CA ALA A 534 -25.93 -4.31 18.18
C ALA A 534 -24.59 -4.85 18.68
N TYR A 535 -23.57 -4.69 17.84
CA TYR A 535 -22.24 -5.15 18.20
C TYR A 535 -21.53 -4.09 19.04
N CYS A 536 -20.57 -4.55 19.85
CA CYS A 536 -19.93 -3.69 20.83
C CYS A 536 -18.50 -4.15 21.07
N GLN A 537 -17.54 -3.24 20.93
CA GLN A 537 -16.14 -3.50 21.23
C GLN A 537 -15.72 -2.66 22.43
N GLU A 538 -15.13 -3.31 23.43
CA GLU A 538 -14.73 -2.63 24.65
C GLU A 538 -13.35 -2.01 24.51
N PHE A 539 -13.13 -0.90 25.21
CA PHE A 539 -11.78 -0.34 25.33
C PHE A 539 -11.70 0.49 26.60
N LEU A 540 -10.56 0.46 27.27
CA LEU A 540 -10.38 1.10 28.56
C LEU A 540 -9.58 2.39 28.42
N LEU A 541 -9.89 3.35 29.32
CA LEU A 541 -9.12 4.58 29.45
C LEU A 541 -8.76 4.77 30.92
N SER A 542 -7.70 4.09 31.34
CA SER A 542 -6.81 4.50 32.43
C SER A 542 -7.49 4.68 33.77
N GLY A 543 -8.82 4.79 33.77
CA GLY A 543 -9.59 4.79 34.99
C GLY A 543 -10.99 4.27 34.78
N ALA A 544 -11.30 3.84 33.55
CA ALA A 544 -12.67 3.43 33.25
C ALA A 544 -12.67 2.60 31.98
N GLU A 545 -13.88 2.19 31.56
CA GLU A 545 -14.08 1.42 30.35
C GLU A 545 -15.22 2.02 29.55
N PHE A 546 -15.15 1.85 28.22
CA PHE A 546 -16.16 2.35 27.31
C PHE A 546 -16.44 1.29 26.26
N GLN A 547 -17.57 1.42 25.58
CA GLN A 547 -17.99 0.48 24.57
C GLN A 547 -18.26 1.23 23.27
N LEU A 548 -17.51 0.91 22.23
CA LEU A 548 -17.80 1.39 20.89
C LEU A 548 -18.89 0.49 20.31
N ILE A 549 -20.09 1.03 20.15
CA ILE A 549 -21.24 0.29 19.67
C ILE A 549 -21.45 0.62 18.19
N TYR A 550 -21.77 -0.41 17.42
CA TYR A 550 -22.05 -0.26 16.00
C TYR A 550 -23.02 -1.34 15.59
N GLN A 551 -23.42 -1.33 14.32
CA GLN A 551 -24.42 -2.27 13.82
C GLN A 551 -24.05 -2.96 12.52
N LYS A 552 -22.97 -2.58 11.87
CA LYS A 552 -22.56 -3.19 10.61
C LYS A 552 -21.18 -3.81 10.77
N THR A 553 -20.95 -4.90 10.05
CA THR A 553 -19.70 -5.65 10.12
C THR A 553 -18.99 -5.58 8.77
N GLY A 554 -17.68 -5.35 8.82
CA GLY A 554 -16.87 -5.25 7.63
C GLY A 554 -15.95 -4.05 7.71
N GLU A 555 -15.51 -3.60 6.53
CA GLU A 555 -14.61 -2.46 6.42
C GLU A 555 -15.28 -1.21 5.88
N CYS A 556 -16.51 -1.31 5.38
CA CYS A 556 -17.19 -0.16 4.82
C CYS A 556 -17.45 0.89 5.90
N SER A 557 -17.67 2.12 5.45
CA SER A 557 -17.94 3.22 6.37
C SER A 557 -19.25 2.96 7.11
N LYS A 558 -19.24 3.20 8.42
CA LYS A 558 -20.39 2.92 9.25
C LYS A 558 -20.41 3.88 10.42
N CYS A 559 -21.50 3.84 11.18
CA CYS A 559 -21.73 4.78 12.27
C CYS A 559 -21.45 4.09 13.60
N TYR A 560 -20.50 4.64 14.35
CA TYR A 560 -20.15 4.16 15.68
C TYR A 560 -20.71 5.09 16.74
N ALA A 561 -20.72 4.62 17.98
CA ALA A 561 -21.16 5.45 19.10
C ALA A 561 -20.48 4.98 20.38
N ILE A 562 -19.85 5.90 21.08
CA ILE A 562 -19.20 5.57 22.34
C ILE A 562 -20.25 5.60 23.45
N ASN A 563 -20.26 4.56 24.29
CA ASN A 563 -21.20 4.46 25.39
C ASN A 563 -20.47 4.07 26.66
N ASP A 564 -20.88 4.67 27.77
CA ASP A 564 -20.33 4.38 29.08
C ASP A 564 -21.33 3.54 29.88
N ASN A 565 -20.96 3.21 31.11
CA ASN A 565 -21.84 2.44 31.98
C ASN A 565 -22.68 3.33 32.89
N ARG A 566 -22.18 4.52 33.24
CA ARG A 566 -22.95 5.45 34.04
C ARG A 566 -23.70 6.47 33.21
N VAL A 567 -23.34 6.61 31.93
CA VAL A 567 -24.09 7.42 30.98
C VAL A 567 -24.37 6.56 29.75
N GLY A 568 -24.97 7.18 28.73
CA GLY A 568 -25.26 6.47 27.51
C GLY A 568 -25.08 7.33 26.28
N GLU A 569 -24.44 6.79 25.24
CA GLU A 569 -24.24 7.48 23.97
C GLU A 569 -23.52 8.81 24.20
N ILE A 570 -22.27 8.69 24.64
CA ILE A 570 -21.43 9.87 24.86
C ILE A 570 -21.33 10.69 23.59
N CYS A 571 -21.01 10.04 22.47
CA CYS A 571 -20.91 10.71 21.19
C CYS A 571 -20.95 9.66 20.09
N SER A 572 -21.68 9.96 19.02
CA SER A 572 -21.77 9.09 17.86
C SER A 572 -21.17 9.79 16.65
N PHE A 573 -20.65 9.01 15.72
CA PHE A 573 -19.98 9.57 14.56
C PHE A 573 -19.81 8.51 13.49
N TYR A 574 -19.88 8.93 12.24
CA TYR A 574 -19.53 8.03 11.16
C TYR A 574 -18.02 7.92 11.05
N ALA A 575 -17.56 6.83 10.43
CA ALA A 575 -16.13 6.63 10.26
C ALA A 575 -15.89 5.50 9.28
N ASP A 576 -14.64 5.35 8.90
CA ASP A 576 -14.17 4.23 8.07
C ASP A 576 -13.08 3.53 8.86
N PRO A 577 -13.29 2.28 9.29
CA PRO A 577 -12.35 1.67 10.22
C PRO A 577 -10.94 1.52 9.67
N LYS A 578 -10.79 1.18 8.40
CA LYS A 578 -9.45 0.92 7.88
C LYS A 578 -8.74 2.21 7.48
N ARG A 579 -8.79 3.22 8.36
CA ARG A 579 -8.04 4.44 8.16
C ARG A 579 -7.45 5.00 9.45
N TYR A 580 -7.59 4.30 10.58
CA TYR A 580 -7.15 4.79 11.87
C TYR A 580 -5.97 4.00 12.41
N PHE A 581 -5.25 3.29 11.55
CA PHE A 581 -4.10 2.50 11.99
C PHE A 581 -2.92 3.35 12.44
N PRO A 582 -2.55 4.45 11.77
CA PRO A 582 -1.31 5.16 12.14
C PRO A 582 -1.23 5.62 13.59
N ALA A 583 -2.31 5.52 14.36
CA ALA A 583 -2.30 5.99 15.74
C ALA A 583 -2.55 4.89 16.75
N ILE A 584 -2.36 3.62 16.36
CA ILE A 584 -2.79 2.50 17.20
C ILE A 584 -2.03 2.51 18.53
N PHE A 585 -0.71 2.37 18.48
CA PHE A 585 0.11 2.42 19.69
C PHE A 585 1.15 3.53 19.64
N SER A 586 1.06 4.45 18.68
CA SER A 586 2.02 5.54 18.56
C SER A 586 1.66 6.69 19.49
N ALA A 587 1.46 6.41 20.77
CA ALA A 587 1.11 7.46 21.71
C ALA A 587 2.33 8.26 22.18
N GLU A 588 3.53 7.68 22.05
CA GLU A 588 4.76 8.36 22.45
C GLU A 588 5.69 8.66 21.30
N VAL A 589 5.50 8.03 20.13
CA VAL A 589 6.28 8.39 18.95
C VAL A 589 5.91 9.79 18.49
N LEU A 590 4.60 10.07 18.38
CA LEU A 590 4.15 11.35 17.84
C LEU A 590 4.48 12.50 18.79
N GLN A 591 4.36 12.28 20.09
CA GLN A 591 4.74 13.31 21.05
C GLN A 591 6.21 13.68 20.87
N THR A 592 7.08 12.69 20.70
CA THR A 592 8.50 12.98 20.50
C THR A 592 8.76 13.63 19.15
N THR A 593 7.99 13.25 18.12
CA THR A 593 8.07 13.93 16.84
C THR A 593 7.81 15.42 17.01
N VAL A 594 6.71 15.77 17.67
CA VAL A 594 6.37 17.16 17.88
C VAL A 594 7.44 17.85 18.73
N SER A 595 7.94 17.16 19.75
CA SER A 595 8.96 17.75 20.61
C SER A 595 10.22 18.09 19.83
N THR A 596 10.68 17.18 18.97
CA THR A 596 11.87 17.45 18.17
C THR A 596 11.62 18.60 17.19
N MET A 597 10.48 18.57 16.50
CA MET A 597 10.18 19.64 15.55
C MET A 597 10.17 21.00 16.25
N ILE A 598 9.61 21.07 17.46
CA ILE A 598 9.66 22.32 18.20
C ILE A 598 11.10 22.66 18.58
N SER A 599 11.88 21.65 18.99
CA SER A 599 13.26 21.90 19.37
C SER A 599 14.09 22.43 18.21
N TRP A 600 13.67 22.19 16.97
CA TRP A 600 14.37 22.76 15.82
C TRP A 600 14.40 24.28 15.91
N VAL A 601 13.23 24.92 15.84
CA VAL A 601 13.13 26.37 15.98
C VAL A 601 12.79 26.62 17.46
N LYS A 602 13.83 26.71 18.28
CA LYS A 602 13.65 26.93 19.71
C LYS A 602 14.55 28.04 20.21
N ASP A 603 15.66 28.26 19.50
CA ASP A 603 16.64 29.29 19.87
C ASP A 603 16.45 30.58 19.08
N CYS A 604 15.45 30.64 18.21
CA CYS A 604 15.15 31.88 17.49
C CYS A 604 14.61 32.90 18.50
N SER A 605 15.42 33.92 18.81
CA SER A 605 15.05 34.88 19.84
C SER A 605 13.77 35.64 19.51
N GLU A 606 13.38 35.70 18.23
CA GLU A 606 12.16 36.39 17.86
C GLU A 606 10.92 35.57 18.14
N LEU A 607 11.07 34.28 18.45
CA LEU A 607 9.93 33.40 18.71
C LEU A 607 9.88 32.85 20.12
N GLU A 608 10.97 32.95 20.90
CA GLU A 608 10.98 32.38 22.24
C GLU A 608 9.90 32.97 23.14
N GLU A 609 9.34 34.13 22.77
CA GLU A 609 8.27 34.71 23.57
C GLU A 609 6.97 33.94 23.41
N GLN A 610 6.74 33.34 22.24
CA GLN A 610 5.51 32.63 21.95
C GLN A 610 5.81 31.23 21.41
N LEU A 611 6.70 30.51 22.09
CA LEU A 611 7.01 29.14 21.67
C LEU A 611 5.88 28.18 22.03
N CYS A 612 5.20 28.44 23.16
CA CYS A 612 4.12 27.57 23.60
C CYS A 612 3.00 27.52 22.57
N ASN A 613 2.70 28.66 21.94
CA ASN A 613 1.66 28.68 20.94
C ASN A 613 2.05 27.86 19.71
N ILE A 614 3.33 27.92 19.31
CA ILE A 614 3.79 27.08 18.20
C ILE A 614 3.64 25.62 18.54
N ASN A 615 4.00 25.25 19.78
CA ASN A 615 3.86 23.86 20.20
C ASN A 615 2.40 23.42 20.17
N SER A 616 1.51 24.27 20.69
CA SER A 616 0.09 23.95 20.71
C SER A 616 -0.46 23.78 19.30
N LEU A 617 -0.10 24.69 18.39
CA LEU A 617 -0.57 24.57 17.01
C LEU A 617 -0.06 23.30 16.35
N THR A 618 1.22 22.97 16.56
CA THR A 618 1.75 21.75 15.94
C THR A 618 1.05 20.51 16.47
N LYS A 619 0.82 20.47 17.78
CA LYS A 619 0.11 19.33 18.36
C LYS A 619 -1.30 19.26 17.82
N MET A 620 -1.97 20.41 17.70
CA MET A 620 -3.36 20.41 17.24
C MET A 620 -3.43 19.91 15.81
N ILE A 621 -2.51 20.36 14.96
CA ILE A 621 -2.51 19.92 13.56
C ILE A 621 -2.34 18.41 13.48
N LEU A 622 -1.41 17.87 14.28
CA LEU A 622 -1.17 16.43 14.23
C LEU A 622 -2.37 15.65 14.72
N VAL A 623 -2.90 16.01 15.89
CA VAL A 623 -4.07 15.32 16.44
C VAL A 623 -5.25 15.42 15.48
N LEU A 624 -5.40 16.57 14.82
CA LEU A 624 -6.53 16.76 13.91
C LEU A 624 -6.41 15.88 12.68
N ILE A 625 -5.25 15.88 12.03
CA ILE A 625 -5.09 15.05 10.85
C ILE A 625 -5.18 13.57 11.21
N LEU A 626 -4.86 13.21 12.45
CA LEU A 626 -5.02 11.81 12.85
C LEU A 626 -6.48 11.45 13.14
N ALA A 627 -7.23 12.37 13.75
CA ALA A 627 -8.61 12.08 14.11
C ALA A 627 -9.48 11.92 12.86
N HIS A 628 -9.38 12.85 11.92
CA HIS A 628 -10.18 12.83 10.70
C HIS A 628 -9.25 12.74 9.50
N PRO A 629 -8.82 11.54 9.13
CA PRO A 629 -7.90 11.37 8.00
C PRO A 629 -8.59 11.50 6.64
N SER A 630 -9.18 12.67 6.39
CA SER A 630 -9.88 12.88 5.14
C SER A 630 -8.89 13.13 4.00
N LYS A 631 -9.35 12.86 2.78
CA LYS A 631 -8.49 13.02 1.62
C LYS A 631 -8.08 14.46 1.41
N ARG A 632 -9.05 15.35 1.26
CA ARG A 632 -8.76 16.74 0.93
C ARG A 632 -8.15 17.52 2.07
N SER A 633 -8.05 16.94 3.26
CA SER A 633 -7.24 17.50 4.33
C SER A 633 -5.77 17.09 4.22
N GLN A 634 -5.41 16.36 3.16
CA GLN A 634 -4.05 15.96 2.87
C GLN A 634 -3.43 16.78 1.76
N LYS A 635 -4.22 17.11 0.73
CA LYS A 635 -3.72 17.94 -0.35
C LYS A 635 -3.34 19.33 0.16
N LEU A 636 -4.01 19.82 1.20
CA LEU A 636 -3.66 21.12 1.78
C LEU A 636 -2.26 21.09 2.35
N LEU A 637 -1.99 20.13 3.24
CA LEU A 637 -0.66 20.01 3.82
C LEU A 637 0.39 19.67 2.76
N GLN A 638 -0.02 19.03 1.66
CA GLN A 638 0.93 18.77 0.59
C GLN A 638 1.31 20.07 -0.12
N ASN A 639 0.31 20.87 -0.51
CA ASN A 639 0.57 22.11 -1.22
C ASN A 639 1.29 23.14 -0.35
N LEU A 640 1.20 23.00 0.97
CA LEU A 640 1.99 23.85 1.85
C LEU A 640 3.48 23.77 1.51
N ARG A 641 3.94 22.62 1.00
CA ARG A 641 5.34 22.49 0.60
C ARG A 641 5.66 23.40 -0.56
N TYR A 642 4.82 23.39 -1.62
CA TYR A 642 5.05 24.27 -2.74
C TYR A 642 4.99 25.73 -2.31
N PHE A 643 4.10 26.05 -1.37
CA PHE A 643 4.04 27.41 -0.85
C PHE A 643 5.37 27.80 -0.21
N ILE A 644 5.83 27.03 0.77
CA ILE A 644 7.06 27.39 1.47
C ILE A 644 8.27 27.36 0.54
N MET A 645 8.21 26.56 -0.53
CA MET A 645 9.28 26.59 -1.52
C MET A 645 9.29 27.90 -2.29
N ALA A 646 8.13 28.31 -2.80
CA ALA A 646 8.06 29.57 -3.54
C ALA A 646 8.29 30.78 -2.66
N TYR A 647 8.10 30.64 -1.34
CA TYR A 647 8.26 31.77 -0.43
C TYR A 647 9.72 32.22 -0.37
N VAL A 648 10.64 31.29 -0.14
CA VAL A 648 12.05 31.63 0.04
C VAL A 648 12.78 31.83 -1.27
N SER A 649 12.15 31.58 -2.41
CA SER A 649 12.79 31.69 -3.70
C SER A 649 12.84 33.15 -4.13
N ASP A 650 13.21 33.38 -5.40
CA ASP A 650 13.29 34.73 -5.96
C ASP A 650 12.24 35.00 -7.02
N TYR A 651 11.91 34.01 -7.84
CA TYR A 651 10.85 34.12 -8.83
C TYR A 651 9.97 32.89 -8.74
N HIS A 652 8.69 33.05 -9.06
CA HIS A 652 7.78 31.91 -9.06
C HIS A 652 6.74 32.10 -10.16
N HIS A 653 5.92 31.08 -10.34
CA HIS A 653 4.90 31.08 -11.39
C HIS A 653 3.71 31.92 -10.95
N LYS A 654 3.26 32.82 -11.82
CA LYS A 654 2.14 33.69 -11.46
C LYS A 654 0.88 32.89 -11.14
N ASP A 655 0.72 31.72 -11.75
CA ASP A 655 -0.46 30.89 -11.54
C ASP A 655 -0.22 29.87 -10.43
N LEU A 656 0.26 30.36 -9.28
CA LEU A 656 0.61 29.47 -8.17
C LEU A 656 -0.53 29.33 -7.17
N ILE A 657 -0.98 30.45 -6.60
CA ILE A 657 -2.03 30.42 -5.58
C ILE A 657 -3.26 29.67 -6.08
N ASP A 658 -3.56 29.81 -7.37
CA ASP A 658 -4.67 29.07 -7.95
C ASP A 658 -4.41 27.57 -8.04
N LYS A 659 -3.24 27.10 -7.61
CA LYS A 659 -2.96 25.68 -7.51
C LYS A 659 -2.77 25.20 -6.08
N LEU A 660 -2.62 26.10 -5.11
CA LEU A 660 -2.61 25.72 -3.71
C LEU A 660 -4.01 25.54 -3.15
N ARG A 661 -5.02 26.09 -3.82
CA ARG A 661 -6.40 26.03 -3.31
C ARG A 661 -6.96 24.63 -3.51
N GLU A 662 -7.34 23.99 -2.42
CA GLU A 662 -8.02 22.71 -2.46
C GLU A 662 -9.48 22.90 -2.06
N GLU A 663 -10.38 22.18 -2.74
CA GLU A 663 -11.82 22.36 -2.56
C GLU A 663 -12.24 21.71 -1.25
N LEU A 664 -12.02 22.42 -0.15
CA LEU A 664 -12.38 21.93 1.16
C LEU A 664 -13.90 21.85 1.31
N ILE A 665 -14.36 20.93 2.17
CA ILE A 665 -15.80 20.72 2.34
C ILE A 665 -16.20 20.86 3.80
N THR A 666 -15.69 19.99 4.66
CA THR A 666 -16.21 19.89 6.02
C THR A 666 -15.60 20.98 6.91
N ASP A 667 -16.23 21.16 8.07
CA ASP A 667 -15.78 22.19 9.02
C ASP A 667 -14.40 21.85 9.57
N VAL A 668 -14.10 20.56 9.76
CA VAL A 668 -12.81 20.16 10.30
C VAL A 668 -11.69 20.56 9.36
N GLU A 669 -11.92 20.44 8.05
CA GLU A 669 -10.89 20.85 7.09
C GLU A 669 -10.63 22.34 7.18
N PHE A 670 -11.68 23.15 7.34
CA PHE A 670 -11.49 24.58 7.47
C PHE A 670 -10.78 24.92 8.78
N LEU A 671 -11.07 24.18 9.85
CA LEU A 671 -10.34 24.40 11.10
C LEU A 671 -8.87 24.06 10.93
N LEU A 672 -8.56 22.99 10.18
CA LEU A 672 -7.18 22.65 9.92
C LEU A 672 -6.49 23.75 9.12
N TYR A 673 -7.16 24.27 8.09
CA TYR A 673 -6.59 25.38 7.33
C TYR A 673 -6.35 26.58 8.23
N ARG A 674 -7.29 26.87 9.13
CA ARG A 674 -7.12 27.99 10.06
C ARG A 674 -5.89 27.79 10.95
N LEU A 675 -5.72 26.57 11.47
CA LEU A 675 -4.56 26.27 12.31
C LEU A 675 -3.26 26.41 11.53
N VAL A 676 -3.23 25.86 10.31
CA VAL A 676 -2.03 25.95 9.49
C VAL A 676 -1.70 27.39 9.17
N ARG A 677 -2.72 28.20 8.88
CA ARG A 677 -2.50 29.60 8.58
C ARG A 677 -1.95 30.34 9.79
N ALA A 678 -2.50 30.07 10.98
CA ALA A 678 -1.98 30.69 12.19
C ALA A 678 -0.53 30.30 12.41
N LEU A 679 -0.21 29.02 12.22
CA LEU A 679 1.16 28.56 12.43
C LEU A 679 2.12 29.22 11.45
N VAL A 680 1.72 29.31 10.17
CA VAL A 680 2.56 29.94 9.17
C VAL A 680 2.80 31.40 9.53
N ASN A 681 1.72 32.15 9.76
CA ASN A 681 1.85 33.56 10.10
C ASN A 681 2.57 33.77 11.43
N LEU A 682 2.70 32.73 12.25
CA LEU A 682 3.51 32.83 13.46
C LEU A 682 4.98 32.54 13.19
N ILE A 683 5.27 31.63 12.26
CA ILE A 683 6.65 31.28 11.95
C ILE A 683 7.23 32.27 10.95
N LEU A 684 6.63 32.35 9.77
CA LEU A 684 7.15 33.18 8.68
C LEU A 684 6.70 34.63 8.82
N SER A 685 6.91 35.22 9.99
CA SER A 685 6.53 36.61 10.18
C SER A 685 7.48 37.54 9.42
N GLU A 686 7.23 38.84 9.52
CA GLU A 686 8.05 39.84 8.86
C GLU A 686 9.09 40.47 9.79
N ASP A 687 9.26 39.91 10.99
CA ASP A 687 10.25 40.40 11.94
C ASP A 687 10.98 39.26 12.62
N VAL A 688 11.13 38.13 11.93
CA VAL A 688 11.76 36.95 12.49
C VAL A 688 12.95 36.54 11.65
N LYS A 689 13.64 37.53 11.07
CA LYS A 689 14.77 37.28 10.18
C LYS A 689 16.00 36.89 11.00
N SER A 690 15.91 35.70 11.61
CA SER A 690 16.98 35.18 12.45
C SER A 690 17.63 33.92 11.87
N MET A 691 16.85 32.86 11.65
CA MET A 691 17.38 31.62 11.09
C MET A 691 16.35 31.07 10.11
N MET A 692 16.48 31.46 8.84
CA MET A 692 15.49 31.07 7.85
C MET A 692 15.57 29.58 7.52
N THR A 693 16.74 28.97 7.68
CA THR A 693 16.88 27.55 7.34
C THR A 693 16.08 26.68 8.29
N ASN A 694 16.18 26.94 9.59
CA ASN A 694 15.43 26.13 10.57
C ASN A 694 13.94 26.28 10.36
N ARG A 695 13.46 27.52 10.18
CA ARG A 695 12.02 27.72 9.99
C ARG A 695 11.55 27.10 8.68
N PHE A 696 12.37 27.17 7.63
CA PHE A 696 12.02 26.53 6.38
C PHE A 696 11.87 25.02 6.56
N LYS A 697 12.84 24.40 7.24
CA LYS A 697 12.75 22.97 7.49
C LYS A 697 11.53 22.63 8.34
N PHE A 698 11.22 23.47 9.33
CA PHE A 698 10.06 23.25 10.17
C PHE A 698 8.77 23.28 9.35
N ILE A 699 8.59 24.30 8.53
CA ILE A 699 7.39 24.41 7.71
C ILE A 699 7.32 23.26 6.72
N LEU A 700 8.47 22.86 6.16
CA LEU A 700 8.48 21.75 5.22
C LEU A 700 8.03 20.45 5.88
N ASN A 701 8.47 20.22 7.14
CA ASN A 701 8.03 19.03 7.85
C ASN A 701 6.55 19.11 8.22
N ILE A 702 6.08 20.30 8.61
CA ILE A 702 4.65 20.49 8.84
C ILE A 702 3.87 20.13 7.59
N SER A 703 4.40 20.50 6.42
CA SER A 703 3.75 20.14 5.16
C SER A 703 3.77 18.64 4.94
N TYR A 704 4.92 18.00 5.16
CA TYR A 704 5.04 16.57 4.94
C TYR A 704 4.28 15.75 5.98
N MET A 705 3.76 16.39 7.02
CA MET A 705 2.84 15.71 7.93
C MET A 705 1.67 15.07 7.21
N CYS A 706 1.42 15.46 5.95
CA CYS A 706 0.33 14.86 5.18
C CYS A 706 0.49 13.35 5.00
N HIS A 707 1.71 12.84 5.14
CA HIS A 707 1.93 11.40 5.01
C HIS A 707 1.33 10.62 6.16
N PHE A 708 0.93 11.28 7.25
CA PHE A 708 0.31 10.61 8.39
C PHE A 708 -1.12 10.17 8.13
N ILE A 709 -1.69 10.42 6.95
CA ILE A 709 -3.11 10.18 6.78
C ILE A 709 -3.35 8.74 6.36
N THR A 710 -3.02 8.42 5.11
CA THR A 710 -3.06 7.09 4.51
C THR A 710 -2.65 7.26 3.06
N LYS A 711 -2.22 6.17 2.42
CA LYS A 711 -2.06 6.16 0.98
C LYS A 711 -3.30 5.68 0.25
N GLU A 712 -4.20 5.00 0.94
CA GLU A 712 -5.35 4.36 0.30
C GLU A 712 -6.34 5.40 -0.20
N THR A 713 -7.38 4.93 -0.88
CA THR A 713 -8.42 5.79 -1.44
C THR A 713 -9.66 5.73 -0.56
N PRO A 714 -10.23 6.87 -0.17
CA PRO A 714 -11.46 6.82 0.63
C PRO A 714 -12.63 6.21 -0.10
N ASP A 715 -12.70 6.36 -1.41
CA ASP A 715 -13.78 5.80 -2.22
C ASP A 715 -13.20 5.30 -3.53
N ARG A 716 -13.44 4.03 -3.84
CA ARG A 716 -12.85 3.43 -5.03
C ARG A 716 -13.43 4.03 -6.30
N LEU A 717 -14.77 4.03 -6.42
CA LEU A 717 -15.39 4.42 -7.69
C LEU A 717 -15.19 5.89 -7.98
N THR A 718 -15.30 6.75 -6.97
CA THR A 718 -15.13 8.18 -7.21
C THR A 718 -13.72 8.49 -7.68
N ASP A 719 -12.71 7.87 -7.06
CA ASP A 719 -11.35 8.09 -7.50
C ASP A 719 -11.12 7.54 -8.91
N GLN A 720 -11.67 6.36 -9.21
CA GLN A 720 -11.50 5.79 -10.54
C GLN A 720 -12.23 6.61 -11.61
N ILE A 721 -13.24 7.37 -11.22
CA ILE A 721 -13.95 8.21 -12.19
C ILE A 721 -13.24 9.54 -12.34
N LYS A 722 -12.72 10.12 -11.25
CA LYS A 722 -11.95 11.34 -11.41
C LYS A 722 -10.70 11.06 -12.24
N CYS A 723 -10.10 9.88 -12.05
CA CYS A 723 -8.96 9.47 -12.87
C CYS A 723 -9.35 9.33 -14.34
N PHE A 724 -10.51 8.73 -14.62
CA PHE A 724 -10.93 8.64 -16.01
C PHE A 724 -11.23 10.01 -16.60
N GLU A 725 -11.77 10.94 -15.81
CA GLU A 725 -11.99 12.29 -16.27
C GLU A 725 -10.68 12.99 -16.61
N LYS A 726 -9.67 12.83 -15.75
CA LYS A 726 -8.35 13.35 -16.07
C LYS A 726 -7.80 12.74 -17.35
N PHE A 727 -8.07 11.45 -17.58
CA PHE A 727 -7.58 10.78 -18.78
C PHE A 727 -8.30 11.25 -20.03
N LEU A 728 -9.58 11.62 -19.91
CA LEU A 728 -10.39 11.91 -21.08
C LEU A 728 -10.46 13.38 -21.46
N GLU A 729 -10.42 14.30 -20.48
CA GLU A 729 -10.62 15.71 -20.79
C GLU A 729 -9.62 16.29 -21.78
N PRO A 730 -8.30 16.12 -21.60
CA PRO A 730 -7.38 16.74 -22.57
C PRO A 730 -7.53 16.20 -23.98
N LYS A 731 -7.91 14.93 -24.13
CA LYS A 731 -8.15 14.39 -25.47
C LYS A 731 -9.33 15.08 -26.14
N LEU A 732 -10.44 15.24 -25.41
CA LEU A 732 -11.60 15.91 -25.97
C LEU A 732 -11.29 17.37 -26.30
N GLU A 733 -10.58 18.06 -25.40
CA GLU A 733 -10.24 19.45 -25.64
C GLU A 733 -9.19 19.62 -26.72
N PHE A 734 -8.45 18.56 -27.08
CA PHE A 734 -7.45 18.68 -28.13
C PHE A 734 -8.11 18.88 -29.50
N GLY A 735 -9.18 18.13 -29.77
CA GLY A 735 -9.89 18.34 -31.01
C GLY A 735 -10.48 17.11 -31.66
N HIS A 736 -9.98 15.92 -31.32
CA HIS A 736 -10.52 14.72 -31.93
C HIS A 736 -10.19 13.50 -31.07
N VAL A 737 -11.13 12.57 -31.02
CA VAL A 737 -11.01 11.34 -30.24
C VAL A 737 -11.71 10.22 -30.99
N SER A 738 -10.99 9.13 -31.24
CA SER A 738 -11.62 7.94 -31.82
C SER A 738 -12.29 7.13 -30.73
N ILE A 739 -13.46 6.57 -31.06
CA ILE A 739 -14.28 5.84 -30.10
C ILE A 739 -14.58 4.45 -30.62
N ASN A 740 -14.44 3.45 -29.75
CA ASN A 740 -14.64 2.04 -30.06
C ASN A 740 -13.97 1.65 -31.37
N PRO A 741 -12.64 1.63 -31.43
CA PRO A 741 -11.97 1.24 -32.67
C PRO A 741 -12.04 -0.26 -32.90
N ALA A 742 -11.97 -0.63 -34.17
CA ALA A 742 -11.95 -2.03 -34.56
C ALA A 742 -10.51 -2.53 -34.66
N ASP A 743 -10.36 -3.85 -34.62
CA ASP A 743 -9.03 -4.43 -34.75
C ASP A 743 -8.46 -4.19 -36.13
N VAL A 744 -9.30 -4.14 -37.15
CA VAL A 744 -8.93 -3.67 -38.49
C VAL A 744 -9.48 -2.26 -38.61
N ALA A 745 -8.60 -1.27 -38.44
CA ALA A 745 -9.04 0.11 -38.33
C ALA A 745 -9.76 0.58 -39.58
N THR A 746 -10.82 1.36 -39.37
CA THR A 746 -11.59 1.91 -40.48
C THR A 746 -10.81 3.03 -41.16
N GLU A 747 -11.07 3.19 -42.46
CA GLU A 747 -10.35 4.21 -43.24
C GLU A 747 -10.56 5.60 -42.66
N GLU A 748 -11.77 5.90 -42.19
CA GLU A 748 -12.04 7.20 -41.60
C GLU A 748 -11.20 7.42 -40.35
N GLU A 749 -11.00 6.37 -39.55
CA GLU A 749 -10.16 6.50 -38.36
C GLU A 749 -8.71 6.79 -38.74
N LEU A 750 -8.21 6.14 -39.80
CA LEU A 750 -6.86 6.43 -40.28
C LEU A 750 -6.74 7.86 -40.77
N ASP A 751 -7.75 8.35 -41.50
CA ASP A 751 -7.73 9.73 -41.96
C ASP A 751 -7.74 10.69 -40.79
N ASP A 752 -8.53 10.41 -39.76
CA ASP A 752 -8.56 11.27 -38.58
C ASP A 752 -7.23 11.23 -37.83
N MET A 753 -6.56 10.08 -37.83
CA MET A 753 -5.25 9.99 -37.20
C MET A 753 -4.22 10.83 -37.96
N VAL A 754 -4.25 10.76 -39.30
CA VAL A 754 -3.34 11.58 -40.09
C VAL A 754 -3.63 13.07 -39.89
N TYR A 755 -4.92 13.42 -39.78
CA TYR A 755 -5.29 14.81 -39.54
C TYR A 755 -4.76 15.30 -38.20
N ASN A 756 -4.98 14.52 -37.13
CA ASN A 756 -4.46 14.88 -35.83
C ASN A 756 -2.94 14.95 -35.83
N ALA A 757 -2.28 14.11 -36.63
CA ALA A 757 -0.83 14.16 -36.73
C ALA A 757 -0.38 15.48 -37.33
N LYS A 758 -0.88 15.79 -38.53
CA LYS A 758 -0.53 17.06 -39.19
C LYS A 758 -0.95 18.27 -38.35
N LYS A 759 -1.93 18.12 -37.47
CA LYS A 759 -2.31 19.21 -36.58
C LYS A 759 -1.36 19.35 -35.40
N PHE A 760 -0.86 18.22 -34.88
CA PHE A 760 0.02 18.25 -33.72
C PHE A 760 1.30 19.02 -34.00
N LEU A 761 1.72 19.12 -35.26
CA LEU A 761 2.88 19.91 -35.64
C LEU A 761 2.52 21.34 -36.04
N SER A 762 1.23 21.65 -36.18
CA SER A 762 0.80 22.97 -36.64
C SER A 762 0.97 24.05 -35.59
N LYS A 763 1.53 23.74 -34.42
CA LYS A 763 1.70 24.74 -33.38
C LYS A 763 2.62 25.86 -33.86
N GLU A 764 2.31 27.08 -33.44
CA GLU A 764 3.12 28.24 -33.77
C GLU A 764 3.16 29.19 -32.58
N GLY A 765 4.10 30.12 -32.63
CA GLY A 765 4.26 31.05 -31.53
C GLY A 765 5.29 32.13 -31.79
N CYS A 766 4.97 33.36 -31.37
CA CYS A 766 5.89 34.50 -31.35
C CYS A 766 6.24 34.98 -32.76
N THR A 767 5.82 34.24 -33.78
CA THR A 767 5.85 34.72 -35.17
C THR A 767 4.48 34.40 -35.76
N SER A 768 3.51 35.26 -35.48
CA SER A 768 2.13 35.08 -35.91
C SER A 768 1.30 36.29 -35.51
N ILE A 769 0.02 36.28 -35.82
CA ILE A 769 -0.85 37.38 -35.41
C ILE A 769 -1.22 37.23 -33.93
N LYS A 770 -1.74 36.08 -33.55
CA LYS A 770 -2.22 35.85 -32.18
C LYS A 770 -1.09 35.56 -31.20
N GLY A 771 0.12 35.27 -31.68
CA GLY A 771 1.22 34.92 -30.83
C GLY A 771 1.08 33.52 -30.26
N PRO A 772 1.83 33.21 -29.22
CA PRO A 772 1.81 31.86 -28.67
C PRO A 772 0.56 31.61 -27.82
N ASP A 773 0.17 30.35 -27.76
CA ASP A 773 -0.92 29.89 -26.90
C ASP A 773 -0.37 28.84 -25.95
N TYR A 774 -0.23 29.20 -24.68
CA TYR A 774 0.46 28.36 -23.72
C TYR A 774 -0.41 27.20 -23.28
N LYS A 775 0.24 26.17 -22.75
CA LYS A 775 -0.41 24.99 -22.18
C LYS A 775 -1.39 24.36 -23.17
N LYS A 776 -0.92 24.18 -24.40
CA LYS A 776 -1.68 23.52 -25.44
C LYS A 776 -0.80 22.49 -26.13
N PRO A 777 -1.23 21.23 -26.23
CA PRO A 777 -0.32 20.19 -26.73
C PRO A 777 0.05 20.42 -28.19
N GLY A 778 1.30 20.13 -28.50
CA GLY A 778 1.80 20.32 -29.84
C GLY A 778 3.27 20.71 -29.81
N VAL A 779 3.83 20.85 -31.01
CA VAL A 779 5.22 21.25 -31.16
C VAL A 779 5.37 21.92 -32.51
N SER A 780 6.03 23.08 -32.51
CA SER A 780 6.20 23.84 -33.75
C SER A 780 7.22 23.17 -34.66
N LYS A 781 6.98 23.29 -35.97
CA LYS A 781 7.92 22.72 -36.93
C LYS A 781 9.27 23.41 -36.84
N ARG A 782 9.27 24.73 -36.62
CA ARG A 782 10.53 25.47 -36.57
C ARG A 782 11.41 25.00 -35.43
N PHE A 783 10.85 24.91 -34.22
CA PHE A 783 11.66 24.54 -33.08
C PHE A 783 12.05 23.07 -33.12
N LEU A 784 11.19 22.20 -33.66
CA LEU A 784 11.59 20.81 -33.84
C LEU A 784 12.74 20.71 -34.82
N SER A 785 12.69 21.47 -35.91
CA SER A 785 13.79 21.48 -36.86
C SER A 785 15.07 22.00 -36.22
N LEU A 786 14.95 23.06 -35.40
CA LEU A 786 16.11 23.56 -34.69
C LEU A 786 16.71 22.50 -33.77
N LEU A 787 15.86 21.79 -33.04
CA LEU A 787 16.34 20.77 -32.11
C LEU A 787 17.06 19.66 -32.86
N THR A 788 16.43 19.12 -33.91
CA THR A 788 17.05 18.03 -34.66
C THR A 788 18.35 18.48 -35.32
N SER A 789 18.35 19.68 -35.90
CA SER A 789 19.56 20.19 -36.54
C SER A 789 20.68 20.36 -35.52
N SER A 790 20.39 20.98 -34.38
CA SER A 790 21.40 21.17 -33.36
C SER A 790 21.87 19.85 -32.77
N PHE A 791 21.06 18.80 -32.86
CA PHE A 791 21.55 17.49 -32.44
C PHE A 791 22.42 16.85 -33.52
N ASN A 792 22.16 17.18 -34.79
CA ASN A 792 22.96 16.65 -35.88
C ASN A 792 24.22 17.44 -36.16
N ASN A 793 24.35 18.64 -35.59
CA ASN A 793 25.54 19.47 -35.77
C ASN A 793 26.56 19.27 -34.65
N GLY A 794 26.37 18.28 -33.80
CA GLY A 794 27.25 18.08 -32.66
C GLY A 794 27.21 19.21 -31.64
N SER A 795 26.26 20.14 -31.80
CA SER A 795 26.17 21.25 -30.87
C SER A 795 25.76 20.78 -29.48
N LEU A 796 24.89 19.78 -29.41
CA LEU A 796 24.41 19.26 -28.12
C LEU A 796 25.27 18.09 -27.64
N PHE A 797 26.59 18.28 -27.63
CA PHE A 797 27.52 17.22 -27.26
C PHE A 797 28.65 17.85 -26.45
N LYS A 798 28.76 17.45 -25.19
CA LYS A 798 29.92 17.81 -24.39
C LYS A 798 31.17 17.14 -24.95
N GLU A 799 32.33 17.72 -24.63
CA GLU A 799 33.58 17.24 -25.21
C GLU A 799 33.86 15.78 -24.84
N SER A 800 33.33 15.32 -23.72
CA SER A 800 33.52 13.94 -23.28
C SER A 800 32.62 12.97 -24.03
N GLU A 801 31.95 13.41 -25.10
CA GLU A 801 31.08 12.56 -25.89
C GLU A 801 31.33 12.62 -27.40
N VAL A 802 31.95 13.68 -27.91
CA VAL A 802 32.32 13.70 -29.32
C VAL A 802 33.46 12.73 -29.60
N LYS A 803 34.29 12.42 -28.60
CA LYS A 803 35.35 11.44 -28.80
C LYS A 803 34.76 10.04 -28.98
N ARG A 804 34.04 9.55 -27.97
CA ARG A 804 33.29 8.31 -28.07
C ARG A 804 31.99 8.62 -28.80
N GLU A 805 32.02 8.52 -30.12
CA GLU A 805 30.89 8.94 -30.93
C GLU A 805 29.63 8.14 -30.58
N ILE A 806 28.49 8.82 -30.66
CA ILE A 806 27.21 8.18 -30.38
C ILE A 806 27.01 6.99 -31.31
N LYS A 807 26.64 5.85 -30.74
CA LYS A 807 26.39 4.63 -31.48
C LYS A 807 24.94 4.21 -31.27
N ASP A 808 24.26 3.86 -32.36
CA ASP A 808 22.88 3.42 -32.24
C ASP A 808 22.83 2.13 -31.42
N PRO A 809 21.86 1.99 -30.53
CA PRO A 809 21.82 0.82 -29.64
C PRO A 809 21.29 -0.45 -30.28
N LEU A 810 21.04 -0.45 -31.60
CA LEU A 810 20.57 -1.66 -32.27
C LEU A 810 21.60 -2.78 -32.19
N VAL A 811 22.88 -2.44 -32.14
CA VAL A 811 23.94 -3.44 -32.03
C VAL A 811 23.91 -4.10 -30.65
N LEU A 819 10.75 -14.72 -16.49
CA LEU A 819 11.70 -14.35 -15.46
C LEU A 819 12.01 -12.85 -15.51
N ASP A 820 12.26 -12.34 -16.73
CA ASP A 820 12.55 -10.92 -16.90
C ASP A 820 11.32 -10.04 -16.66
N LEU A 821 10.12 -10.60 -16.82
CA LEU A 821 8.89 -9.89 -16.50
C LEU A 821 8.15 -10.51 -15.33
N ALA A 822 8.77 -11.46 -14.62
CA ALA A 822 8.10 -12.17 -13.53
C ALA A 822 7.85 -11.20 -12.38
N SER A 823 6.61 -10.79 -12.21
CA SER A 823 6.24 -9.84 -11.16
C SER A 823 4.78 -10.12 -10.79
N ASN A 824 4.14 -9.16 -10.13
CA ASN A 824 2.74 -9.24 -9.73
C ASN A 824 1.99 -7.99 -10.14
N LYS A 825 2.27 -7.50 -11.35
CA LYS A 825 1.68 -6.27 -11.86
C LYS A 825 0.24 -6.43 -12.32
N SER A 826 -0.32 -7.65 -12.25
CA SER A 826 -1.68 -7.92 -12.72
C SER A 826 -1.79 -7.59 -14.21
N VAL A 827 -1.03 -8.32 -15.02
CA VAL A 827 -1.08 -8.15 -16.46
C VAL A 827 -2.45 -8.57 -17.00
N VAL A 828 -2.85 -7.94 -18.10
CA VAL A 828 -4.18 -8.12 -18.66
C VAL A 828 -4.16 -9.23 -19.70
N VAL A 829 -5.32 -9.81 -19.95
CA VAL A 829 -5.51 -10.83 -20.96
C VAL A 829 -6.92 -10.70 -21.51
N ASN A 830 -7.06 -10.86 -22.82
CA ASN A 830 -8.31 -10.59 -23.50
C ASN A 830 -9.19 -11.84 -23.52
N LYS A 831 -10.44 -11.63 -23.93
CA LYS A 831 -11.41 -12.70 -24.11
C LYS A 831 -11.75 -12.84 -25.58
N TYR A 832 -12.06 -14.07 -25.98
CA TYR A 832 -12.40 -14.37 -27.37
C TYR A 832 -13.75 -15.05 -27.40
N THR A 833 -14.68 -14.48 -28.17
CA THR A 833 -15.95 -15.13 -28.46
C THR A 833 -15.92 -15.94 -29.74
N ASP A 834 -15.04 -15.59 -30.66
CA ASP A 834 -14.86 -16.26 -31.94
C ASP A 834 -13.38 -16.12 -32.32
N GLY A 835 -13.09 -16.29 -33.61
CA GLY A 835 -11.74 -16.02 -34.09
C GLY A 835 -11.21 -14.66 -33.67
N SER A 836 -12.10 -13.67 -33.55
CA SER A 836 -11.74 -12.35 -33.09
C SER A 836 -12.01 -12.21 -31.59
N ARG A 837 -11.41 -11.19 -30.99
CA ARG A 837 -11.61 -10.90 -29.57
C ARG A 837 -12.62 -9.78 -29.39
N VAL A 838 -13.28 -9.78 -28.24
CA VAL A 838 -14.28 -8.76 -27.94
C VAL A 838 -13.58 -7.45 -27.62
N LEU A 839 -14.07 -6.36 -28.21
CA LEU A 839 -13.51 -5.04 -27.97
C LEU A 839 -14.56 -4.03 -27.52
N ASN A 840 -15.83 -4.42 -27.43
CA ASN A 840 -16.90 -3.52 -27.03
C ASN A 840 -17.79 -4.21 -26.01
N TYR A 841 -18.20 -3.47 -24.99
CA TYR A 841 -19.21 -3.98 -24.07
C TYR A 841 -20.53 -4.18 -24.80
N ASP A 842 -21.33 -5.12 -24.32
CA ASP A 842 -22.63 -5.39 -24.89
C ASP A 842 -23.65 -4.47 -24.22
N PHE A 843 -24.36 -3.69 -25.04
CA PHE A 843 -25.27 -2.69 -24.50
C PHE A 843 -26.38 -3.32 -23.68
N ASN A 844 -27.03 -4.35 -24.23
CA ASN A 844 -28.14 -5.00 -23.53
C ASN A 844 -27.67 -5.62 -22.22
N LYS A 845 -26.56 -6.37 -22.26
CA LYS A 845 -26.04 -6.96 -21.03
C LYS A 845 -25.66 -5.88 -20.02
N LEU A 846 -25.12 -4.75 -20.50
CA LEU A 846 -24.71 -3.70 -19.59
C LEU A 846 -25.92 -3.07 -18.89
N THR A 847 -26.96 -2.74 -19.64
CA THR A 847 -28.14 -2.16 -19.00
C THR A 847 -28.84 -3.17 -18.10
N ALA A 848 -28.83 -4.45 -18.48
CA ALA A 848 -29.38 -5.48 -17.61
C ALA A 848 -28.64 -5.52 -16.28
N LEU A 849 -27.30 -5.48 -16.33
CA LEU A 849 -26.52 -5.50 -15.11
C LEU A 849 -26.74 -4.23 -14.29
N ALA A 850 -26.90 -3.09 -14.95
CA ALA A 850 -27.16 -1.85 -14.22
C ALA A 850 -28.48 -1.91 -13.47
N VAL A 851 -29.52 -2.45 -14.12
CA VAL A 851 -30.81 -2.60 -13.44
C VAL A 851 -30.71 -3.62 -12.32
N SER A 852 -29.98 -4.71 -12.55
CA SER A 852 -29.77 -5.71 -11.52
C SER A 852 -29.06 -5.13 -10.30
N GLN A 853 -28.16 -4.17 -10.52
CA GLN A 853 -27.51 -3.51 -9.40
C GLN A 853 -28.46 -2.57 -8.67
N LEU A 854 -29.19 -1.75 -9.42
CA LEU A 854 -30.14 -0.84 -8.78
C LEU A 854 -31.23 -1.59 -8.03
N THR A 855 -31.51 -2.83 -8.42
CA THR A 855 -32.50 -3.61 -7.67
C THR A 855 -31.97 -3.97 -6.30
N GLU A 856 -30.74 -4.47 -6.22
CA GLU A 856 -30.19 -4.81 -4.92
C GLU A 856 -30.03 -3.55 -4.07
N VAL A 857 -29.69 -2.43 -4.72
CA VAL A 857 -29.53 -1.17 -4.00
C VAL A 857 -30.85 -0.73 -3.37
N PHE A 858 -31.96 -0.98 -4.05
CA PHE A 858 -33.25 -0.56 -3.50
C PHE A 858 -33.83 -1.57 -2.51
N SER A 859 -33.84 -2.86 -2.88
CA SER A 859 -34.44 -3.88 -2.03
C SER A 859 -33.66 -4.05 -0.73
N ARG A 860 -32.38 -4.39 -0.83
CA ARG A 860 -31.59 -4.68 0.35
C ARG A 860 -31.38 -3.47 1.24
N LYS A 861 -31.30 -2.27 0.66
CA LYS A 861 -30.97 -1.07 1.41
C LYS A 861 -32.08 -0.04 1.43
N GLY A 862 -32.59 0.36 0.26
CA GLY A 862 -33.56 1.42 0.18
C GLY A 862 -34.98 1.05 0.58
N LYS A 863 -35.20 -0.19 1.05
CA LYS A 863 -36.55 -0.61 1.42
C LYS A 863 -37.08 0.19 2.60
N HIS A 864 -36.41 0.10 3.74
CA HIS A 864 -36.83 0.83 4.92
C HIS A 864 -36.37 2.28 4.89
N LEU A 865 -36.60 2.96 3.78
CA LEU A 865 -36.09 4.32 3.61
C LEU A 865 -37.17 5.30 3.18
N LEU A 866 -38.12 4.87 2.36
CA LEU A 866 -39.14 5.73 1.78
C LEU A 866 -40.53 5.23 2.16
N ASN A 867 -41.55 5.92 1.64
CA ASN A 867 -42.92 5.45 1.69
C ASN A 867 -43.19 4.61 0.46
N LYS A 868 -44.47 4.28 0.21
CA LYS A 868 -44.84 3.51 -0.97
C LYS A 868 -45.64 4.30 -1.99
N GLN A 869 -46.09 5.50 -1.66
CA GLN A 869 -46.79 6.35 -2.63
C GLN A 869 -45.85 7.17 -3.49
N ASP A 870 -44.54 7.01 -3.33
CA ASP A 870 -43.58 7.83 -4.06
C ASP A 870 -43.42 7.34 -5.49
N TYR A 871 -43.30 8.29 -6.42
CA TYR A 871 -43.11 7.95 -7.83
C TYR A 871 -41.81 7.16 -8.01
N ASP A 872 -40.70 7.68 -7.50
CA ASP A 872 -39.43 6.98 -7.60
C ASP A 872 -39.50 5.60 -6.96
N TYR A 873 -40.18 5.50 -5.81
CA TYR A 873 -40.32 4.22 -5.14
C TYR A 873 -41.09 3.23 -6.00
N LYS A 874 -42.20 3.67 -6.60
CA LYS A 874 -42.98 2.77 -7.45
C LYS A 874 -42.20 2.36 -8.70
N VAL A 875 -41.38 3.26 -9.24
CA VAL A 875 -40.59 2.92 -10.42
C VAL A 875 -39.53 1.89 -10.06
N GLN A 876 -38.85 2.10 -8.93
CA GLN A 876 -37.84 1.14 -8.51
C GLN A 876 -38.45 -0.21 -8.19
N GLN A 877 -39.65 -0.22 -7.57
CA GLN A 877 -40.30 -1.50 -7.27
C GLN A 877 -40.76 -2.19 -8.55
N ALA A 878 -41.20 -1.43 -9.54
CA ALA A 878 -41.55 -2.02 -10.83
C ALA A 878 -40.32 -2.65 -11.49
N MET A 879 -39.18 -1.95 -11.44
CA MET A 879 -37.96 -2.52 -11.99
C MET A 879 -37.53 -3.77 -11.22
N SER A 880 -37.73 -3.77 -9.91
CA SER A 880 -37.38 -4.94 -9.10
C SER A 880 -38.24 -6.14 -9.49
N ASN A 881 -39.56 -5.93 -9.59
CA ASN A 881 -40.44 -7.01 -10.02
C ASN A 881 -40.11 -7.44 -11.45
N LEU A 882 -39.59 -6.53 -12.27
CA LEU A 882 -39.17 -6.89 -13.61
C LEU A 882 -37.93 -7.78 -13.59
N VAL A 883 -37.03 -7.54 -12.64
CA VAL A 883 -35.83 -8.36 -12.54
C VAL A 883 -36.10 -9.63 -11.74
N LEU A 884 -36.70 -9.48 -10.56
CA LEU A 884 -36.98 -10.62 -9.69
C LEU A 884 -38.11 -11.49 -10.25
N LEU A 902 -45.28 8.61 -14.95
CA LEU A 902 -44.79 7.44 -15.67
C LEU A 902 -45.09 7.57 -17.17
N LEU A 903 -46.38 7.54 -17.51
CA LEU A 903 -46.77 7.64 -18.92
C LEU A 903 -46.84 9.08 -19.40
N ASP A 904 -47.18 10.02 -18.52
CA ASP A 904 -47.35 11.42 -18.88
C ASP A 904 -46.05 12.21 -18.81
N GLY A 905 -44.91 11.52 -18.73
CA GLY A 905 -43.62 12.20 -18.69
C GLY A 905 -42.68 11.70 -19.76
N GLY A 906 -43.11 10.72 -20.54
CA GLY A 906 -42.25 10.11 -21.53
C GLY A 906 -41.36 9.01 -21.00
N ALA A 907 -41.68 8.45 -19.83
CA ALA A 907 -40.86 7.42 -19.22
C ALA A 907 -41.39 6.01 -19.44
N SER A 908 -42.69 5.86 -19.78
CA SER A 908 -43.25 4.55 -20.01
C SER A 908 -42.63 3.88 -21.24
N VAL A 909 -42.33 4.66 -22.27
CA VAL A 909 -41.74 4.10 -23.48
C VAL A 909 -40.37 3.50 -23.17
N TYR A 910 -39.49 4.28 -22.55
CA TYR A 910 -38.18 3.76 -22.17
C TYR A 910 -38.31 2.64 -21.16
N PHE A 911 -39.33 2.68 -20.31
CA PHE A 911 -39.52 1.62 -19.33
C PHE A 911 -39.84 0.29 -20.00
N ASP A 912 -40.74 0.31 -20.99
CA ASP A 912 -41.06 -0.93 -21.70
C ASP A 912 -39.91 -1.37 -22.59
N GLN A 913 -39.12 -0.43 -23.11
CA GLN A 913 -37.90 -0.82 -23.83
C GLN A 913 -36.95 -1.57 -22.91
N LEU A 914 -36.68 -0.99 -21.74
CA LEU A 914 -35.87 -1.69 -20.74
C LEU A 914 -36.48 -3.03 -20.36
N LYS A 915 -37.82 -3.10 -20.31
CA LYS A 915 -38.50 -4.33 -19.96
C LYS A 915 -38.20 -5.43 -20.97
N GLU A 916 -38.42 -5.14 -22.26
CA GLU A 916 -38.16 -6.14 -23.29
C GLU A 916 -36.68 -6.49 -23.36
N THR A 917 -35.80 -5.50 -23.11
CA THR A 917 -34.37 -5.77 -23.13
C THR A 917 -33.98 -6.75 -22.01
N VAL A 918 -34.43 -6.46 -20.79
CA VAL A 918 -34.10 -7.33 -19.67
C VAL A 918 -34.78 -8.68 -19.82
N GLU A 919 -35.93 -8.74 -20.52
CA GLU A 919 -36.57 -10.01 -20.78
C GLU A 919 -35.71 -10.85 -21.74
N ARG A 920 -35.23 -10.24 -22.82
CA ARG A 920 -34.33 -10.93 -23.72
C ARG A 920 -33.08 -11.43 -23.00
N ILE A 921 -32.52 -10.59 -22.13
CA ILE A 921 -31.31 -10.98 -21.40
C ILE A 921 -31.60 -12.16 -20.48
N ILE A 922 -32.71 -12.10 -19.74
CA ILE A 922 -33.06 -13.19 -18.83
C ILE A 922 -33.29 -14.48 -19.61
N ASP A 923 -33.94 -14.38 -20.78
CA ASP A 923 -34.15 -15.57 -21.60
C ASP A 923 -32.83 -16.15 -22.09
N GLN A 924 -31.90 -15.28 -22.50
CA GLN A 924 -30.58 -15.74 -22.89
C GLN A 924 -29.81 -16.32 -21.72
N TYR A 925 -30.14 -15.90 -20.50
CA TYR A 925 -29.47 -16.36 -19.29
C TYR A 925 -30.37 -17.25 -18.44
N ARG A 926 -31.20 -18.06 -19.09
CA ARG A 926 -32.13 -18.94 -18.37
C ARG A 926 -31.80 -20.41 -18.64
N GLN A 940 -17.45 -30.12 -15.00
CA GLN A 940 -16.23 -29.51 -14.45
C GLN A 940 -16.17 -29.69 -12.94
N PRO A 941 -14.96 -29.63 -12.38
CA PRO A 941 -14.83 -29.72 -10.92
C PRO A 941 -15.09 -28.39 -10.23
N SER A 942 -15.57 -28.49 -8.99
CA SER A 942 -15.86 -27.31 -8.18
C SER A 942 -16.03 -27.76 -6.73
N VAL A 943 -16.38 -26.82 -5.87
CA VAL A 943 -16.54 -27.11 -4.45
C VAL A 943 -17.76 -27.97 -4.20
N ASN A 944 -18.81 -27.81 -5.01
CA ASN A 944 -20.06 -28.53 -4.80
C ASN A 944 -19.89 -30.04 -4.92
N ASP A 945 -18.79 -30.50 -5.52
CA ASP A 945 -18.53 -31.94 -5.57
C ASP A 945 -18.41 -32.54 -4.18
N LEU A 946 -18.03 -31.71 -3.19
CA LEU A 946 -18.00 -32.19 -1.81
C LEU A 946 -19.37 -32.70 -1.36
N ASP A 947 -20.44 -32.09 -1.88
CA ASP A 947 -21.78 -32.58 -1.56
C ASP A 947 -21.99 -34.00 -2.07
N GLU A 948 -21.40 -34.36 -3.20
CA GLU A 948 -21.55 -35.69 -3.78
C GLU A 948 -20.78 -36.76 -3.04
N VAL A 949 -20.01 -36.40 -2.01
CA VAL A 949 -19.13 -37.35 -1.34
C VAL A 949 -19.50 -37.44 0.14
N VAL A 950 -19.38 -36.32 0.85
CA VAL A 950 -19.50 -36.30 2.31
C VAL A 950 -20.96 -36.31 2.71
N PRO A 951 -21.41 -37.28 3.51
CA PRO A 951 -22.80 -37.23 4.00
C PRO A 951 -23.01 -36.17 5.07
N ASN A 952 -22.09 -36.06 6.02
CA ASN A 952 -22.24 -35.14 7.14
C ASN A 952 -21.90 -33.73 6.68
N LYS A 953 -22.93 -32.88 6.53
CA LYS A 953 -22.72 -31.52 6.07
C LYS A 953 -21.83 -30.72 7.01
N PHE A 954 -21.79 -31.10 8.30
CA PHE A 954 -20.93 -30.40 9.24
C PHE A 954 -19.46 -30.54 8.85
N TYR A 955 -19.05 -31.71 8.37
CA TYR A 955 -17.69 -31.88 7.89
C TYR A 955 -17.43 -31.01 6.66
N ILE A 956 -18.43 -30.84 5.80
CA ILE A 956 -18.26 -29.95 4.66
C ILE A 956 -18.10 -28.52 5.12
N ARG A 957 -18.84 -28.11 6.15
CA ARG A 957 -18.68 -26.77 6.70
C ARG A 957 -17.29 -26.58 7.29
N LEU A 958 -16.78 -27.59 8.00
CA LEU A 958 -15.42 -27.51 8.52
C LEU A 958 -14.40 -27.39 7.39
N ILE A 959 -14.58 -28.16 6.32
CA ILE A 959 -13.64 -28.12 5.20
C ILE A 959 -13.67 -26.75 4.54
N LYS A 960 -14.85 -26.19 4.33
CA LYS A 960 -14.96 -24.87 3.73
C LYS A 960 -14.35 -23.80 4.63
N GLY A 961 -14.58 -23.90 5.94
CA GLY A 961 -13.98 -22.95 6.86
C GLY A 961 -12.47 -22.99 6.81
N GLU A 962 -11.91 -24.20 6.75
CA GLU A 962 -10.46 -24.31 6.65
C GLU A 962 -10.00 -23.67 5.35
N LEU A 963 -10.56 -24.15 4.23
CA LEU A 963 -10.10 -23.73 2.91
C LEU A 963 -10.12 -22.22 2.78
N SER A 964 -11.10 -21.57 3.42
CA SER A 964 -11.17 -20.11 3.36
C SER A 964 -10.25 -19.45 4.37
N ASN A 965 -9.98 -20.09 5.51
CA ASN A 965 -9.14 -19.47 6.52
C ASN A 965 -7.65 -19.61 6.18
N HIS A 966 -7.25 -20.76 5.66
CA HIS A 966 -5.86 -21.01 5.32
C HIS A 966 -5.77 -21.58 3.91
N MET A 967 -4.57 -21.53 3.35
CA MET A 967 -4.35 -22.09 2.02
C MET A 967 -4.44 -23.61 2.08
N VAL A 968 -4.50 -24.22 0.89
CA VAL A 968 -4.63 -25.67 0.81
C VAL A 968 -3.40 -26.36 1.37
N GLU A 969 -2.23 -25.73 1.22
CA GLU A 969 -0.97 -26.39 1.58
C GLU A 969 -0.89 -26.62 3.09
N ASP A 970 -1.27 -25.63 3.89
CA ASP A 970 -1.22 -25.71 5.33
C ASP A 970 -2.56 -26.10 5.94
N PHE A 971 -3.33 -26.93 5.23
CA PHE A 971 -4.56 -27.47 5.78
C PHE A 971 -4.27 -28.25 7.07
N ASP A 972 -5.05 -27.98 8.11
CA ASP A 972 -4.80 -28.59 9.41
C ASP A 972 -5.28 -30.04 9.41
N TYR A 973 -4.55 -30.90 10.12
CA TYR A 973 -4.90 -32.32 10.13
C TYR A 973 -6.00 -32.62 11.14
N ASP A 974 -5.96 -32.00 12.31
CA ASP A 974 -6.81 -32.40 13.42
C ASP A 974 -8.20 -31.77 13.37
N VAL A 975 -8.59 -31.14 12.26
CA VAL A 975 -9.94 -30.56 12.19
C VAL A 975 -10.99 -31.60 11.86
N LEU A 976 -10.59 -32.80 11.45
CA LEU A 976 -11.50 -33.87 11.07
C LEU A 976 -11.01 -35.17 11.69
N PRO A 977 -11.90 -36.14 11.84
CA PRO A 977 -11.45 -37.46 12.31
C PRO A 977 -10.52 -38.12 11.29
N GLY A 978 -9.60 -38.94 11.81
CA GLY A 978 -8.58 -39.52 10.96
C GLY A 978 -9.16 -40.40 9.86
N ASN A 979 -10.11 -41.27 10.23
CA ASN A 979 -10.71 -42.18 9.27
C ASN A 979 -11.42 -41.45 8.13
N PHE A 980 -11.85 -40.21 8.36
CA PHE A 980 -12.57 -39.48 7.33
C PHE A 980 -11.72 -39.25 6.10
N TYR A 981 -10.40 -39.07 6.26
CA TYR A 981 -9.54 -38.85 5.10
C TYR A 981 -9.56 -40.05 4.17
N GLU A 982 -9.33 -41.25 4.72
CA GLU A 982 -9.36 -42.45 3.91
C GLU A 982 -10.75 -42.70 3.33
N GLU A 983 -11.79 -42.47 4.12
CA GLU A 983 -13.15 -42.66 3.61
C GLU A 983 -13.43 -41.73 2.43
N PHE A 984 -13.07 -40.45 2.56
CA PHE A 984 -13.29 -39.49 1.49
C PHE A 984 -12.50 -39.86 0.25
N CYS A 985 -11.23 -40.25 0.42
CA CYS A 985 -10.42 -40.64 -0.72
C CYS A 985 -11.03 -41.84 -1.44
N ASP A 986 -11.47 -42.84 -0.68
CA ASP A 986 -12.09 -44.02 -1.29
C ASP A 986 -13.36 -43.64 -2.04
N ALA A 987 -14.22 -42.83 -1.40
CA ALA A 987 -15.49 -42.47 -2.02
C ALA A 987 -15.28 -41.67 -3.29
N VAL A 988 -14.28 -40.77 -3.30
CA VAL A 988 -14.00 -40.00 -4.51
C VAL A 988 -13.44 -40.92 -5.59
N TYR A 989 -12.49 -41.78 -5.25
CA TYR A 989 -11.88 -42.65 -6.24
C TYR A 989 -12.87 -43.67 -6.81
N LYS A 990 -13.93 -44.01 -6.06
CA LYS A 990 -14.91 -44.95 -6.58
C LYS A 990 -15.82 -44.29 -7.60
N ASN A 991 -16.16 -43.03 -7.40
CA ASN A 991 -17.00 -42.28 -8.33
C ASN A 991 -16.24 -42.07 -9.63
N ASN A 992 -16.63 -42.81 -10.68
CA ASN A 992 -15.95 -42.69 -11.97
C ASN A 992 -15.91 -41.25 -12.45
N LYS A 993 -17.01 -40.53 -12.30
CA LYS A 993 -17.07 -39.13 -12.71
C LYS A 993 -15.98 -38.32 -12.03
N LEU A 994 -16.00 -38.26 -10.70
CA LEU A 994 -15.03 -37.46 -9.98
C LEU A 994 -13.64 -38.06 -10.06
N LYS A 995 -13.51 -39.38 -10.14
CA LYS A 995 -12.20 -40.01 -10.32
C LYS A 995 -11.55 -39.50 -11.59
N GLU A 996 -12.25 -39.57 -12.72
CA GLU A 996 -11.70 -39.07 -13.97
C GLU A 996 -11.62 -37.54 -14.00
N ARG A 997 -12.36 -36.85 -13.14
CA ARG A 997 -12.25 -35.40 -13.07
C ARG A 997 -11.07 -34.94 -12.22
N TYR A 998 -10.53 -35.80 -11.36
CA TYR A 998 -9.44 -35.40 -10.47
C TYR A 998 -8.20 -36.29 -10.56
N PHE A 999 -8.30 -37.49 -11.13
CA PHE A 999 -7.19 -38.42 -11.19
C PHE A 999 -6.78 -38.66 -12.64
N TYR A 1000 -5.55 -39.14 -12.82
CA TYR A 1000 -5.00 -39.46 -14.12
C TYR A 1000 -4.94 -40.98 -14.25
N CYS A 1001 -5.90 -41.55 -14.98
CA CYS A 1001 -5.96 -42.99 -15.20
C CYS A 1001 -5.18 -43.45 -16.41
N GLY A 1002 -4.62 -42.52 -17.19
CA GLY A 1002 -3.87 -42.86 -18.38
C GLY A 1002 -2.54 -43.53 -18.08
N THR A 1013 -1.09 -32.71 -12.12
CA THR A 1013 -1.51 -32.75 -10.73
C THR A 1013 -2.33 -34.01 -10.46
N LYS A 1014 -3.15 -34.40 -11.44
CA LYS A 1014 -3.92 -35.62 -11.31
C LYS A 1014 -3.03 -36.83 -11.07
N ALA A 1015 -1.86 -36.86 -11.72
CA ALA A 1015 -0.90 -37.93 -11.49
C ALA A 1015 -0.44 -37.96 -10.03
N VAL A 1016 -0.24 -36.79 -9.43
CA VAL A 1016 0.16 -36.73 -8.03
C VAL A 1016 -0.96 -37.25 -7.13
N ALA A 1017 -2.21 -36.91 -7.46
CA ALA A 1017 -3.33 -37.43 -6.67
C ALA A 1017 -3.42 -38.95 -6.78
N THR A 1018 -3.19 -39.49 -7.98
CA THR A 1018 -3.19 -40.94 -8.16
C THR A 1018 -2.08 -41.57 -7.33
N ARG A 1019 -0.86 -41.04 -7.44
CA ARG A 1019 0.27 -41.59 -6.72
C ARG A 1019 0.00 -41.60 -5.22
N THR A 1020 -0.27 -40.41 -4.66
CA THR A 1020 -0.48 -40.28 -3.23
C THR A 1020 -1.63 -41.16 -2.74
N TYR A 1021 -2.67 -41.36 -3.56
CA TYR A 1021 -3.73 -42.27 -3.15
C TYR A 1021 -3.24 -43.70 -3.11
N PHE A 1022 -2.60 -44.17 -4.19
CA PHE A 1022 -2.08 -45.54 -4.22
C PHE A 1022 -1.03 -45.76 -3.14
N ASP A 1023 -0.21 -44.75 -2.86
CA ASP A 1023 0.77 -44.85 -1.78
C ASP A 1023 0.13 -44.76 -0.39
N GLN A 1024 -1.20 -44.71 -0.31
CA GLN A 1024 -1.92 -44.55 0.96
C GLN A 1024 -1.50 -43.30 1.70
N GLU A 1025 -1.10 -42.26 0.98
CA GLU A 1025 -0.88 -40.94 1.56
C GLU A 1025 -2.22 -40.18 1.57
N TYR A 1026 -3.10 -40.64 2.47
CA TYR A 1026 -4.49 -40.17 2.46
C TYR A 1026 -4.58 -38.66 2.62
N PHE A 1027 -3.81 -38.10 3.56
CA PHE A 1027 -3.84 -36.66 3.77
C PHE A 1027 -3.30 -35.91 2.55
N GLN A 1028 -2.27 -36.46 1.91
CA GLN A 1028 -1.71 -35.82 0.73
C GLN A 1028 -2.71 -35.84 -0.43
N CYS A 1029 -3.35 -36.99 -0.66
CA CYS A 1029 -4.39 -37.09 -1.67
C CYS A 1029 -5.52 -36.11 -1.38
N PHE A 1030 -5.91 -36.00 -0.10
CA PHE A 1030 -6.98 -35.10 0.30
C PHE A 1030 -6.62 -33.66 -0.03
N LYS A 1031 -5.41 -33.24 0.35
CA LYS A 1031 -4.99 -31.87 0.07
C LYS A 1031 -4.89 -31.61 -1.42
N SER A 1032 -4.44 -32.60 -2.20
CA SER A 1032 -4.37 -32.42 -3.65
C SER A 1032 -5.77 -32.26 -4.24
N ILE A 1033 -6.72 -33.08 -3.79
CA ILE A 1033 -8.10 -32.95 -4.25
C ILE A 1033 -8.64 -31.57 -3.93
N LEU A 1034 -8.43 -31.10 -2.70
CA LEU A 1034 -8.91 -29.78 -2.31
C LEU A 1034 -8.27 -28.70 -3.17
N LEU A 1035 -6.96 -28.80 -3.43
CA LEU A 1035 -6.29 -27.80 -4.25
C LEU A 1035 -6.84 -27.77 -5.67
N ILE A 1036 -7.15 -28.94 -6.23
CA ILE A 1036 -7.76 -28.96 -7.55
C ILE A 1036 -9.14 -28.33 -7.51
N MET A 1037 -9.93 -28.64 -6.48
CA MET A 1037 -11.26 -28.03 -6.34
C MET A 1037 -11.16 -26.53 -6.10
N ASN A 1038 -10.53 -26.15 -4.98
CA ASN A 1038 -10.47 -24.75 -4.58
C ASN A 1038 -9.47 -24.00 -5.45
N ALA A 1039 -9.96 -23.12 -6.32
CA ALA A 1039 -9.09 -22.36 -7.22
C ALA A 1039 -9.76 -21.06 -7.64
N ASN A 1053 -28.15 -14.15 -1.86
CA ASN A 1053 -29.22 -14.12 -0.89
C ASN A 1053 -30.57 -14.02 -1.58
N LEU A 1054 -30.79 -12.90 -2.28
CA LEU A 1054 -32.06 -12.66 -2.94
C LEU A 1054 -32.27 -13.67 -4.07
N ASN A 1055 -33.54 -14.01 -4.30
CA ASN A 1055 -33.89 -14.95 -5.36
C ASN A 1055 -33.84 -14.24 -6.71
N PHE A 1056 -32.95 -14.69 -7.58
CA PHE A 1056 -32.82 -14.17 -8.93
C PHE A 1056 -33.35 -15.20 -9.92
N LYS A 1057 -34.20 -14.76 -10.84
CA LYS A 1057 -34.71 -15.65 -11.87
C LYS A 1057 -33.64 -16.08 -12.88
N PHE A 1058 -32.40 -15.58 -12.75
CA PHE A 1058 -31.32 -15.95 -13.65
C PHE A 1058 -30.04 -16.05 -12.85
N ASP A 1059 -28.93 -16.32 -13.54
CA ASP A 1059 -27.62 -16.43 -12.92
C ASP A 1059 -26.98 -15.05 -12.95
N MET A 1060 -26.90 -14.42 -11.77
CA MET A 1060 -26.34 -13.07 -11.64
C MET A 1060 -24.82 -13.04 -11.82
N GLY A 1061 -24.10 -13.99 -11.23
CA GLY A 1061 -22.65 -13.96 -11.34
C GLY A 1061 -22.11 -14.14 -12.75
N ARG A 1062 -22.70 -15.07 -13.52
CA ARG A 1062 -22.24 -15.23 -14.89
C ARG A 1062 -22.52 -13.99 -15.73
N LEU A 1063 -23.66 -13.32 -15.50
CA LEU A 1063 -23.92 -12.06 -16.19
C LEU A 1063 -22.90 -11.00 -15.80
N SER A 1064 -22.63 -10.86 -14.50
CA SER A 1064 -21.67 -9.85 -14.06
C SER A 1064 -20.27 -10.10 -14.63
N ASP A 1065 -19.87 -11.36 -14.72
CA ASP A 1065 -18.57 -11.72 -15.26
C ASP A 1065 -18.56 -11.85 -16.79
N ASP A 1066 -19.71 -11.76 -17.44
CA ASP A 1066 -19.78 -11.79 -18.89
C ASP A 1066 -19.76 -10.41 -19.51
N VAL A 1067 -20.20 -9.39 -18.77
CA VAL A 1067 -20.14 -8.03 -19.30
C VAL A 1067 -18.70 -7.57 -19.47
N ARG A 1068 -17.84 -7.95 -18.53
CA ARG A 1068 -16.43 -7.56 -18.59
C ARG A 1068 -15.79 -8.04 -19.89
N ILE A 1069 -14.71 -7.38 -20.27
CA ILE A 1069 -13.99 -7.68 -21.50
C ILE A 1069 -12.61 -8.26 -21.20
N SER A 1070 -11.88 -7.65 -20.28
CA SER A 1070 -10.53 -8.06 -19.94
C SER A 1070 -10.51 -8.89 -18.66
N GLU A 1071 -9.36 -9.52 -18.41
CA GLU A 1071 -9.15 -10.26 -17.18
C GLU A 1071 -7.72 -10.02 -16.69
N ARG A 1072 -7.58 -9.79 -15.40
CA ARG A 1072 -6.26 -9.59 -14.83
C ARG A 1072 -5.66 -10.91 -14.36
N GLU A 1073 -4.34 -10.93 -14.25
CA GLU A 1073 -3.64 -12.08 -13.70
C GLU A 1073 -2.24 -11.63 -13.29
N SER A 1074 -1.38 -12.60 -12.96
CA SER A 1074 0.01 -12.31 -12.65
C SER A 1074 0.84 -12.33 -13.93
N ASN A 1075 1.90 -11.53 -13.94
CA ASN A 1075 2.84 -11.57 -15.05
C ASN A 1075 3.44 -12.96 -15.21
N SER A 1076 3.75 -13.62 -14.09
CA SER A 1076 4.45 -14.90 -14.15
C SER A 1076 3.58 -15.99 -14.74
N GLU A 1077 2.28 -16.00 -14.44
CA GLU A 1077 1.41 -17.05 -14.93
C GLU A 1077 1.30 -17.01 -16.45
N ALA A 1078 0.88 -15.86 -16.99
CA ALA A 1078 0.80 -15.72 -18.44
C ALA A 1078 2.16 -15.88 -19.10
N LEU A 1079 3.22 -15.42 -18.44
CA LEU A 1079 4.55 -15.56 -19.02
C LEU A 1079 4.94 -17.03 -19.12
N SER A 1080 4.62 -17.83 -18.10
CA SER A 1080 4.93 -19.25 -18.13
C SER A 1080 4.07 -19.97 -19.18
N LYS A 1081 2.81 -19.56 -19.31
CA LYS A 1081 1.97 -20.14 -20.35
C LYS A 1081 2.54 -19.85 -21.74
N ALA A 1082 2.98 -18.61 -21.96
CA ALA A 1082 3.58 -18.26 -23.24
C ALA A 1082 4.88 -19.04 -23.48
N LEU A 1083 5.70 -19.17 -22.43
CA LEU A 1083 6.94 -19.96 -22.55
C LEU A 1083 6.63 -21.41 -22.92
N SER A 1084 5.64 -22.01 -22.26
CA SER A 1084 5.23 -23.37 -22.60
C SER A 1084 4.74 -23.45 -24.04
N LEU A 1085 4.07 -22.39 -24.51
CA LEU A 1085 3.60 -22.37 -25.90
C LEU A 1085 4.69 -21.95 -26.88
N THR A 1086 5.90 -21.62 -26.42
CA THR A 1086 6.98 -21.31 -27.35
C THR A 1086 7.63 -22.60 -27.87
N ASN A 1087 8.16 -23.42 -26.96
CA ASN A 1087 8.86 -24.66 -27.31
C ASN A 1087 9.99 -24.41 -28.30
N LEU A 1093 14.31 -12.95 -24.27
CA LEU A 1093 13.17 -12.04 -24.27
C LEU A 1093 12.43 -12.08 -25.60
N LYS A 1094 13.13 -11.77 -26.69
CA LYS A 1094 12.53 -11.76 -28.02
C LYS A 1094 11.97 -13.12 -28.43
N ASN A 1095 12.37 -14.19 -27.75
CA ASN A 1095 11.89 -15.53 -28.09
C ASN A 1095 10.39 -15.70 -27.81
N LEU A 1096 9.77 -14.77 -27.10
CA LEU A 1096 8.37 -14.91 -26.71
C LEU A 1096 7.41 -14.20 -27.64
N CYS A 1097 7.89 -13.32 -28.52
CA CYS A 1097 7.03 -12.55 -29.40
C CYS A 1097 7.35 -12.72 -30.88
N PHE A 1098 8.37 -13.49 -31.24
CA PHE A 1098 8.66 -13.73 -32.66
C PHE A 1098 8.80 -15.20 -32.99
N TYR A 1099 9.35 -15.99 -32.08
CA TYR A 1099 9.53 -17.43 -32.27
C TYR A 1099 8.62 -18.16 -31.28
N SER A 1100 7.37 -18.35 -31.66
CA SER A 1100 6.39 -19.02 -30.81
C SER A 1100 5.24 -19.50 -31.69
N GLN A 1101 4.48 -20.47 -31.15
CA GLN A 1101 3.32 -20.97 -31.87
C GLN A 1101 2.28 -19.87 -32.07
N GLU A 1102 2.09 -19.01 -31.07
CA GLU A 1102 1.18 -17.88 -31.18
C GLU A 1102 1.95 -16.61 -31.53
N SER A 1103 2.59 -16.62 -32.70
CA SER A 1103 3.36 -15.49 -33.18
C SER A 1103 2.66 -14.83 -34.37
N PRO A 1104 2.87 -13.54 -34.58
CA PRO A 1104 2.21 -12.86 -35.70
C PRO A 1104 2.89 -13.18 -37.02
N GLN A 1105 2.11 -13.11 -38.09
CA GLN A 1105 2.62 -13.37 -39.44
C GLN A 1105 2.88 -12.07 -40.20
N SER A 1106 1.86 -11.22 -40.35
CA SER A 1106 1.97 -10.01 -41.15
C SER A 1106 1.45 -8.84 -40.31
N TYR A 1107 2.37 -8.09 -39.72
CA TYR A 1107 2.00 -6.88 -39.00
C TYR A 1107 1.48 -5.82 -39.97
N SER A 1108 0.35 -5.22 -39.65
CA SER A 1108 -0.31 -4.27 -40.53
C SER A 1108 0.22 -2.86 -40.24
N SER A 1109 -0.43 -1.86 -40.84
CA SER A 1109 -0.06 -0.47 -40.57
C SER A 1109 -0.42 -0.07 -39.15
N THR A 1110 -1.61 -0.45 -38.69
CA THR A 1110 -2.06 -0.09 -37.34
C THR A 1110 -1.27 -0.82 -36.28
N GLY A 1111 -1.21 -2.15 -36.37
CA GLY A 1111 -0.48 -2.94 -35.40
C GLY A 1111 -0.09 -4.30 -35.93
N PRO A 1112 0.42 -5.15 -35.05
CA PRO A 1112 0.81 -6.51 -35.46
C PRO A 1112 -0.39 -7.32 -35.95
N ASP A 1113 -0.09 -8.51 -36.47
CA ASP A 1113 -1.15 -9.36 -37.00
C ASP A 1113 -2.05 -9.87 -35.88
N THR A 1114 -1.52 -9.99 -34.67
CA THR A 1114 -2.34 -10.41 -33.53
C THR A 1114 -3.47 -9.42 -33.28
N GLY A 1115 -3.21 -8.13 -33.47
CA GLY A 1115 -4.18 -7.08 -33.25
C GLY A 1115 -3.52 -5.85 -32.67
N ARG A 1116 -4.24 -4.74 -32.75
CA ARG A 1116 -3.72 -3.47 -32.23
C ARG A 1116 -3.38 -3.59 -30.76
N LEU A 1117 -2.41 -2.79 -30.32
CA LEU A 1117 -2.02 -2.80 -28.92
C LEU A 1117 -3.18 -2.36 -28.05
N LYS A 1118 -3.23 -2.91 -26.83
CA LYS A 1118 -4.33 -2.65 -25.92
C LYS A 1118 -3.80 -2.52 -24.50
N PHE A 1119 -4.18 -1.45 -23.82
CA PHE A 1119 -3.85 -1.22 -22.43
C PHE A 1119 -5.12 -1.26 -21.59
N SER A 1120 -4.96 -0.99 -20.30
CA SER A 1120 -6.10 -0.95 -19.39
C SER A 1120 -5.81 0.04 -18.27
N LEU A 1121 -6.78 0.90 -17.98
CA LEU A 1121 -6.56 1.94 -16.99
C LEU A 1121 -6.56 1.36 -15.58
N SER A 1122 -5.72 1.95 -14.73
CA SER A 1122 -5.68 1.66 -13.31
C SER A 1122 -5.26 2.94 -12.59
N TYR A 1123 -4.83 2.81 -11.34
CA TYR A 1123 -4.27 3.96 -10.64
C TYR A 1123 -3.54 3.53 -9.37
N LYS A 1124 -2.35 4.07 -9.15
CA LYS A 1124 -1.63 3.83 -7.91
C LYS A 1124 -2.27 4.60 -6.77
N GLU A 1125 -1.92 4.22 -5.55
CA GLU A 1125 -2.39 4.89 -4.34
C GLU A 1125 -1.27 5.81 -3.88
N GLN A 1126 -1.40 7.10 -4.21
CA GLN A 1126 -0.36 8.09 -4.00
C GLN A 1126 -0.88 9.22 -3.13
N VAL A 1127 -0.01 9.72 -2.24
CA VAL A 1127 -0.37 10.85 -1.40
C VAL A 1127 -0.81 12.02 -2.27
N GLY A 1128 -1.98 12.57 -1.97
CA GLY A 1128 -2.55 13.63 -2.79
C GLY A 1128 -3.33 13.05 -3.95
N GLY A 1129 -3.02 13.51 -5.15
CA GLY A 1129 -3.59 12.91 -6.35
C GLY A 1129 -3.05 11.51 -6.58
N ASN A 1130 -3.68 10.81 -7.51
CA ASN A 1130 -3.31 9.44 -7.84
C ASN A 1130 -2.99 9.35 -9.33
N ARG A 1131 -1.74 9.01 -9.64
CA ARG A 1131 -1.36 8.75 -11.01
C ARG A 1131 -2.00 7.45 -11.50
N GLU A 1132 -2.42 7.44 -12.75
CA GLU A 1132 -2.93 6.22 -13.36
C GLU A 1132 -1.79 5.41 -13.97
N LEU A 1133 -1.86 4.10 -13.79
CA LEU A 1133 -0.91 3.16 -14.37
C LEU A 1133 -1.59 2.38 -15.48
N TYR A 1134 -0.99 2.40 -16.66
CA TYR A 1134 -1.47 1.61 -17.77
C TYR A 1134 -0.98 0.17 -17.64
N ILE A 1135 -1.81 -0.77 -18.11
CA ILE A 1135 -1.51 -2.20 -18.01
C ILE A 1135 -1.90 -2.84 -19.32
N GLY A 1136 -0.92 -3.41 -20.03
CA GLY A 1136 -1.16 -4.10 -21.28
C GLY A 1136 -0.97 -5.60 -21.15
N ASP A 1137 -1.37 -6.31 -22.20
CA ASP A 1137 -1.20 -7.75 -22.24
C ASP A 1137 0.26 -8.07 -22.59
N LEU A 1138 0.55 -9.35 -22.81
CA LEU A 1138 1.95 -9.78 -22.97
C LEU A 1138 2.59 -9.12 -24.18
N ARG A 1139 1.93 -9.21 -25.34
CA ARG A 1139 2.50 -8.63 -26.56
C ARG A 1139 2.76 -7.14 -26.40
N THR A 1140 1.84 -6.43 -25.76
CA THR A 1140 2.05 -5.00 -25.51
C THR A 1140 3.25 -4.76 -24.62
N LYS A 1141 3.38 -5.54 -23.54
CA LYS A 1141 4.50 -5.36 -22.63
C LYS A 1141 5.83 -5.64 -23.33
N MET A 1142 5.86 -6.65 -24.19
CA MET A 1142 7.10 -6.96 -24.91
C MET A 1142 7.46 -5.86 -25.89
N PHE A 1143 6.49 -5.43 -26.70
CA PHE A 1143 6.78 -4.39 -27.69
C PHE A 1143 7.10 -3.07 -27.02
N THR A 1144 6.57 -2.83 -25.82
CA THR A 1144 6.94 -1.65 -25.07
C THR A 1144 8.36 -1.77 -24.53
N ARG A 1145 8.71 -2.93 -23.97
CA ARG A 1145 10.04 -3.12 -23.41
C ARG A 1145 11.11 -3.02 -24.49
N LEU A 1146 10.81 -3.43 -25.72
CA LEU A 1146 11.77 -3.27 -26.80
C LEU A 1146 12.15 -1.80 -26.97
N ILE A 1147 11.15 -0.93 -27.12
CA ILE A 1147 11.40 0.50 -27.30
C ILE A 1147 12.07 1.07 -26.06
N GLU A 1148 11.63 0.64 -24.87
CA GLU A 1148 12.19 1.13 -23.64
C GLU A 1148 13.69 0.84 -23.55
N ASP A 1149 14.07 -0.41 -23.85
CA ASP A 1149 15.48 -0.78 -23.79
C ASP A 1149 16.29 -0.06 -24.86
N TYR A 1150 15.72 0.08 -26.06
CA TYR A 1150 16.40 0.81 -27.12
C TYR A 1150 16.72 2.23 -26.68
N PHE A 1151 15.70 2.98 -26.25
CA PHE A 1151 15.92 4.37 -25.88
C PHE A 1151 16.74 4.49 -24.60
N GLU A 1152 16.69 3.50 -23.71
CA GLU A 1152 17.53 3.55 -22.53
C GLU A 1152 19.00 3.39 -22.88
N ALA A 1153 19.32 2.40 -23.71
CA ALA A 1153 20.70 2.23 -24.15
C ALA A 1153 21.16 3.43 -24.98
N LEU A 1154 20.23 4.10 -25.66
CA LEU A 1154 20.59 5.31 -26.38
C LEU A 1154 20.92 6.45 -25.43
N SER A 1155 20.05 6.70 -24.45
CA SER A 1155 20.27 7.78 -23.50
C SER A 1155 21.45 7.51 -22.58
N LEU A 1156 21.85 6.25 -22.42
CA LEU A 1156 22.98 5.94 -21.54
C LEU A 1156 24.27 6.53 -22.06
N GLN A 1157 24.39 6.70 -23.39
CA GLN A 1157 25.58 7.30 -23.96
C GLN A 1157 25.66 8.79 -23.64
N LEU A 1158 24.52 9.47 -23.58
CA LEU A 1158 24.47 10.88 -23.24
C LEU A 1158 24.42 11.07 -21.73
N SER A 1159 25.05 12.14 -21.26
CA SER A 1159 25.09 12.45 -19.84
C SER A 1159 24.01 13.45 -19.49
N GLY A 1160 23.44 13.29 -18.29
CA GLY A 1160 22.46 14.25 -17.79
C GLY A 1160 21.25 13.60 -17.17
N SER A 1161 20.82 12.47 -17.69
CA SER A 1161 19.63 11.81 -17.18
C SER A 1161 19.91 11.11 -15.87
N CYS A 1162 18.90 11.09 -14.99
CA CYS A 1162 19.02 10.44 -13.70
C CYS A 1162 17.85 9.50 -13.42
N LEU A 1163 17.18 9.01 -14.48
CA LEU A 1163 16.08 8.09 -14.27
C LEU A 1163 16.57 6.72 -13.81
N ASN A 1164 17.65 6.22 -14.40
CA ASN A 1164 18.20 4.92 -14.05
C ASN A 1164 19.62 5.00 -13.52
N ASN A 1165 20.48 5.78 -14.15
CA ASN A 1165 21.89 5.88 -13.75
C ASN A 1165 21.98 6.54 -12.37
N GLU A 1166 22.24 5.72 -11.35
CA GLU A 1166 22.36 6.26 -9.99
C GLU A 1166 23.59 7.14 -9.84
N ARG A 1167 24.66 6.83 -10.57
CA ARG A 1167 25.87 7.64 -10.49
C ARG A 1167 25.60 9.06 -10.99
N GLU A 1168 24.79 9.19 -12.04
CA GLU A 1168 24.40 10.51 -12.52
C GLU A 1168 23.60 11.25 -11.46
N PHE A 1169 22.74 10.53 -10.73
CA PHE A 1169 21.96 11.17 -9.67
C PHE A 1169 22.87 11.66 -8.55
N GLU A 1170 23.89 10.88 -8.20
CA GLU A 1170 24.82 11.33 -7.16
C GLU A 1170 25.64 12.52 -7.64
N ASN A 1171 26.03 12.53 -8.91
CA ASN A 1171 26.72 13.69 -9.46
C ASN A 1171 25.82 14.92 -9.42
N ALA A 1172 24.53 14.74 -9.71
CA ALA A 1172 23.59 15.86 -9.65
C ALA A 1172 23.44 16.36 -8.23
N ILE A 1173 23.42 15.46 -7.25
CA ILE A 1173 23.34 15.88 -5.86
C ILE A 1173 24.57 16.68 -5.47
N LEU A 1174 25.75 16.21 -5.86
CA LEU A 1174 26.98 16.95 -5.57
C LEU A 1174 26.97 18.32 -6.22
N SER A 1175 26.50 18.40 -7.47
CA SER A 1175 26.45 19.68 -8.17
C SER A 1175 25.46 20.63 -7.50
N MET A 1176 24.31 20.11 -7.05
CA MET A 1176 23.34 20.94 -6.34
C MET A 1176 23.92 21.46 -5.04
N LYS A 1177 24.61 20.60 -4.29
CA LYS A 1177 25.25 21.03 -3.05
C LYS A 1177 26.25 22.15 -3.32
N LEU A 1178 27.13 21.94 -4.31
CA LEU A 1178 28.12 22.97 -4.65
C LEU A 1178 27.43 24.27 -5.06
N ASN A 1179 26.37 24.17 -5.85
CA ASN A 1179 25.69 25.37 -6.35
C ASN A 1179 25.07 26.16 -5.21
N VAL A 1180 24.31 25.48 -4.34
CA VAL A 1180 23.72 26.16 -3.20
C VAL A 1180 24.80 26.76 -2.31
N SER A 1181 25.93 26.07 -2.17
CA SER A 1181 27.02 26.58 -1.35
C SER A 1181 27.56 27.89 -1.89
N LEU A 1182 27.46 28.11 -3.20
CA LEU A 1182 27.93 29.33 -3.83
C LEU A 1182 26.83 30.38 -4.00
N ALA A 1183 25.63 30.10 -3.51
CA ALA A 1183 24.48 31.00 -3.64
C ALA A 1183 24.16 31.33 -5.09
N HIS A 1184 24.46 30.41 -6.00
CA HIS A 1184 24.11 30.61 -7.40
C HIS A 1184 22.63 30.33 -7.62
N VAL A 1185 22.11 30.84 -8.73
CA VAL A 1185 20.69 30.70 -9.02
C VAL A 1185 20.40 29.26 -9.43
N SER A 1186 19.34 28.70 -8.88
CA SER A 1186 18.92 27.34 -9.14
C SER A 1186 17.45 27.32 -9.53
N TYR A 1187 17.15 26.64 -10.63
CA TYR A 1187 15.80 26.53 -11.17
C TYR A 1187 15.34 25.11 -10.90
N SER A 1188 14.43 24.95 -9.95
CA SER A 1188 13.94 23.62 -9.57
C SER A 1188 12.58 23.40 -10.23
N MET A 1189 12.63 23.06 -11.52
CA MET A 1189 11.42 23.00 -12.32
C MET A 1189 10.62 21.74 -12.02
N ASP A 1190 9.54 21.58 -12.76
CA ASP A 1190 8.68 20.42 -12.79
C ASP A 1190 7.67 20.67 -13.90
N HIS A 1191 7.16 19.60 -14.49
CA HIS A 1191 6.29 19.71 -15.64
C HIS A 1191 4.90 19.18 -15.31
N SER A 1192 3.89 19.79 -15.93
CA SER A 1192 2.50 19.51 -15.62
C SER A 1192 1.90 18.64 -16.70
N LYS A 1193 1.19 17.59 -16.28
CA LYS A 1193 0.56 16.64 -17.20
C LYS A 1193 1.57 16.13 -18.21
N TRP A 1194 2.75 15.75 -17.72
CA TRP A 1194 3.78 15.21 -18.59
C TRP A 1194 3.28 13.98 -19.33
N GLY A 1195 2.52 13.13 -18.65
CA GLY A 1195 2.03 11.90 -19.24
C GLY A 1195 1.12 12.14 -20.43
N PRO A 1196 -0.06 12.72 -20.18
CA PRO A 1196 -1.03 12.85 -21.28
C PRO A 1196 -0.61 13.80 -22.38
N MET A 1197 0.16 14.85 -22.07
CA MET A 1197 0.54 15.79 -23.11
C MET A 1197 1.52 15.18 -24.11
N MET A 1198 2.52 14.46 -23.62
CA MET A 1198 3.44 13.76 -24.51
C MET A 1198 2.68 12.72 -25.33
N CYS A 1199 3.21 12.44 -26.52
CA CYS A 1199 2.53 11.53 -27.42
C CYS A 1199 3.56 10.73 -28.21
N PRO A 1200 3.29 9.46 -28.52
CA PRO A 1200 4.25 8.68 -29.30
C PRO A 1200 4.58 9.29 -30.65
N PHE A 1201 3.66 10.05 -31.25
CA PHE A 1201 3.98 10.70 -32.51
C PHE A 1201 5.10 11.72 -32.36
N LEU A 1202 5.17 12.39 -31.22
CA LEU A 1202 6.28 13.31 -30.97
C LEU A 1202 7.61 12.59 -30.98
N PHE A 1203 7.67 11.44 -30.31
CA PHE A 1203 8.89 10.64 -30.29
C PHE A 1203 9.23 10.13 -31.69
N LEU A 1204 8.21 9.72 -32.44
CA LEU A 1204 8.45 9.26 -33.81
C LEU A 1204 9.01 10.38 -34.67
N ALA A 1205 8.48 11.59 -34.53
CA ALA A 1205 8.96 12.72 -35.32
C ALA A 1205 10.39 13.09 -34.92
N THR A 1206 10.65 13.17 -33.61
CA THR A 1206 11.99 13.51 -33.15
C THR A 1206 12.99 12.39 -33.39
N LEU A 1207 12.53 11.18 -33.73
CA LEU A 1207 13.44 10.09 -34.06
C LEU A 1207 13.70 9.98 -35.55
N GLN A 1208 12.73 10.31 -36.38
CA GLN A 1208 12.88 10.28 -37.84
C GLN A 1208 13.77 11.38 -38.37
N ASN A 1209 14.42 12.18 -37.52
CA ASN A 1209 15.23 13.29 -38.00
C ASN A 1209 16.62 13.34 -37.40
N LEU A 1210 16.98 12.43 -36.51
CA LEU A 1210 18.31 12.41 -35.94
C LEU A 1210 19.21 11.47 -36.74
N ILE A 1211 20.52 11.73 -36.65
CA ILE A 1211 21.54 10.91 -37.30
C ILE A 1211 22.65 10.68 -36.28
N PHE A 1212 22.74 9.45 -35.77
CA PHE A 1212 23.70 9.15 -34.71
C PHE A 1212 25.09 8.89 -35.29
N LEU A 1213 25.21 7.83 -36.09
CA LEU A 1213 26.49 7.44 -36.68
C LEU A 1213 26.71 8.29 -37.93
N SER A 1214 27.61 9.27 -37.84
CA SER A 1214 27.89 10.14 -38.98
C SER A 1214 28.44 9.36 -40.16
N LYS A 1215 29.29 8.36 -39.89
CA LYS A 1215 29.89 7.56 -40.96
C LYS A 1215 28.98 6.39 -41.36
N ASP A 1216 28.61 5.56 -40.41
CA ASP A 1216 27.82 4.36 -40.68
C ASP A 1216 26.37 4.76 -40.96
N LEU A 1217 25.91 4.52 -42.18
CA LEU A 1217 24.54 4.81 -42.59
C LEU A 1217 23.90 3.59 -43.21
N GLN A 1218 24.15 2.41 -42.64
CA GLN A 1218 23.62 1.16 -43.15
C GLN A 1218 22.64 0.50 -42.18
N ALA A 1219 23.06 0.25 -40.94
CA ALA A 1219 22.20 -0.39 -39.96
C ALA A 1219 21.35 0.60 -39.17
N ASP A 1220 21.81 1.85 -39.05
CA ASP A 1220 21.02 2.86 -38.37
C ASP A 1220 19.69 3.08 -39.07
N ILE A 1221 19.66 2.98 -40.40
CA ILE A 1221 18.42 3.12 -41.15
C ILE A 1221 17.45 2.01 -40.78
N LYS A 1222 17.96 0.77 -40.71
CA LYS A 1222 17.11 -0.36 -40.34
C LYS A 1222 16.59 -0.21 -38.91
N GLY A 1223 17.46 0.20 -37.98
CA GLY A 1223 17.02 0.40 -36.61
C GLY A 1223 15.96 1.47 -36.50
N ARG A 1224 16.15 2.59 -37.18
CA ARG A 1224 15.16 3.66 -37.13
C ARG A 1224 13.86 3.24 -37.79
N ASP A 1225 13.92 2.46 -38.86
CA ASP A 1225 12.70 1.96 -39.48
C ASP A 1225 11.95 1.04 -38.52
N TYR A 1226 12.67 0.18 -37.82
CA TYR A 1226 12.02 -0.72 -36.85
C TYR A 1226 11.37 0.07 -35.73
N LEU A 1227 12.12 1.02 -35.14
CA LEU A 1227 11.55 1.82 -34.07
C LEU A 1227 10.39 2.67 -34.54
N SER A 1228 10.42 3.10 -35.81
CA SER A 1228 9.29 3.83 -36.37
C SER A 1228 8.06 2.94 -36.48
N THR A 1229 8.23 1.72 -36.99
CA THR A 1229 7.11 0.81 -37.09
C THR A 1229 6.59 0.37 -35.73
N LEU A 1230 7.41 0.47 -34.69
CA LEU A 1230 6.93 0.17 -33.34
C LEU A 1230 6.20 1.36 -32.72
N LEU A 1231 6.75 2.57 -32.86
CA LEU A 1231 6.07 3.75 -32.35
C LEU A 1231 4.77 4.01 -33.10
N THR A 1232 4.68 3.58 -34.37
CA THR A 1232 3.41 3.66 -35.09
C THR A 1232 2.34 2.82 -34.40
N TRP A 1233 2.68 1.59 -34.03
CA TRP A 1233 1.75 0.75 -33.28
C TRP A 1233 1.39 1.41 -31.96
N HIS A 1234 2.39 1.87 -31.22
CA HIS A 1234 2.14 2.55 -29.95
C HIS A 1234 1.27 3.79 -30.12
N MET A 1235 1.25 4.37 -31.32
CA MET A 1235 0.40 5.51 -31.59
C MET A 1235 -1.06 5.09 -31.72
N HIS A 1236 -1.32 4.00 -32.43
CA HIS A 1236 -2.68 3.50 -32.64
C HIS A 1236 -3.18 2.64 -31.51
N LYS A 1237 -2.53 2.67 -30.35
CA LYS A 1237 -2.98 1.87 -29.22
C LYS A 1237 -4.40 2.28 -28.83
N MET A 1238 -5.10 1.36 -28.18
CA MET A 1238 -6.45 1.61 -27.71
C MET A 1238 -6.52 1.28 -26.23
N VAL A 1239 -7.07 2.21 -25.45
CA VAL A 1239 -7.13 2.09 -24.00
C VAL A 1239 -8.53 1.64 -23.61
N GLU A 1240 -8.61 0.67 -22.70
CA GLU A 1240 -9.89 0.16 -22.24
C GLU A 1240 -10.48 1.05 -21.16
N ILE A 1241 -11.75 1.38 -21.31
CA ILE A 1241 -12.46 2.13 -20.28
C ILE A 1241 -12.81 1.18 -19.14
N PRO A 1242 -12.51 1.53 -17.89
CA PRO A 1242 -12.73 0.59 -16.79
C PRO A 1242 -14.19 0.20 -16.65
N PHE A 1243 -14.42 -1.02 -16.16
CA PHE A 1243 -15.78 -1.53 -16.06
C PHE A 1243 -16.57 -0.78 -15.01
N ASN A 1244 -15.93 -0.40 -13.91
CA ASN A 1244 -16.63 0.32 -12.84
C ASN A 1244 -17.20 1.62 -13.35
N VAL A 1245 -16.40 2.40 -14.09
CA VAL A 1245 -16.86 3.71 -14.51
C VAL A 1245 -17.94 3.60 -15.57
N VAL A 1246 -17.86 2.61 -16.45
CA VAL A 1246 -18.91 2.47 -17.47
C VAL A 1246 -20.20 1.98 -16.84
N SER A 1247 -20.11 1.10 -15.83
CA SER A 1247 -21.32 0.69 -15.11
C SER A 1247 -21.95 1.87 -14.38
N ALA A 1248 -21.12 2.69 -13.72
CA ALA A 1248 -21.65 3.85 -13.01
C ALA A 1248 -22.29 4.84 -13.96
N MET A 1249 -21.67 5.06 -15.11
CA MET A 1249 -22.25 5.97 -16.10
C MET A 1249 -23.55 5.41 -16.67
N MET A 1250 -23.62 4.09 -16.85
CA MET A 1250 -24.87 3.49 -17.32
C MET A 1250 -25.99 3.66 -16.30
N LYS A 1251 -25.68 3.46 -15.02
CA LYS A 1251 -26.69 3.65 -13.98
C LYS A 1251 -27.13 5.11 -13.91
N SER A 1252 -26.17 6.04 -13.99
CA SER A 1252 -26.52 7.45 -13.98
C SER A 1252 -27.38 7.81 -15.19
N PHE A 1253 -27.10 7.20 -16.35
CA PHE A 1253 -27.90 7.45 -17.55
C PHE A 1253 -29.31 6.93 -17.38
N ILE A 1254 -29.46 5.73 -16.81
CA ILE A 1254 -30.80 5.18 -16.56
C ILE A 1254 -31.58 6.10 -15.63
N LYS A 1255 -30.95 6.50 -14.52
CA LYS A 1255 -31.62 7.38 -13.56
C LYS A 1255 -32.03 8.69 -14.22
N ALA A 1256 -31.10 9.37 -14.90
CA ALA A 1256 -31.42 10.63 -15.56
C ALA A 1256 -32.45 10.45 -16.67
N GLN A 1257 -32.57 9.24 -17.22
CA GLN A 1257 -33.64 8.97 -18.18
C GLN A 1257 -34.99 8.88 -17.47
N LEU A 1258 -35.00 8.29 -16.28
CA LEU A 1258 -36.22 8.28 -15.47
C LEU A 1258 -36.56 9.66 -14.93
N GLY A 1259 -35.60 10.58 -14.91
CA GLY A 1259 -35.79 11.89 -14.33
C GLY A 1259 -35.41 12.00 -12.88
N LEU A 1260 -34.94 10.92 -12.26
CA LEU A 1260 -34.55 10.93 -10.86
C LEU A 1260 -33.32 11.80 -10.66
N LYS A 1261 -33.44 12.83 -9.83
CA LYS A 1261 -32.33 13.72 -9.48
C LYS A 1261 -31.73 14.37 -10.73
N LYS A 1262 -32.55 15.20 -11.38
CA LYS A 1262 -32.08 15.99 -12.51
C LYS A 1262 -31.08 17.03 -12.00
N LYS A 1263 -29.84 16.96 -12.50
CA LYS A 1263 -28.79 17.88 -12.10
C LYS A 1263 -28.61 19.05 -13.06
N THR A 1264 -28.83 18.84 -14.35
CA THR A 1264 -28.70 19.88 -15.37
C THR A 1264 -27.31 20.52 -15.37
N THR A 1265 -26.29 19.75 -15.01
CA THR A 1265 -24.91 20.20 -15.09
C THR A 1265 -24.14 19.48 -16.18
N GLN A 1266 -24.10 18.15 -16.14
CA GLN A 1266 -23.62 17.31 -17.24
C GLN A 1266 -22.19 17.68 -17.63
N SER A 1267 -21.27 17.37 -16.72
CA SER A 1267 -19.84 17.50 -17.00
C SER A 1267 -19.46 16.81 -18.29
N ILE A 1268 -18.36 17.24 -18.92
CA ILE A 1268 -18.03 16.81 -20.28
C ILE A 1268 -18.00 15.30 -20.38
N THR A 1269 -17.50 14.62 -19.35
CA THR A 1269 -17.44 13.16 -19.36
C THR A 1269 -18.85 12.56 -19.46
N GLU A 1270 -19.79 13.08 -18.66
CA GLU A 1270 -21.14 12.54 -18.69
C GLU A 1270 -21.81 12.81 -20.02
N ASP A 1271 -21.58 14.00 -20.61
CA ASP A 1271 -22.12 14.28 -21.94
C ASP A 1271 -21.54 13.31 -22.96
N PHE A 1272 -20.23 13.05 -22.89
CA PHE A 1272 -19.61 12.11 -23.82
C PHE A 1272 -20.21 10.72 -23.67
N PHE A 1273 -20.47 10.29 -22.44
CA PHE A 1273 -21.05 8.96 -22.25
C PHE A 1273 -22.50 8.90 -22.74
N TYR A 1274 -23.29 9.94 -22.44
CA TYR A 1274 -24.71 9.91 -22.81
C TYR A 1274 -24.89 10.01 -24.32
N SER A 1275 -24.06 10.83 -24.99
CA SER A 1275 -24.18 10.99 -26.44
C SER A 1275 -24.00 9.68 -27.19
N ASN A 1276 -23.31 8.71 -26.59
CA ASN A 1276 -23.20 7.38 -27.16
C ASN A 1276 -24.20 6.40 -26.59
N PHE A 1277 -24.55 6.54 -25.31
CA PHE A 1277 -25.57 5.68 -24.71
C PHE A 1277 -26.89 5.79 -25.47
N GLN A 1278 -27.37 7.02 -25.67
CA GLN A 1278 -28.68 7.23 -26.27
C GLN A 1278 -28.69 7.02 -27.78
N ILE A 1279 -27.63 6.46 -28.36
CA ILE A 1279 -27.61 6.17 -29.79
C ILE A 1279 -27.18 4.72 -30.02
N GLY A 1280 -27.17 3.92 -28.95
CA GLY A 1280 -26.73 2.55 -29.10
C GLY A 1280 -25.39 2.25 -28.48
N VAL A 1281 -24.34 2.20 -29.31
CA VAL A 1281 -23.04 1.71 -28.91
C VAL A 1281 -22.57 2.37 -27.62
N VAL A 1282 -21.86 1.61 -26.80
CA VAL A 1282 -21.35 2.07 -25.51
C VAL A 1282 -19.84 2.28 -25.63
N PRO A 1283 -19.30 3.40 -25.11
CA PRO A 1283 -17.86 3.64 -25.21
C PRO A 1283 -17.04 2.64 -24.41
N SER A 1284 -16.31 1.77 -25.10
CA SER A 1284 -15.48 0.76 -24.46
C SER A 1284 -13.99 1.07 -24.61
N HIS A 1285 -13.52 1.24 -25.83
CA HIS A 1285 -12.12 1.51 -26.11
C HIS A 1285 -11.96 2.90 -26.69
N VAL A 1286 -11.01 3.67 -26.16
CA VAL A 1286 -10.73 5.02 -26.61
C VAL A 1286 -9.30 5.06 -27.12
N SER A 1287 -9.10 5.63 -28.31
CA SER A 1287 -7.79 5.75 -28.90
C SER A 1287 -7.63 7.16 -29.46
N SER A 1288 -6.47 7.77 -29.18
CA SER A 1288 -6.20 9.10 -29.66
C SER A 1288 -4.71 9.25 -29.86
N ILE A 1289 -4.32 10.28 -30.63
CA ILE A 1289 -2.91 10.55 -30.88
C ILE A 1289 -2.25 11.29 -29.73
N LEU A 1290 -3.01 11.69 -28.71
CA LEU A 1290 -2.51 12.67 -27.75
C LEU A 1290 -1.77 12.03 -26.58
N ASP A 1291 -2.26 10.90 -26.06
CA ASP A 1291 -1.76 10.39 -24.79
C ASP A 1291 -0.57 9.48 -24.99
N MET A 1292 0.44 9.65 -24.13
CA MET A 1292 1.52 8.70 -23.95
C MET A 1292 1.30 7.98 -22.63
N GLY A 1293 1.28 6.64 -22.68
CA GLY A 1293 1.00 5.84 -21.51
C GLY A 1293 1.83 6.23 -20.30
N GLN A 1294 1.15 6.72 -19.25
CA GLN A 1294 1.84 7.22 -18.07
C GLN A 1294 2.60 6.09 -17.39
N GLY A 1295 3.93 6.10 -17.51
CA GLY A 1295 4.75 5.02 -17.03
C GLY A 1295 5.05 3.95 -18.05
N ILE A 1296 4.48 4.05 -19.25
CA ILE A 1296 4.73 3.05 -20.29
C ILE A 1296 6.02 3.37 -21.03
N LEU A 1297 6.07 4.52 -21.69
CA LEU A 1297 7.29 4.98 -22.36
C LEU A 1297 8.12 5.86 -21.45
N HIS A 1298 8.42 5.34 -20.26
CA HIS A 1298 9.07 6.15 -19.24
C HIS A 1298 10.50 6.52 -19.61
N ASN A 1299 11.16 5.69 -20.43
CA ASN A 1299 12.53 6.00 -20.83
C ASN A 1299 12.61 6.77 -22.14
N THR A 1300 11.67 6.56 -23.06
CA THR A 1300 11.64 7.37 -24.27
C THR A 1300 11.38 8.83 -23.94
N SER A 1301 10.42 9.08 -23.05
CA SER A 1301 10.15 10.44 -22.61
C SER A 1301 11.36 11.04 -21.90
N ASP A 1302 12.07 10.22 -21.13
CA ASP A 1302 13.28 10.72 -20.46
C ASP A 1302 14.33 11.13 -21.48
N PHE A 1303 14.55 10.30 -22.51
CA PHE A 1303 15.52 10.66 -23.55
C PHE A 1303 15.11 11.95 -24.24
N TYR A 1304 13.82 12.09 -24.57
CA TYR A 1304 13.35 13.30 -25.22
C TYR A 1304 13.55 14.52 -24.32
N ALA A 1305 13.24 14.38 -23.03
CA ALA A 1305 13.44 15.48 -22.10
C ALA A 1305 14.90 15.89 -22.03
N LEU A 1306 15.80 14.91 -21.97
CA LEU A 1306 17.23 15.20 -21.97
C LEU A 1306 17.63 15.96 -23.22
N ILE A 1307 17.29 15.42 -24.39
CA ILE A 1307 17.75 16.00 -25.64
C ILE A 1307 17.09 17.35 -25.93
N SER A 1308 15.94 17.63 -25.31
CA SER A 1308 15.31 18.93 -25.51
C SER A 1308 15.82 19.96 -24.52
N GLU A 1309 15.99 19.58 -23.25
CA GLU A 1309 16.56 20.51 -22.28
C GLU A 1309 17.97 20.90 -22.66
N ARG A 1310 18.74 19.97 -23.25
CA ARG A 1310 20.08 20.33 -23.71
C ARG A 1310 20.01 21.41 -24.77
N PHE A 1311 19.07 21.30 -25.71
CA PHE A 1311 18.93 22.32 -26.74
C PHE A 1311 18.47 23.64 -26.14
N ILE A 1312 17.58 23.58 -25.14
CA ILE A 1312 17.09 24.82 -24.53
C ILE A 1312 18.23 25.55 -23.83
N ASN A 1313 19.04 24.81 -23.07
CA ASN A 1313 20.19 25.42 -22.43
C ASN A 1313 21.21 25.91 -23.45
N TYR A 1314 21.36 25.20 -24.58
CA TYR A 1314 22.24 25.68 -25.64
C TYR A 1314 21.73 27.00 -26.21
N ALA A 1315 20.42 27.12 -26.41
CA ALA A 1315 19.86 28.37 -26.90
C ALA A 1315 20.08 29.50 -25.92
N ILE A 1316 19.82 29.24 -24.63
CA ILE A 1316 20.02 30.27 -23.61
C ILE A 1316 21.48 30.72 -23.59
N SER A 1317 22.42 29.78 -23.68
CA SER A 1317 23.83 30.14 -23.74
C SER A 1317 24.17 30.90 -25.01
N CYS A 1318 23.46 30.60 -26.10
CA CYS A 1318 23.69 31.31 -27.36
C CYS A 1318 23.21 32.76 -27.27
N ILE A 1319 22.15 33.01 -26.50
CA ILE A 1319 21.59 34.35 -26.42
C ILE A 1319 22.35 35.18 -25.39
N CYS A 1320 22.32 34.77 -24.13
CA CYS A 1320 23.04 35.46 -23.07
C CYS A 1320 24.50 35.03 -23.08
N GLY A 1321 25.24 35.37 -22.03
CA GLY A 1321 26.63 34.99 -21.95
C GLY A 1321 26.93 34.05 -20.80
N GLY A 1322 25.95 33.21 -20.44
CA GLY A 1322 26.11 32.29 -19.34
C GLY A 1322 25.78 30.87 -19.77
N THR A 1323 26.11 29.93 -18.89
CA THR A 1323 25.88 28.52 -19.13
C THR A 1323 24.92 27.97 -18.08
N ILE A 1324 24.30 26.84 -18.41
CA ILE A 1324 23.35 26.18 -17.52
C ILE A 1324 23.66 24.68 -17.52
N ASP A 1325 23.63 24.07 -16.34
CA ASP A 1325 23.82 22.64 -16.20
C ASP A 1325 22.52 22.03 -15.69
N ALA A 1326 21.94 21.12 -16.47
CA ALA A 1326 20.61 20.60 -16.19
C ALA A 1326 20.68 19.10 -15.92
N TYR A 1327 19.90 18.67 -14.92
CA TYR A 1327 19.67 17.26 -14.67
C TYR A 1327 18.18 17.00 -14.64
N THR A 1328 17.78 15.81 -15.12
CA THR A 1328 16.37 15.52 -15.33
C THR A 1328 16.14 14.01 -15.35
N SER A 1329 15.03 13.57 -14.74
CA SER A 1329 14.58 12.18 -14.85
C SER A 1329 13.10 12.16 -15.24
N SER A 1330 12.84 12.37 -16.52
CA SER A 1330 11.60 12.05 -17.22
C SER A 1330 10.38 12.86 -16.77
N ASP A 1331 10.43 13.42 -15.56
CA ASP A 1331 9.58 14.54 -15.19
C ASP A 1331 10.24 15.25 -14.02
N ASP A 1332 11.19 16.14 -14.32
CA ASP A 1332 11.89 16.93 -13.32
C ASP A 1332 12.94 17.74 -14.06
N GLN A 1333 13.45 18.75 -13.38
CA GLN A 1333 14.53 19.57 -13.92
C GLN A 1333 15.18 20.26 -12.74
N ILE A 1334 16.49 20.10 -12.60
CA ILE A 1334 17.28 20.94 -11.72
C ILE A 1334 18.30 21.62 -12.61
N SER A 1335 18.18 22.93 -12.75
CA SER A 1335 19.02 23.71 -13.65
C SER A 1335 19.86 24.65 -12.81
N LEU A 1336 21.16 24.39 -12.74
CA LEU A 1336 22.09 25.25 -12.05
C LEU A 1336 22.65 26.27 -13.03
N PHE A 1337 22.54 27.55 -12.67
CA PHE A 1337 23.01 28.62 -13.53
C PHE A 1337 24.44 29.00 -13.18
N ASP A 1338 25.17 29.46 -14.18
CA ASP A 1338 26.55 29.87 -13.98
C ASP A 1338 26.57 31.21 -13.24
N GLN A 1339 27.78 31.62 -12.84
CA GLN A 1339 27.93 32.93 -12.18
C GLN A 1339 27.39 34.05 -13.04
N VAL A 1340 27.48 33.93 -14.37
CA VAL A 1340 27.03 35.00 -15.26
C VAL A 1340 25.55 35.29 -15.05
N LEU A 1341 24.73 34.24 -15.03
CA LEU A 1341 23.30 34.44 -14.88
C LEU A 1341 22.95 34.99 -13.50
N THR A 1342 23.71 34.57 -12.47
CA THR A 1342 23.46 35.08 -11.13
C THR A 1342 23.74 36.57 -11.05
N GLU A 1343 24.92 37.00 -11.52
CA GLU A 1343 25.21 38.43 -11.50
C GLU A 1343 24.28 39.20 -12.43
N LEU A 1344 23.77 38.55 -13.47
CA LEU A 1344 22.77 39.19 -14.33
C LEU A 1344 21.49 39.47 -13.57
N MET A 1345 20.94 38.46 -12.90
CA MET A 1345 19.77 38.65 -12.06
C MET A 1345 20.03 39.69 -10.97
N GLN A 1346 21.27 39.79 -10.49
CA GLN A 1346 21.60 40.82 -9.51
C GLN A 1346 21.51 42.22 -10.13
N ARG A 1347 22.17 42.42 -11.28
CA ARG A 1347 22.24 43.76 -11.85
C ARG A 1347 20.94 44.12 -12.57
N ASP A 1348 20.60 43.37 -13.62
CA ASP A 1348 19.47 43.69 -14.50
C ASP A 1348 18.37 42.67 -14.27
N PRO A 1349 17.42 42.93 -13.38
CA PRO A 1349 16.33 41.97 -13.18
C PRO A 1349 15.44 41.78 -14.39
N GLU A 1350 15.24 42.84 -15.19
CA GLU A 1350 14.35 42.74 -16.35
C GLU A 1350 14.92 41.77 -17.38
N GLU A 1351 16.22 41.85 -17.65
CA GLU A 1351 16.81 40.95 -18.64
C GLU A 1351 16.75 39.50 -18.17
N PHE A 1352 17.05 39.26 -16.89
CA PHE A 1352 16.97 37.90 -16.38
C PHE A 1352 15.53 37.37 -16.43
N LYS A 1353 14.56 38.23 -16.13
CA LYS A 1353 13.17 37.80 -16.16
C LYS A 1353 12.73 37.47 -17.57
N THR A 1354 13.09 38.32 -18.55
CA THR A 1354 12.71 38.02 -19.93
C THR A 1354 13.45 36.80 -20.45
N LEU A 1355 14.65 36.52 -19.93
CA LEU A 1355 15.34 35.29 -20.27
C LEU A 1355 14.58 34.07 -19.75
N ILE A 1356 14.19 34.11 -18.48
CA ILE A 1356 13.39 33.02 -17.91
C ILE A 1356 12.10 32.84 -18.70
N GLU A 1357 11.48 33.95 -19.11
CA GLU A 1357 10.23 33.86 -19.85
C GLU A 1357 10.44 33.25 -21.23
N PHE A 1358 11.54 33.63 -21.91
CA PHE A 1358 11.83 33.01 -23.20
C PHE A 1358 12.12 31.53 -23.03
N HIS A 1359 12.77 31.16 -21.91
CA HIS A 1359 12.99 29.74 -21.63
C HIS A 1359 11.66 29.01 -21.49
N TYR A 1360 10.72 29.61 -20.75
CA TYR A 1360 9.37 29.05 -20.64
C TYR A 1360 8.75 28.88 -22.02
N TYR A 1361 8.85 29.92 -22.86
CA TYR A 1361 8.26 29.88 -24.19
C TYR A 1361 8.85 28.76 -25.02
N MET A 1362 10.18 28.61 -24.98
CA MET A 1362 10.83 27.53 -25.72
C MET A 1362 10.36 26.17 -25.22
N SER A 1363 10.44 25.95 -23.90
CA SER A 1363 10.00 24.67 -23.33
C SER A 1363 8.56 24.36 -23.70
N ASP A 1364 7.73 25.38 -23.85
CA ASP A 1364 6.36 25.15 -24.30
C ASP A 1364 6.33 24.78 -25.78
N GLN A 1365 7.19 25.41 -26.59
CA GLN A 1365 7.22 25.13 -28.01
C GLN A 1365 7.65 23.69 -28.31
N LEU A 1366 8.35 23.04 -27.37
CA LEU A 1366 8.74 21.65 -27.52
C LEU A 1366 7.89 20.72 -26.67
N ASN A 1367 6.68 21.13 -26.33
CA ASN A 1367 5.70 20.29 -25.62
C ASN A 1367 6.22 19.88 -24.25
N LYS A 1368 6.78 20.85 -23.52
CA LYS A 1368 7.21 20.65 -22.13
C LYS A 1368 6.64 21.81 -21.32
N PHE A 1369 5.42 21.63 -20.83
CA PHE A 1369 4.72 22.70 -20.12
C PHE A 1369 5.23 22.77 -18.68
N VAL A 1370 5.94 23.85 -18.35
CA VAL A 1370 6.46 24.03 -17.00
C VAL A 1370 5.31 24.14 -16.03
N SER A 1371 5.41 23.41 -14.91
CA SER A 1371 4.33 23.38 -13.93
C SER A 1371 4.41 24.59 -13.00
N PRO A 1372 3.26 25.11 -12.56
CA PRO A 1372 3.26 26.25 -11.64
C PRO A 1372 3.86 25.96 -10.28
N LYS A 1373 4.36 24.75 -10.08
CA LYS A 1373 5.03 24.36 -8.84
C LYS A 1373 6.54 24.48 -8.93
N SER A 1374 7.04 25.24 -9.89
CA SER A 1374 8.47 25.38 -10.14
C SER A 1374 8.95 26.75 -9.66
N VAL A 1375 10.14 26.79 -9.05
CA VAL A 1375 10.66 28.02 -8.48
C VAL A 1375 12.08 28.26 -8.97
N ILE A 1376 12.53 29.50 -8.78
CA ILE A 1376 13.86 29.96 -9.13
C ILE A 1376 14.42 30.68 -7.92
N GLY A 1377 15.49 30.15 -7.33
CA GLY A 1377 15.98 30.78 -6.12
C GLY A 1377 17.43 30.47 -5.84
N ARG A 1378 17.96 31.18 -4.85
CA ARG A 1378 19.33 31.00 -4.38
C ARG A 1378 19.38 30.44 -2.97
N PHE A 1379 18.29 29.83 -2.50
CA PHE A 1379 18.20 29.37 -1.12
C PHE A 1379 17.97 27.87 -1.01
N VAL A 1380 17.18 27.28 -1.91
CA VAL A 1380 16.92 25.86 -1.90
C VAL A 1380 17.05 25.31 -3.31
N ALA A 1381 17.05 23.99 -3.40
CA ALA A 1381 17.08 23.30 -4.68
C ALA A 1381 16.55 21.90 -4.46
N GLU A 1382 15.45 21.55 -5.10
CA GLU A 1382 14.84 20.24 -4.96
C GLU A 1382 15.07 19.43 -6.23
N PHE A 1383 15.18 18.11 -6.04
CA PHE A 1383 15.29 17.19 -7.17
C PHE A 1383 14.82 15.83 -6.67
N LYS A 1384 13.71 15.34 -7.23
CA LYS A 1384 13.10 14.10 -6.78
C LYS A 1384 12.92 14.09 -5.26
N SER A 1385 12.40 15.22 -4.75
CA SER A 1385 12.11 15.39 -3.33
C SER A 1385 13.37 15.23 -2.48
N ARG A 1386 14.40 15.98 -2.83
CA ARG A 1386 15.67 15.97 -2.10
C ARG A 1386 16.14 17.43 -1.99
N PHE A 1387 15.73 18.10 -0.92
CA PHE A 1387 16.00 19.52 -0.76
C PHE A 1387 17.39 19.74 -0.18
N TYR A 1388 17.98 20.88 -0.55
CA TYR A 1388 19.31 21.24 -0.07
C TYR A 1388 19.39 22.74 0.17
N VAL A 1389 19.81 23.13 1.37
CA VAL A 1389 20.01 24.53 1.70
C VAL A 1389 21.48 24.75 2.02
N TRP A 1390 21.87 25.99 2.28
CA TRP A 1390 23.27 26.29 2.53
C TRP A 1390 23.68 25.80 3.91
N GLY A 1391 24.80 25.10 3.98
CA GLY A 1391 25.37 24.69 5.25
C GLY A 1391 24.59 23.56 5.90
N ASP A 1392 23.38 23.87 6.34
CA ASP A 1392 22.53 22.87 6.97
C ASP A 1392 21.93 21.93 5.93
N GLU A 1393 21.40 20.81 6.39
CA GLU A 1393 20.69 19.86 5.55
C GLU A 1393 19.33 19.60 6.14
N VAL A 1394 18.32 19.49 5.27
CA VAL A 1394 16.92 19.46 5.67
C VAL A 1394 16.46 18.00 5.68
N PRO A 1395 16.14 17.42 6.82
CA PRO A 1395 15.55 16.08 6.86
C PRO A 1395 14.04 16.12 6.78
N LEU A 1396 13.48 15.09 6.16
CA LEU A 1396 12.03 14.92 6.07
C LEU A 1396 11.57 13.98 7.17
N LEU A 1397 11.64 14.50 8.40
CA LEU A 1397 11.36 13.70 9.59
C LEU A 1397 9.97 13.07 9.53
N THR A 1398 8.94 13.91 9.43
CA THR A 1398 7.57 13.40 9.47
C THR A 1398 7.31 12.42 8.35
N LYS A 1399 7.95 12.60 7.19
CA LYS A 1399 7.75 11.67 6.09
C LYS A 1399 8.17 10.26 6.48
N PHE A 1400 9.38 10.11 7.02
CA PHE A 1400 9.86 8.79 7.38
C PHE A 1400 9.13 8.24 8.59
N VAL A 1401 8.77 9.09 9.55
CA VAL A 1401 8.02 8.63 10.71
C VAL A 1401 6.67 8.08 10.28
N ALA A 1402 5.98 8.78 9.37
CA ALA A 1402 4.69 8.31 8.89
C ALA A 1402 4.83 7.08 8.01
N ALA A 1403 5.93 6.96 7.27
CA ALA A 1403 6.15 5.76 6.49
C ALA A 1403 6.42 4.56 7.40
N ALA A 1404 7.01 4.79 8.56
CA ALA A 1404 7.28 3.70 9.49
C ALA A 1404 6.08 3.36 10.35
N LEU A 1405 5.19 4.32 10.61
CA LEU A 1405 4.06 4.06 11.50
C LEU A 1405 3.11 3.02 10.92
N HIS A 1406 2.69 3.21 9.68
CA HIS A 1406 1.84 2.23 8.99
C HIS A 1406 2.67 1.60 7.87
N ASN A 1407 3.47 0.60 8.25
CA ASN A 1407 4.23 -0.22 7.31
C ASN A 1407 4.26 -1.67 7.78
N ILE A 1408 3.13 -2.17 8.26
CA ILE A 1408 3.04 -3.56 8.70
C ILE A 1408 2.16 -4.33 7.73
N LYS A 1409 2.41 -5.63 7.66
CA LYS A 1409 1.69 -6.53 6.77
C LYS A 1409 1.26 -7.76 7.56
N CYS A 1410 0.61 -8.70 6.87
CA CYS A 1410 0.21 -9.97 7.48
C CYS A 1410 1.24 -11.01 7.06
N LYS A 1411 2.38 -10.99 7.75
CA LYS A 1411 3.49 -11.88 7.44
C LYS A 1411 4.10 -12.39 8.73
N GLU A 1412 5.06 -13.29 8.60
CA GLU A 1412 5.72 -13.87 9.76
C GLU A 1412 6.44 -12.78 10.54
N PRO A 1413 6.31 -12.73 11.87
CA PRO A 1413 6.85 -11.59 12.63
C PRO A 1413 8.32 -11.29 12.37
N HIS A 1414 9.16 -12.31 12.20
CA HIS A 1414 10.57 -12.04 11.93
C HIS A 1414 10.81 -11.45 10.55
N GLN A 1415 9.79 -11.33 9.72
CA GLN A 1415 9.87 -10.57 8.47
C GLN A 1415 9.35 -9.16 8.60
N LEU A 1416 8.27 -8.96 9.37
CA LEU A 1416 7.83 -7.61 9.70
C LEU A 1416 8.93 -6.86 10.42
N ALA A 1417 9.60 -7.53 11.36
CA ALA A 1417 10.68 -6.88 12.10
C ALA A 1417 11.82 -6.48 11.18
N GLU A 1418 12.18 -7.36 10.23
CA GLU A 1418 13.24 -7.03 9.29
C GLU A 1418 12.84 -5.87 8.39
N THR A 1419 11.58 -5.83 7.94
CA THR A 1419 11.12 -4.74 7.10
C THR A 1419 11.16 -3.41 7.85
N ILE A 1420 10.68 -3.41 9.11
CA ILE A 1420 10.74 -2.19 9.91
C ILE A 1420 12.18 -1.79 10.16
N ASP A 1421 13.07 -2.77 10.31
CA ASP A 1421 14.48 -2.44 10.54
C ASP A 1421 15.09 -1.79 9.31
N THR A 1422 14.78 -2.30 8.12
CA THR A 1422 15.28 -1.66 6.89
C THR A 1422 14.72 -0.26 6.73
N ILE A 1423 13.42 -0.08 7.01
CA ILE A 1423 12.81 1.24 6.91
C ILE A 1423 13.50 2.21 7.87
N ILE A 1424 13.73 1.77 9.10
CA ILE A 1424 14.33 2.66 10.09
C ILE A 1424 15.79 2.93 9.78
N ASP A 1425 16.51 1.96 9.19
CA ASP A 1425 17.87 2.22 8.74
C ASP A 1425 17.89 3.29 7.66
N GLN A 1426 17.03 3.13 6.65
CA GLN A 1426 16.88 4.16 5.62
C GLN A 1426 16.52 5.50 6.23
N SER A 1427 15.76 5.50 7.32
CA SER A 1427 15.38 6.74 7.99
C SER A 1427 16.59 7.40 8.65
N VAL A 1428 17.28 6.65 9.52
CA VAL A 1428 18.45 7.20 10.21
C VAL A 1428 19.50 7.65 9.21
N ALA A 1429 19.53 7.04 8.03
CA ALA A 1429 20.42 7.54 6.99
C ALA A 1429 19.97 8.88 6.42
N ASN A 1430 18.93 9.51 6.98
CA ASN A 1430 18.41 10.77 6.44
C ASN A 1430 18.14 11.79 7.54
N GLY A 1431 18.86 11.72 8.64
CA GLY A 1431 18.83 12.75 9.66
C GLY A 1431 17.84 12.56 10.79
N VAL A 1432 16.99 11.55 10.73
CA VAL A 1432 16.05 11.30 11.83
C VAL A 1432 16.82 10.86 13.07
N PRO A 1433 16.59 11.46 14.24
CA PRO A 1433 17.31 11.03 15.44
C PRO A 1433 16.93 9.62 15.86
N VAL A 1434 17.86 8.95 16.53
CA VAL A 1434 17.62 7.57 16.96
C VAL A 1434 16.70 7.47 18.16
N HIS A 1435 16.63 8.53 18.99
CA HIS A 1435 15.72 8.51 20.14
C HIS A 1435 14.26 8.37 19.71
N LEU A 1436 13.96 8.63 18.44
CA LEU A 1436 12.63 8.43 17.88
C LEU A 1436 12.49 7.09 17.17
N CYS A 1437 13.57 6.62 16.55
CA CYS A 1437 13.53 5.30 15.91
C CYS A 1437 13.39 4.20 16.94
N ASN A 1438 14.03 4.36 18.10
CA ASN A 1438 13.82 3.42 19.20
C ASN A 1438 12.35 3.36 19.59
N LEU A 1439 11.67 4.51 19.60
CA LEU A 1439 10.26 4.53 19.98
C LEU A 1439 9.39 3.89 18.88
N ILE A 1440 9.76 4.09 17.62
CA ILE A 1440 9.05 3.41 16.54
C ILE A 1440 9.17 1.90 16.68
N GLN A 1441 10.39 1.42 17.00
CA GLN A 1441 10.59 0.00 17.20
C GLN A 1441 9.82 -0.51 18.41
N LYS A 1442 9.79 0.27 19.49
CA LYS A 1442 8.98 -0.09 20.65
C LYS A 1442 7.50 -0.19 20.28
N ARG A 1443 7.04 0.70 19.40
CA ARG A 1443 5.65 0.62 18.95
C ARG A 1443 5.40 -0.66 18.18
N THR A 1444 6.34 -1.05 17.31
CA THR A 1444 6.17 -2.31 16.58
C THR A 1444 6.14 -3.49 17.53
N LEU A 1445 7.02 -3.49 18.54
CA LEU A 1445 7.02 -4.56 19.52
C LEU A 1445 5.72 -4.58 20.31
N SER A 1446 5.16 -3.42 20.61
CA SER A 1446 3.87 -3.38 21.30
C SER A 1446 2.75 -3.91 20.42
N LEU A 1447 2.81 -3.60 19.13
CA LEU A 1447 1.84 -4.14 18.18
C LEU A 1447 1.90 -5.66 18.14
N LEU A 1448 3.11 -6.21 18.26
CA LEU A 1448 3.24 -7.67 18.30
C LEU A 1448 2.74 -8.22 19.63
N GLN A 1449 3.15 -7.63 20.75
CA GLN A 1449 2.72 -8.08 22.07
C GLN A 1449 1.21 -8.06 22.21
N TYR A 1450 0.53 -7.11 21.55
CA TYR A 1450 -0.93 -7.10 21.59
C TYR A 1450 -1.51 -8.32 20.90
N ALA A 1451 -0.87 -8.80 19.85
CA ALA A 1451 -1.35 -9.96 19.11
C ALA A 1451 -1.02 -11.28 19.81
N ARG A 1452 -0.62 -11.23 21.08
CA ARG A 1452 -0.32 -12.41 21.88
C ARG A 1452 0.76 -13.27 21.21
N TYR A 1453 1.96 -12.67 21.10
CA TYR A 1453 3.08 -13.34 20.46
C TYR A 1453 4.34 -13.07 21.29
N PRO A 1454 5.13 -14.11 21.60
CA PRO A 1454 6.32 -13.90 22.42
C PRO A 1454 7.40 -13.18 21.65
N ILE A 1455 8.17 -12.36 22.36
CA ILE A 1455 9.22 -11.54 21.76
C ILE A 1455 10.54 -12.26 21.92
N ASP A 1456 11.15 -12.64 20.79
CA ASP A 1456 12.43 -13.33 20.70
C ASP A 1456 13.56 -12.32 20.56
N PRO A 1457 14.75 -12.64 21.09
CA PRO A 1457 15.88 -11.73 20.92
C PRO A 1457 16.20 -11.39 19.48
N PHE A 1458 15.88 -12.28 18.54
CA PHE A 1458 16.17 -12.02 17.13
C PHE A 1458 14.99 -11.33 16.43
N LEU A 1459 14.45 -10.28 17.05
CA LEU A 1459 13.36 -9.53 16.45
C LEU A 1459 13.73 -8.07 16.19
N LEU A 1460 14.10 -7.33 17.22
CA LEU A 1460 14.39 -5.90 17.11
C LEU A 1460 15.13 -5.47 18.36
N ASN A 1461 16.05 -4.52 18.20
CA ASN A 1461 16.83 -3.98 19.29
C ASN A 1461 16.37 -2.55 19.53
N CYS A 1462 15.54 -2.34 20.54
CA CYS A 1462 15.07 -0.99 20.85
C CYS A 1462 15.95 -0.31 21.88
N GLU A 1463 17.28 -0.37 21.69
CA GLU A 1463 18.19 0.46 22.47
C GLU A 1463 19.40 0.89 21.65
N THR A 1464 19.23 1.06 20.34
CA THR A 1464 20.37 1.24 19.46
C THR A 1464 21.07 2.57 19.72
N ASP A 1465 22.19 2.76 19.02
CA ASP A 1465 22.92 4.02 19.04
C ASP A 1465 23.25 4.40 17.61
N VAL A 1466 24.09 5.43 17.43
CA VAL A 1466 24.37 5.90 16.07
C VAL A 1466 25.24 4.88 15.33
N ARG A 1467 26.24 4.33 16.00
CA ARG A 1467 27.14 3.37 15.35
C ARG A 1467 26.38 2.15 14.84
N ASP A 1468 25.32 1.75 15.52
CA ASP A 1468 24.60 0.53 15.15
C ASP A 1468 23.82 0.67 13.85
N TRP A 1469 23.80 1.85 13.24
CA TRP A 1469 23.16 2.04 11.94
C TRP A 1469 24.13 2.48 10.85
N VAL A 1470 25.20 3.20 11.19
CA VAL A 1470 26.19 3.60 10.20
C VAL A 1470 27.25 2.53 10.03
N ASP A 1471 27.77 1.97 11.13
CA ASP A 1471 28.77 0.91 11.04
C ASP A 1471 28.10 -0.45 10.87
N GLY A 1472 27.30 -0.86 11.85
CA GLY A 1472 26.71 -2.18 11.86
C GLY A 1472 25.64 -2.36 10.80
N ASN A 1473 25.07 -3.56 10.77
CA ASN A 1473 24.02 -3.91 9.85
C ASN A 1473 22.94 -4.67 10.61
N ARG A 1474 22.03 -5.31 9.86
CA ARG A 1474 20.90 -6.01 10.47
C ARG A 1474 21.34 -6.97 11.57
N SER A 1475 22.39 -7.75 11.30
CA SER A 1475 22.84 -8.77 12.23
C SER A 1475 23.83 -8.25 13.28
N TYR A 1476 24.18 -6.97 13.25
CA TYR A 1476 25.05 -6.44 14.29
C TYR A 1476 24.27 -5.93 15.49
N ARG A 1477 23.14 -5.25 15.24
CA ARG A 1477 22.31 -4.81 16.36
C ARG A 1477 21.72 -5.99 17.10
N ILE A 1478 21.53 -7.12 16.41
CA ILE A 1478 21.11 -8.35 17.08
C ILE A 1478 22.18 -8.82 18.05
N MET A 1479 23.43 -8.80 17.63
CA MET A 1479 24.54 -9.12 18.53
C MET A 1479 24.54 -8.17 19.72
N ARG A 1480 24.35 -6.88 19.46
CA ARG A 1480 24.29 -5.90 20.54
C ARG A 1480 23.20 -6.27 21.55
N GLN A 1481 22.01 -6.61 21.03
CA GLN A 1481 20.90 -6.95 21.90
C GLN A 1481 21.20 -8.18 22.74
N ILE A 1482 21.73 -9.23 22.11
CA ILE A 1482 22.03 -10.46 22.83
C ILE A 1482 23.07 -10.20 23.90
N GLU A 1483 24.10 -9.42 23.58
CA GLU A 1483 25.10 -9.04 24.58
C GLU A 1483 24.46 -8.29 25.74
N ARG A 1484 23.50 -7.42 25.44
CA ARG A 1484 22.80 -6.71 26.50
C ARG A 1484 21.97 -7.66 27.36
N LEU A 1485 21.43 -8.72 26.76
CA LEU A 1485 20.60 -9.66 27.51
C LEU A 1485 21.45 -10.47 28.49
N ILE A 1486 22.50 -11.13 27.99
CA ILE A 1486 23.33 -11.98 28.82
C ILE A 1486 24.77 -11.47 28.82
N PRO A 1487 25.08 -10.43 29.59
CA PRO A 1487 26.48 -10.01 29.72
C PRO A 1487 27.28 -11.02 30.53
N ASP A 1488 28.60 -10.86 30.48
CA ASP A 1488 29.58 -11.70 31.17
C ASP A 1488 29.62 -13.13 30.62
N ALA A 1489 28.75 -13.46 29.67
CA ALA A 1489 28.74 -14.76 29.01
C ALA A 1489 29.11 -14.68 27.53
N CYS A 1490 28.70 -13.60 26.86
CA CYS A 1490 29.13 -13.39 25.48
C CYS A 1490 30.59 -12.98 25.40
N GLY A 1491 31.11 -12.34 26.45
CA GLY A 1491 32.52 -11.97 26.44
C GLY A 1491 33.45 -13.15 26.25
N ARG A 1492 33.22 -14.22 27.02
CA ARG A 1492 33.98 -15.45 26.87
C ARG A 1492 33.71 -16.16 25.55
N ILE A 1493 32.79 -15.66 24.73
CA ILE A 1493 32.58 -16.17 23.39
C ILE A 1493 33.30 -15.32 22.35
N ARG A 1494 33.27 -13.99 22.52
CA ARG A 1494 34.07 -13.13 21.66
C ARG A 1494 35.56 -13.40 21.84
N SER A 1495 35.99 -13.73 23.05
CA SER A 1495 37.39 -14.09 23.28
C SER A 1495 37.79 -15.27 22.39
N MET A 1496 36.94 -16.29 22.31
CA MET A 1496 37.25 -17.43 21.45
C MET A 1496 37.12 -17.06 19.98
N LEU A 1497 36.13 -16.24 19.65
CA LEU A 1497 35.89 -15.89 18.25
C LEU A 1497 37.01 -15.07 17.66
N ARG A 1498 37.70 -14.26 18.48
CA ARG A 1498 38.83 -13.50 17.97
C ARG A 1498 39.94 -14.44 17.50
N LYS A 1499 40.30 -15.41 18.35
CA LYS A 1499 41.31 -16.39 17.96
C LYS A 1499 40.85 -17.22 16.78
N LEU A 1500 39.57 -17.58 16.74
CA LEU A 1500 39.05 -18.36 15.63
C LEU A 1500 39.16 -17.60 14.31
N TYR A 1501 38.83 -16.30 14.34
CA TYR A 1501 38.93 -15.48 13.14
C TYR A 1501 40.39 -15.30 12.73
N ASN A 1502 41.29 -15.15 13.70
CA ASN A 1502 42.71 -15.08 13.40
C ASN A 1502 43.16 -16.34 12.67
N LYS A 1503 42.77 -17.51 13.19
CA LYS A 1503 43.16 -18.77 12.56
C LYS A 1503 42.56 -18.92 11.18
N LEU A 1504 41.30 -18.50 11.00
CA LEU A 1504 40.67 -18.62 9.70
C LEU A 1504 41.25 -17.65 8.68
N LYS A 1505 41.73 -16.49 9.14
CA LYS A 1505 42.30 -15.51 8.22
C LYS A 1505 43.74 -15.86 7.84
N THR A 1506 44.52 -16.36 8.79
CA THR A 1506 45.86 -16.83 8.45
C THR A 1506 45.82 -18.06 7.56
N GLY A 1507 44.69 -18.75 7.49
CA GLY A 1507 44.54 -19.91 6.64
C GLY A 1507 44.97 -21.20 7.31
N GLN A 1508 44.57 -21.40 8.56
CA GLN A 1508 44.98 -22.58 9.29
C GLN A 1508 44.19 -23.81 8.84
N LEU A 1509 42.86 -23.79 9.03
CA LEU A 1509 42.03 -24.92 8.66
C LEU A 1509 41.02 -24.56 7.57
N HIS A 1510 40.12 -23.62 7.84
CA HIS A 1510 39.12 -23.12 6.89
C HIS A 1510 38.12 -24.20 6.49
N GLU A 1511 38.34 -25.44 6.91
CA GLU A 1511 37.42 -26.53 6.64
C GLU A 1511 37.15 -27.43 7.83
N GLU A 1512 38.08 -27.56 8.78
CA GLU A 1512 37.80 -28.32 9.99
C GLU A 1512 36.60 -27.76 10.73
N PHE A 1513 36.49 -26.43 10.79
CA PHE A 1513 35.36 -25.81 11.48
C PHE A 1513 34.07 -25.99 10.68
N THR A 1514 34.09 -25.67 9.38
CA THR A 1514 32.88 -25.70 8.58
C THR A 1514 32.27 -27.09 8.44
N THR A 1515 32.96 -28.14 8.89
CA THR A 1515 32.44 -29.50 8.83
C THR A 1515 32.28 -30.12 10.21
N ASN A 1516 33.29 -30.02 11.07
CA ASN A 1516 33.27 -30.69 12.36
C ASN A 1516 32.38 -29.99 13.38
N TYR A 1517 31.94 -28.76 13.11
CA TYR A 1517 31.09 -28.03 14.04
C TYR A 1517 29.90 -27.36 13.40
N LEU A 1518 29.93 -27.06 12.10
CA LEU A 1518 28.77 -26.52 11.41
C LEU A 1518 27.81 -27.58 10.91
N SER A 1519 28.24 -28.85 10.89
CA SER A 1519 27.41 -29.98 10.51
C SER A 1519 27.46 -31.03 11.60
N SER A 1520 27.28 -30.58 12.84
CA SER A 1520 27.42 -31.43 14.02
C SER A 1520 26.45 -30.93 15.08
N GLU A 1521 26.69 -31.33 16.34
CA GLU A 1521 25.84 -30.92 17.45
C GLU A 1521 25.95 -29.41 17.69
N HIS A 1522 25.23 -28.93 18.70
CA HIS A 1522 25.14 -27.50 18.97
C HIS A 1522 25.96 -27.09 20.18
N LEU A 1523 25.70 -27.67 21.35
CA LEU A 1523 26.34 -27.24 22.58
C LEU A 1523 27.51 -28.14 22.97
N SER A 1524 27.31 -29.47 22.92
CA SER A 1524 28.42 -30.39 23.07
C SER A 1524 29.49 -30.15 22.01
N SER A 1525 29.10 -29.60 20.86
CA SER A 1525 30.09 -29.16 19.88
C SER A 1525 30.65 -27.79 20.22
N LEU A 1526 29.85 -26.92 20.84
CA LEU A 1526 30.33 -25.58 21.16
C LEU A 1526 31.44 -25.63 22.20
N SER A 1527 31.25 -26.42 23.26
CA SER A 1527 32.29 -26.54 24.28
C SER A 1527 33.55 -27.17 23.70
N ASN A 1528 33.38 -28.22 22.88
CA ASN A 1528 34.54 -28.82 22.23
C ASN A 1528 35.27 -27.83 21.34
N LEU A 1529 34.52 -26.95 20.67
CA LEU A 1529 35.14 -25.97 19.78
C LEU A 1529 35.91 -24.93 20.58
N CYS A 1530 35.32 -24.43 21.66
CA CYS A 1530 36.00 -23.39 22.43
C CYS A 1530 37.16 -23.95 23.25
N GLU A 1531 37.16 -25.26 23.54
CA GLU A 1531 38.32 -25.87 24.17
C GLU A 1531 39.37 -26.31 23.15
N LEU A 1532 38.99 -26.47 21.89
CA LEU A 1532 39.96 -26.73 20.83
C LEU A 1532 41.00 -25.62 20.75
N LEU A 1533 40.59 -24.38 21.03
CA LEU A 1533 41.49 -23.26 21.10
C LEU A 1533 42.03 -23.14 22.53
N GLY A 1534 42.69 -22.02 22.83
CA GLY A 1534 43.32 -21.87 24.12
C GLY A 1534 42.55 -21.00 25.11
N VAL A 1535 41.23 -21.08 25.08
CA VAL A 1535 40.39 -20.26 25.95
C VAL A 1535 39.56 -21.18 26.84
N GLU A 1536 39.16 -20.63 27.99
CA GLU A 1536 38.36 -21.38 28.94
C GLU A 1536 36.93 -21.52 28.42
N PRO A 1537 36.38 -22.73 28.40
CA PRO A 1537 34.99 -22.91 27.95
C PRO A 1537 34.02 -22.18 28.86
N PRO A 1538 32.80 -21.91 28.38
CA PRO A 1538 31.82 -21.21 29.22
C PRO A 1538 31.36 -22.07 30.38
N SER A 1539 30.79 -21.40 31.38
CA SER A 1539 30.28 -22.08 32.56
C SER A 1539 29.13 -23.01 32.19
N GLU A 1540 28.83 -23.93 33.09
CA GLU A 1540 27.71 -24.84 32.87
C GLU A 1540 26.38 -24.08 32.83
N SER A 1541 26.24 -23.06 33.67
CA SER A 1541 25.01 -22.27 33.70
C SER A 1541 25.09 -21.08 32.75
N ASP A 1542 25.55 -21.33 31.54
CA ASP A 1542 25.47 -20.42 30.39
C ASP A 1542 24.89 -21.11 29.17
N LEU A 1543 25.23 -22.38 28.95
CA LEU A 1543 24.64 -23.16 27.87
C LEU A 1543 23.15 -23.39 28.05
N GLU A 1544 22.61 -23.13 29.23
CA GLU A 1544 21.19 -23.34 29.46
C GLU A 1544 20.35 -22.17 28.97
N PHE A 1545 20.95 -21.00 28.75
CA PHE A 1545 20.21 -19.86 28.21
C PHE A 1545 19.75 -20.19 26.80
N SER A 1546 18.43 -20.35 26.64
CA SER A 1546 17.85 -20.70 25.35
C SER A 1546 16.67 -19.79 25.07
N TRP A 1547 16.39 -19.58 23.79
CA TRP A 1547 15.26 -18.76 23.38
C TRP A 1547 14.22 -19.63 22.69
N LEU A 1548 12.95 -19.31 22.94
CA LEU A 1548 11.84 -20.07 22.38
C LEU A 1548 11.72 -19.75 20.90
N ASN A 1549 11.88 -20.76 20.06
CA ASN A 1549 11.81 -20.58 18.61
C ASN A 1549 10.59 -21.33 18.10
N LEU A 1550 9.44 -20.65 18.08
CA LEU A 1550 8.31 -21.15 17.33
C LEU A 1550 8.70 -21.30 15.86
N ALA A 1551 7.94 -22.12 15.15
CA ALA A 1551 8.25 -22.43 13.76
C ALA A 1551 9.65 -23.03 13.63
N ALA A 1552 10.04 -23.84 14.63
CA ALA A 1552 11.31 -24.54 14.57
C ALA A 1552 11.26 -25.71 13.58
N HIS A 1553 10.09 -26.32 13.41
CA HIS A 1553 9.92 -27.38 12.43
C HIS A 1553 9.37 -26.90 11.10
N HIS A 1554 8.37 -26.01 11.12
CA HIS A 1554 7.76 -25.47 9.93
C HIS A 1554 7.26 -24.07 10.23
N PRO A 1555 7.32 -23.16 9.25
CA PRO A 1555 6.83 -21.80 9.50
C PRO A 1555 5.35 -21.79 9.83
N LEU A 1556 4.93 -20.71 10.49
CA LEU A 1556 3.55 -20.59 10.95
C LEU A 1556 2.58 -20.54 9.78
N ARG A 1557 1.37 -21.06 10.00
CA ARG A 1557 0.32 -20.99 8.99
C ARG A 1557 -0.38 -19.64 9.12
N MET A 1558 -0.26 -18.82 8.08
CA MET A 1558 -0.86 -17.50 8.09
C MET A 1558 -2.27 -17.54 7.52
N VAL A 1559 -3.19 -16.83 8.19
CA VAL A 1559 -4.57 -16.76 7.72
C VAL A 1559 -4.62 -16.01 6.40
N LEU A 1560 -5.40 -16.51 5.45
CA LEU A 1560 -5.45 -15.94 4.12
C LEU A 1560 -5.91 -14.49 4.14
N ARG A 1561 -5.01 -13.59 3.77
CA ARG A 1561 -5.37 -12.20 3.51
C ARG A 1561 -5.13 -11.81 2.05
N GLN A 1562 -4.70 -12.75 1.22
CA GLN A 1562 -4.40 -12.48 -0.18
C GLN A 1562 -4.41 -13.79 -0.93
N LYS A 1563 -5.08 -13.81 -2.09
CA LYS A 1563 -5.14 -15.01 -2.92
C LYS A 1563 -3.81 -15.19 -3.64
N ILE A 1564 -3.10 -16.27 -3.33
CA ILE A 1564 -1.80 -16.51 -3.94
C ILE A 1564 -2.02 -17.07 -5.35
N ILE A 1565 -1.32 -16.49 -6.32
CA ILE A 1565 -1.47 -16.84 -7.72
C ILE A 1565 -0.55 -18.00 -8.07
N TYR A 1566 -1.01 -18.88 -8.96
CA TYR A 1566 -0.24 -20.04 -9.38
C TYR A 1566 0.03 -19.99 -10.87
N GLU A 1575 9.27 -30.10 3.08
CA GLU A 1575 10.42 -30.31 3.95
C GLU A 1575 10.85 -29.00 4.63
N LYS A 1576 11.74 -29.12 5.60
CA LYS A 1576 12.26 -27.96 6.33
C LYS A 1576 13.31 -27.27 5.45
N VAL A 1577 12.80 -26.49 4.50
CA VAL A 1577 13.69 -25.78 3.57
C VAL A 1577 14.40 -24.65 4.33
N PRO A 1578 15.73 -24.55 4.24
CA PRO A 1578 16.42 -23.44 4.91
C PRO A 1578 15.97 -22.09 4.39
N THR A 1579 16.10 -21.07 5.24
CA THR A 1579 15.64 -19.74 4.87
C THR A 1579 16.45 -19.16 3.72
N ILE A 1580 17.76 -19.42 3.70
CA ILE A 1580 18.60 -18.95 2.60
C ILE A 1580 18.13 -19.55 1.28
N VAL A 1581 17.71 -20.82 1.31
CA VAL A 1581 17.22 -21.46 0.10
C VAL A 1581 15.96 -20.78 -0.41
N LYS A 1582 15.03 -20.45 0.50
CA LYS A 1582 13.82 -19.76 0.07
C LYS A 1582 14.13 -18.36 -0.42
N THR A 1583 15.14 -17.70 0.14
CA THR A 1583 15.54 -16.39 -0.36
C THR A 1583 16.09 -16.50 -1.77
N ILE A 1584 16.93 -17.49 -2.03
CA ILE A 1584 17.46 -17.69 -3.38
C ILE A 1584 16.32 -18.02 -4.34
N GLN A 1585 15.33 -18.79 -3.89
CA GLN A 1585 14.17 -19.09 -4.72
C GLN A 1585 13.41 -17.81 -5.07
N ASN A 1586 13.17 -16.96 -4.06
CA ASN A 1586 12.47 -15.70 -4.29
C ASN A 1586 13.22 -14.83 -5.29
N LYS A 1587 14.54 -14.69 -5.11
CA LYS A 1587 15.31 -13.81 -5.98
C LYS A 1587 15.38 -14.37 -7.40
N LEU A 1588 15.61 -15.67 -7.54
CA LEU A 1588 15.69 -16.29 -8.86
C LEU A 1588 14.36 -16.21 -9.61
N SER A 1589 13.25 -16.05 -8.91
CA SER A 1589 11.94 -16.03 -9.54
C SER A 1589 11.17 -14.76 -9.13
N PHE A 1609 -3.83 -10.06 -4.94
CA PHE A 1609 -4.75 -9.09 -4.34
C PHE A 1609 -4.62 -9.09 -2.82
N GLN A 1610 -3.69 -8.29 -2.30
CA GLN A 1610 -3.50 -8.17 -0.86
C GLN A 1610 -4.60 -7.30 -0.25
N SER A 1611 -4.50 -7.07 1.05
CA SER A 1611 -5.49 -6.31 1.80
C SER A 1611 -4.90 -4.99 2.29
N SER A 1612 -5.75 -4.18 2.92
CA SER A 1612 -5.32 -2.92 3.49
C SER A 1612 -4.43 -3.15 4.70
N ILE A 1613 -3.92 -2.06 5.26
CA ILE A 1613 -3.02 -2.17 6.41
C ILE A 1613 -3.79 -2.61 7.65
N ALA A 1614 -4.94 -1.97 7.91
CA ALA A 1614 -5.71 -2.32 9.08
C ALA A 1614 -6.26 -3.74 9.00
N SER A 1615 -6.79 -4.12 7.84
CA SER A 1615 -7.23 -5.49 7.64
C SER A 1615 -6.06 -6.46 7.78
N GLY A 1616 -4.87 -6.06 7.36
CA GLY A 1616 -3.71 -6.90 7.54
C GLY A 1616 -3.35 -7.09 9.00
N PHE A 1617 -3.43 -6.03 9.80
CA PHE A 1617 -3.18 -6.16 11.23
C PHE A 1617 -4.24 -7.04 11.89
N VAL A 1618 -5.49 -6.92 11.46
CA VAL A 1618 -6.54 -7.78 11.98
C VAL A 1618 -6.25 -9.23 11.64
N GLY A 1619 -5.83 -9.49 10.40
CA GLY A 1619 -5.47 -10.85 10.02
C GLY A 1619 -4.29 -11.38 10.80
N LEU A 1620 -3.33 -10.51 11.10
CA LEU A 1620 -2.18 -10.92 11.90
C LEU A 1620 -2.61 -11.30 13.32
N CYS A 1621 -3.45 -10.47 13.94
CA CYS A 1621 -3.96 -10.79 15.27
C CYS A 1621 -4.86 -12.03 15.23
N ARG A 1622 -5.46 -12.33 14.09
CA ARG A 1622 -6.31 -13.51 13.97
C ARG A 1622 -5.48 -14.77 13.84
N THR A 1623 -4.36 -14.69 13.10
CA THR A 1623 -3.47 -15.84 12.95
C THR A 1623 -2.91 -16.26 14.30
N LEU A 1624 -2.21 -15.34 14.96
CA LEU A 1624 -1.53 -15.67 16.21
C LEU A 1624 -2.57 -15.90 17.31
N GLY A 1625 -2.95 -17.15 17.51
CA GLY A 1625 -3.98 -17.51 18.46
C GLY A 1625 -5.00 -18.43 17.85
N SER A 1626 -4.72 -18.94 16.65
CA SER A 1626 -5.64 -19.79 15.91
C SER A 1626 -4.90 -20.98 15.31
N LYS A 1627 -4.12 -21.66 16.14
CA LYS A 1627 -3.33 -22.83 15.72
C LYS A 1627 -2.39 -22.48 14.57
N CYS A 1628 -1.45 -21.57 14.88
CA CYS A 1628 -0.49 -21.13 13.87
C CYS A 1628 0.75 -22.01 13.84
N VAL A 1629 1.28 -22.39 15.00
CA VAL A 1629 2.49 -23.21 15.02
C VAL A 1629 2.20 -24.59 14.44
N ARG A 1630 3.25 -25.27 14.01
CA ARG A 1630 3.14 -26.59 13.44
C ARG A 1630 4.06 -27.55 14.17
N GLY A 1631 3.56 -28.75 14.46
CA GLY A 1631 4.28 -29.71 15.27
C GLY A 1631 5.49 -30.28 14.57
N PRO A 1632 6.13 -31.27 15.22
CA PRO A 1632 7.36 -31.84 14.66
C PRO A 1632 7.18 -32.41 13.26
N ASN A 1633 6.30 -33.39 13.12
CA ASN A 1633 6.04 -33.97 11.79
C ASN A 1633 5.02 -33.13 11.02
N LYS A 1634 3.78 -33.11 11.49
CA LYS A 1634 2.72 -32.29 10.92
C LYS A 1634 1.60 -32.20 11.95
N GLU A 1635 1.37 -31.01 12.49
CA GLU A 1635 0.39 -30.81 13.56
C GLU A 1635 -0.04 -29.35 13.54
N SER A 1636 -0.71 -28.93 14.61
CA SER A 1636 -1.13 -27.55 14.79
C SER A 1636 -1.45 -27.34 16.26
N LEU A 1637 -0.85 -26.32 16.86
CA LEU A 1637 -1.06 -26.03 18.27
C LEU A 1637 -1.26 -24.54 18.45
N TYR A 1638 -2.02 -24.19 19.49
CA TYR A 1638 -2.13 -22.80 19.91
C TYR A 1638 -0.85 -22.39 20.64
N ILE A 1639 -0.43 -21.14 20.45
CA ILE A 1639 0.73 -20.64 21.16
C ILE A 1639 0.54 -20.77 22.66
N LYS A 1640 -0.68 -20.50 23.14
CA LYS A 1640 -0.99 -20.65 24.55
C LYS A 1640 -0.79 -22.10 25.02
N SER A 1641 -1.07 -23.07 24.15
CA SER A 1641 -0.84 -24.46 24.52
C SER A 1641 0.63 -24.73 24.74
N ILE A 1642 1.50 -24.16 23.90
CA ILE A 1642 2.93 -24.33 24.10
C ILE A 1642 3.39 -23.61 25.36
N GLN A 1643 2.84 -22.43 25.63
CA GLN A 1643 3.13 -21.74 26.89
C GLN A 1643 2.79 -22.64 28.08
N SER A 1644 1.63 -23.28 28.03
CA SER A 1644 1.22 -24.18 29.12
C SER A 1644 2.15 -25.37 29.24
N LEU A 1645 2.47 -26.01 28.12
CA LEU A 1645 3.37 -27.16 28.12
C LEU A 1645 4.73 -26.78 28.70
N ILE A 1646 5.18 -25.55 28.44
CA ILE A 1646 6.46 -25.10 29.02
C ILE A 1646 6.30 -24.86 30.51
N SER A 1647 5.19 -24.24 30.91
CA SER A 1647 4.95 -23.99 32.33
C SER A 1647 4.82 -25.28 33.13
N ASP A 1648 4.47 -26.39 32.48
CA ASP A 1648 4.33 -27.65 33.21
C ASP A 1648 5.66 -28.10 33.79
N ILE A 1649 6.72 -28.08 32.98
CA ILE A 1649 8.03 -28.55 33.40
C ILE A 1649 8.57 -27.57 34.45
N GLN A 1650 8.68 -28.03 35.70
CA GLN A 1650 9.10 -27.16 36.79
C GLN A 1650 10.62 -27.09 36.90
N GLY A 1651 11.29 -26.84 35.79
CA GLY A 1651 12.71 -26.54 35.81
C GLY A 1651 13.08 -25.45 34.83
N ILE A 1652 12.10 -25.04 34.02
CA ILE A 1652 12.32 -24.04 32.98
C ILE A 1652 11.98 -22.69 33.56
N GLU A 1653 12.94 -21.75 33.50
CA GLU A 1653 12.70 -20.44 34.09
C GLU A 1653 12.61 -19.39 33.00
N PRO A 1654 11.49 -18.69 32.88
CA PRO A 1654 11.42 -17.58 31.91
C PRO A 1654 12.17 -16.35 32.44
N LEU A 1655 12.57 -15.50 31.49
CA LEU A 1655 13.24 -14.26 31.82
C LEU A 1655 12.86 -13.23 30.78
N ILE A 1656 12.65 -12.00 31.23
CA ILE A 1656 12.18 -10.92 30.36
C ILE A 1656 13.00 -9.68 30.65
N ASP A 1657 13.33 -8.94 29.60
CA ASP A 1657 14.06 -7.69 29.72
C ASP A 1657 13.08 -6.53 29.87
N SER A 1658 13.62 -5.37 30.28
CA SER A 1658 12.78 -4.20 30.48
C SER A 1658 11.99 -3.84 29.22
N HIS A 1659 12.55 -4.06 28.04
CA HIS A 1659 11.85 -3.80 26.79
C HIS A 1659 10.86 -4.90 26.43
N GLY A 1660 10.84 -6.00 27.18
CA GLY A 1660 9.90 -7.07 26.93
C GLY A 1660 10.41 -8.20 26.08
N VAL A 1661 11.72 -8.39 25.98
CA VAL A 1661 12.29 -9.49 25.21
C VAL A 1661 12.32 -10.73 26.08
N GLN A 1662 11.88 -11.86 25.51
CA GLN A 1662 11.77 -13.12 26.24
C GLN A 1662 12.96 -14.01 25.94
N TYR A 1663 13.53 -14.60 26.98
CA TYR A 1663 14.49 -15.68 26.82
C TYR A 1663 14.42 -16.59 28.04
N TRP A 1664 14.68 -17.87 27.82
CA TRP A 1664 14.43 -18.88 28.83
C TRP A 1664 15.74 -19.47 29.35
N ARG A 1665 15.64 -20.12 30.50
CA ARG A 1665 16.74 -20.87 31.08
C ARG A 1665 16.27 -22.31 31.25
N VAL A 1666 16.81 -23.22 30.45
CA VAL A 1666 16.44 -24.62 30.44
C VAL A 1666 17.66 -25.46 30.84
N PRO A 1667 17.66 -26.08 32.02
CA PRO A 1667 18.81 -26.89 32.42
C PRO A 1667 19.03 -28.07 31.47
N LEU A 1668 20.21 -28.69 31.61
CA LEU A 1668 20.60 -29.72 30.66
C LEU A 1668 19.90 -31.05 30.92
N ASN A 1669 19.53 -31.33 32.17
CA ASN A 1669 18.84 -32.58 32.46
C ASN A 1669 17.47 -32.64 31.80
N ILE A 1670 16.83 -31.48 31.59
CA ILE A 1670 15.54 -31.45 30.91
C ILE A 1670 15.67 -31.55 29.40
N ARG A 1671 16.89 -31.44 28.86
CA ARG A 1671 17.09 -31.49 27.41
C ARG A 1671 16.61 -32.78 26.78
N ASP A 1672 16.32 -33.82 27.57
CA ASP A 1672 15.76 -35.06 27.05
C ASP A 1672 14.54 -35.49 27.86
N GLY A 1673 14.04 -36.69 27.57
CA GLY A 1673 12.85 -37.19 28.24
C GLY A 1673 11.57 -36.71 27.60
N ASN A 1674 11.21 -35.45 27.83
CA ASN A 1674 10.04 -34.84 27.23
C ASN A 1674 10.48 -34.01 26.02
N GLU A 1675 10.78 -34.72 24.93
CA GLU A 1675 11.27 -34.09 23.71
C GLU A 1675 10.14 -33.55 22.82
N GLY A 1676 8.95 -33.36 23.38
CA GLY A 1676 7.84 -32.85 22.60
C GLY A 1676 7.79 -31.33 22.58
N VAL A 1677 8.37 -30.71 23.59
CA VAL A 1677 8.36 -29.25 23.72
C VAL A 1677 9.76 -28.66 23.61
N ILE A 1678 10.77 -29.32 24.19
CA ILE A 1678 12.13 -28.82 24.15
C ILE A 1678 12.65 -28.68 22.72
N SER A 1679 12.00 -29.34 21.76
CA SER A 1679 12.36 -29.18 20.36
C SER A 1679 12.21 -27.75 19.87
N TYR A 1680 11.47 -26.91 20.59
CA TYR A 1680 11.21 -25.55 20.17
C TYR A 1680 12.22 -24.54 20.71
N PHE A 1681 13.09 -24.97 21.63
CA PHE A 1681 14.07 -24.07 22.21
C PHE A 1681 15.36 -24.13 21.40
N ARG A 1682 16.07 -23.00 21.36
CA ARG A 1682 17.35 -22.95 20.68
C ARG A 1682 18.41 -22.35 21.59
N PRO A 1683 19.64 -22.89 21.54
CA PRO A 1683 20.68 -22.44 22.48
C PRO A 1683 21.23 -21.07 22.16
N LEU A 1684 20.57 -20.04 22.70
CA LEU A 1684 20.86 -18.64 22.43
C LEU A 1684 22.34 -18.33 22.27
N LEU A 1685 23.17 -18.89 23.17
CA LEU A 1685 24.61 -18.61 23.11
C LEU A 1685 25.22 -19.07 21.80
N TRP A 1686 24.84 -20.27 21.34
CA TRP A 1686 25.43 -20.80 20.11
C TRP A 1686 24.96 -20.01 18.90
N ASP A 1687 23.69 -19.61 18.87
CA ASP A 1687 23.21 -18.77 17.78
C ASP A 1687 23.89 -17.41 17.80
N TYR A 1688 24.16 -16.87 18.98
CA TYR A 1688 24.93 -15.63 19.09
C TYR A 1688 26.33 -15.80 18.51
N MET A 1689 26.99 -16.90 18.86
CA MET A 1689 28.31 -17.18 18.31
C MET A 1689 28.27 -17.27 16.79
N CYS A 1690 27.29 -17.99 16.27
CA CYS A 1690 27.17 -18.17 14.82
C CYS A 1690 26.96 -16.83 14.12
N ILE A 1691 26.06 -16.00 14.64
CA ILE A 1691 25.81 -14.70 14.01
C ILE A 1691 27.02 -13.79 14.14
N SER A 1692 27.69 -13.82 15.30
CA SER A 1692 28.89 -13.00 15.48
C SER A 1692 29.97 -13.36 14.47
N LEU A 1693 30.19 -14.67 14.26
CA LEU A 1693 31.17 -15.08 13.26
C LEU A 1693 30.71 -14.70 11.85
N SER A 1694 29.42 -14.85 11.56
CA SER A 1694 28.91 -14.51 10.24
C SER A 1694 29.01 -13.02 9.95
N THR A 1695 29.04 -12.18 10.98
CA THR A 1695 29.25 -10.76 10.72
C THR A 1695 30.72 -10.38 10.71
N ALA A 1696 31.52 -11.02 11.57
CA ALA A 1696 32.95 -10.70 11.61
C ALA A 1696 33.61 -10.90 10.25
N ILE A 1697 33.11 -11.85 9.45
CA ILE A 1697 33.62 -12.05 8.10
C ILE A 1697 32.79 -11.31 7.07
N GLU A 1698 31.68 -10.69 7.47
CA GLU A 1698 30.90 -9.84 6.58
C GLU A 1698 31.39 -8.39 6.66
N LEU A 1699 31.36 -7.81 7.86
CA LEU A 1699 32.02 -6.57 8.15
C LEU A 1699 33.47 -6.85 8.53
N GLY A 1700 34.17 -5.87 9.07
CA GLY A 1700 35.53 -6.06 9.50
C GLY A 1700 35.61 -6.92 10.76
N ALA A 1701 36.85 -7.22 11.14
CA ALA A 1701 37.12 -8.00 12.35
C ALA A 1701 36.94 -7.19 13.62
N TRP A 1702 36.45 -5.95 13.52
CA TRP A 1702 36.30 -5.13 14.71
C TRP A 1702 35.16 -5.60 15.61
N VAL A 1703 34.11 -6.17 15.01
CA VAL A 1703 32.90 -6.51 15.78
C VAL A 1703 33.19 -7.48 16.92
N LEU A 1704 34.29 -8.23 16.85
CA LEU A 1704 34.63 -9.17 17.91
C LEU A 1704 35.29 -8.49 19.10
N GLY A 1705 35.58 -7.20 19.02
CA GLY A 1705 36.19 -6.49 20.13
C GLY A 1705 35.29 -6.40 21.35
N GLU A 1706 35.82 -5.85 22.44
CA GLU A 1706 35.04 -5.70 23.66
C GLU A 1706 34.35 -4.35 23.65
N PRO A 1707 33.03 -4.29 23.50
CA PRO A 1707 32.36 -2.98 23.45
C PRO A 1707 32.45 -2.25 24.76
N LYS A 1708 32.76 -0.95 24.69
CA LYS A 1708 32.79 -0.08 25.85
C LYS A 1708 32.13 1.24 25.50
N LYS A 1709 31.20 1.68 26.36
CA LYS A 1709 30.52 2.94 26.13
C LYS A 1709 31.45 4.11 26.43
N VAL A 1710 31.37 5.15 25.61
CA VAL A 1710 32.16 6.36 25.83
C VAL A 1710 31.54 7.12 27.00
N ARG A 1711 32.13 6.98 28.18
CA ARG A 1711 31.61 7.60 29.38
C ARG A 1711 32.47 8.74 29.89
N VAL A 1712 33.69 8.91 29.37
CA VAL A 1712 34.54 10.03 29.78
C VAL A 1712 34.16 11.33 29.11
N LEU A 1713 33.08 11.35 28.32
CA LEU A 1713 32.70 12.52 27.56
C LEU A 1713 31.70 13.34 28.36
N GLU A 1714 32.08 14.57 28.70
CA GLU A 1714 31.16 15.51 29.34
C GLU A 1714 30.09 15.94 28.35
N PHE A 1715 29.05 16.59 28.87
CA PHE A 1715 27.95 17.06 28.04
C PHE A 1715 28.33 18.34 27.32
N PHE A 1716 27.92 18.45 26.07
CA PHE A 1716 28.13 19.65 25.27
C PHE A 1716 26.80 20.35 25.03
N LYS A 1717 26.86 21.66 24.82
CA LYS A 1717 25.66 22.44 24.49
C LYS A 1717 25.22 22.08 23.07
N HIS A 1718 24.32 21.11 22.95
CA HIS A 1718 23.98 20.51 21.67
C HIS A 1718 22.74 21.20 21.10
N ASN A 1719 22.93 21.95 20.02
CA ASN A 1719 21.77 22.45 19.29
C ASN A 1719 21.17 21.33 18.43
N PRO A 1720 19.84 21.26 18.32
CA PRO A 1720 19.22 20.14 17.61
C PRO A 1720 19.41 20.16 16.09
N CYS A 1721 20.12 21.15 15.53
CA CYS A 1721 20.36 21.21 14.10
C CYS A 1721 21.85 21.46 13.85
N ASP A 1722 22.64 20.39 13.85
CA ASP A 1722 24.02 20.43 13.39
C ASP A 1722 24.41 19.01 12.99
N TYR A 1723 24.51 18.77 11.69
CA TYR A 1723 24.58 17.41 11.17
C TYR A 1723 26.02 17.01 10.86
N PHE A 1724 26.23 15.70 10.73
CA PHE A 1724 27.53 15.12 10.50
C PHE A 1724 27.37 14.09 9.40
N PRO A 1725 28.10 14.21 8.29
CA PRO A 1725 28.03 13.17 7.25
C PRO A 1725 29.03 12.07 7.50
N LEU A 1726 28.61 10.84 7.24
CA LEU A 1726 29.41 9.66 7.49
C LEU A 1726 29.19 8.63 6.38
N LYS A 1727 30.24 7.86 6.10
CA LYS A 1727 30.27 6.70 5.24
C LYS A 1727 30.22 5.42 6.07
N PRO A 1728 29.44 4.43 5.65
CA PRO A 1728 29.39 3.17 6.39
C PRO A 1728 30.73 2.44 6.37
N ALA A 1729 31.00 1.72 7.45
CA ALA A 1729 32.25 0.99 7.59
C ALA A 1729 32.25 -0.26 6.70
N ALA A 1730 32.67 -0.09 5.44
CA ALA A 1730 32.71 -1.19 4.49
C ALA A 1730 33.87 -2.14 4.80
N VAL A 1738 30.44 -9.74 -3.73
CA VAL A 1738 29.50 -10.85 -3.74
C VAL A 1738 28.57 -10.75 -4.93
N GLY A 1739 27.40 -11.36 -4.82
CA GLY A 1739 26.42 -11.32 -5.89
C GLY A 1739 25.40 -12.44 -5.71
N LEU A 1740 24.75 -12.78 -6.82
CA LEU A 1740 23.75 -13.85 -6.82
C LEU A 1740 24.37 -15.19 -7.20
N ASN A 1741 24.97 -15.25 -8.39
CA ASN A 1741 25.56 -16.51 -8.84
C ASN A 1741 26.78 -16.90 -8.02
N HIS A 1742 27.43 -15.94 -7.37
CA HIS A 1742 28.50 -16.26 -6.44
C HIS A 1742 28.02 -17.19 -5.32
N ILE A 1743 26.76 -17.02 -4.89
CA ILE A 1743 26.21 -17.86 -3.85
C ILE A 1743 25.74 -19.19 -4.41
N ILE A 1744 25.05 -19.17 -5.55
CA ILE A 1744 24.42 -20.38 -6.06
C ILE A 1744 25.47 -21.35 -6.61
N HIS A 1745 26.58 -20.83 -7.14
CA HIS A 1745 27.68 -21.69 -7.56
C HIS A 1745 28.51 -22.20 -6.39
N SER A 1746 28.22 -21.75 -5.16
CA SER A 1746 28.94 -22.16 -3.98
C SER A 1746 28.06 -22.86 -2.96
N LEU A 1747 26.83 -23.22 -3.33
CA LEU A 1747 25.92 -23.87 -2.40
C LEU A 1747 25.78 -25.36 -2.66
N ARG A 1748 26.01 -25.83 -3.88
CA ARG A 1748 25.97 -27.25 -4.17
C ARG A 1748 27.17 -28.02 -3.60
N ARG A 1749 28.06 -27.34 -2.89
CA ARG A 1749 29.23 -27.99 -2.32
C ARG A 1749 28.97 -28.46 -0.89
N LEU A 1750 28.18 -27.70 -0.12
CA LEU A 1750 27.90 -28.04 1.26
C LEU A 1750 26.56 -28.73 1.46
N TYR A 1751 25.62 -28.54 0.52
CA TYR A 1751 24.29 -29.16 0.62
C TYR A 1751 23.81 -29.49 -0.79
N PRO A 1752 24.39 -30.52 -1.42
CA PRO A 1752 23.97 -30.86 -2.79
C PRO A 1752 22.57 -31.44 -2.88
N SER A 1753 22.07 -32.04 -1.80
CA SER A 1753 20.70 -32.54 -1.81
C SER A 1753 19.70 -31.40 -1.98
N VAL A 1754 19.98 -30.25 -1.36
CA VAL A 1754 19.11 -29.09 -1.54
C VAL A 1754 19.08 -28.67 -3.00
N PHE A 1755 20.24 -28.69 -3.67
CA PHE A 1755 20.29 -28.40 -5.10
C PHE A 1755 19.47 -29.39 -5.89
N GLU A 1756 19.69 -30.69 -5.68
CA GLU A 1756 18.94 -31.71 -6.39
C GLU A 1756 17.44 -31.66 -6.09
N LYS A 1757 17.04 -31.01 -5.00
CA LYS A 1757 15.64 -30.99 -4.58
C LYS A 1757 14.94 -29.67 -4.81
N HIS A 1758 15.59 -28.54 -4.55
CA HIS A 1758 14.92 -27.24 -4.54
C HIS A 1758 15.37 -26.34 -5.67
N ILE A 1759 16.67 -26.04 -5.78
CA ILE A 1759 17.12 -24.93 -6.60
C ILE A 1759 17.40 -25.33 -8.05
N LEU A 1760 17.53 -26.62 -8.35
CA LEU A 1760 17.80 -27.04 -9.72
C LEU A 1760 16.75 -26.57 -10.73
N PRO A 1761 15.44 -26.65 -10.48
CA PRO A 1761 14.48 -26.18 -11.48
C PRO A 1761 14.28 -24.68 -11.52
N PHE A 1762 14.90 -23.92 -10.62
CA PHE A 1762 14.77 -22.47 -10.60
C PHE A 1762 15.67 -21.77 -11.61
N MET A 1763 16.45 -22.51 -12.40
CA MET A 1763 17.36 -21.90 -13.36
C MET A 1763 16.61 -21.31 -14.55
N ARG A 1776 34.87 -17.36 -7.64
CA ARG A 1776 34.93 -18.06 -6.38
C ARG A 1776 35.58 -17.21 -5.29
N ILE A 1777 34.90 -17.11 -4.15
CA ILE A 1777 35.39 -16.37 -2.99
C ILE A 1777 35.84 -17.39 -1.95
N LYS A 1778 37.00 -17.13 -1.34
CA LYS A 1778 37.56 -18.08 -0.39
C LYS A 1778 36.80 -18.11 0.93
N PHE A 1779 35.97 -17.11 1.22
CA PHE A 1779 35.21 -17.07 2.46
C PHE A 1779 33.71 -17.19 2.27
N LEU A 1780 33.20 -17.00 1.06
CA LEU A 1780 31.76 -17.14 0.85
C LEU A 1780 31.29 -18.57 1.07
N ASP A 1781 32.14 -19.55 0.77
CA ASP A 1781 31.79 -20.94 1.04
C ASP A 1781 31.59 -21.20 2.54
N LEU A 1782 32.16 -20.35 3.40
CA LEU A 1782 31.95 -20.47 4.84
C LEU A 1782 30.71 -19.73 5.29
N CYS A 1783 30.47 -18.53 4.77
CA CYS A 1783 29.31 -17.74 5.21
C CYS A 1783 28.02 -18.35 4.70
N VAL A 1784 28.00 -18.80 3.44
CA VAL A 1784 26.79 -19.39 2.87
C VAL A 1784 26.41 -20.70 3.52
N ALA A 1785 27.29 -21.28 4.34
CA ALA A 1785 26.94 -22.43 5.16
C ALA A 1785 26.70 -22.05 6.62
N LEU A 1786 27.32 -20.98 7.10
CA LEU A 1786 27.13 -20.55 8.47
C LEU A 1786 25.71 -20.04 8.73
N ASP A 1787 24.99 -19.64 7.67
CA ASP A 1787 23.62 -19.20 7.82
C ASP A 1787 22.60 -20.30 7.57
N VAL A 1788 22.98 -21.34 6.83
CA VAL A 1788 22.07 -22.47 6.61
C VAL A 1788 21.72 -23.12 7.94
N ASN A 1789 22.73 -23.56 8.69
CA ASN A 1789 22.51 -24.15 10.00
C ASN A 1789 22.06 -23.13 11.04
N CYS A 1790 22.17 -21.82 10.75
CA CYS A 1790 21.69 -20.82 11.68
C CYS A 1790 20.18 -20.93 11.87
N GLU A 1791 19.41 -20.74 10.80
CA GLU A 1791 17.95 -20.79 10.84
C GLU A 1791 17.37 -19.91 11.93
N ALA A 1792 18.02 -18.78 12.20
CA ALA A 1792 17.55 -17.87 13.24
C ALA A 1792 17.41 -16.44 12.72
N LEU A 1793 18.16 -16.11 11.68
CA LEU A 1793 18.16 -14.74 11.17
C LEU A 1793 18.86 -14.72 9.82
N SER A 1794 18.43 -13.78 8.96
CA SER A 1794 19.10 -13.55 7.70
C SER A 1794 20.50 -12.99 7.94
N LEU A 1795 21.50 -13.63 7.34
CA LEU A 1795 22.90 -13.23 7.50
C LEU A 1795 23.50 -12.75 6.18
N VAL A 1796 23.46 -13.59 5.14
CA VAL A 1796 23.84 -13.15 3.80
C VAL A 1796 22.62 -12.83 2.94
N SER A 1797 21.46 -13.41 3.28
CA SER A 1797 20.23 -13.02 2.60
C SER A 1797 19.96 -11.53 2.72
N HIS A 1798 20.33 -10.92 3.85
CA HIS A 1798 20.05 -9.50 4.04
C HIS A 1798 20.88 -8.63 3.11
N ILE A 1799 22.11 -9.04 2.81
CA ILE A 1799 22.93 -8.28 1.88
C ILE A 1799 22.68 -8.68 0.43
N VAL A 1800 22.06 -9.83 0.17
CA VAL A 1800 21.73 -10.20 -1.19
C VAL A 1800 20.36 -9.68 -1.62
N LYS A 1801 19.47 -9.39 -0.68
CA LYS A 1801 18.11 -8.99 -1.01
C LYS A 1801 17.87 -7.49 -0.87
N TRP A 1802 18.60 -6.82 0.01
CA TRP A 1802 18.39 -5.39 0.27
C TRP A 1802 19.75 -4.70 0.37
N LYS A 1803 19.98 -3.74 -0.51
CA LYS A 1803 21.29 -3.10 -0.61
C LYS A 1803 21.46 -2.05 0.48
N ARG A 1804 22.60 -2.13 1.19
CA ARG A 1804 22.92 -1.15 2.20
C ARG A 1804 23.19 0.22 1.58
N GLU A 1805 22.74 1.26 2.26
CA GLU A 1805 22.98 2.62 1.80
C GLU A 1805 24.40 3.06 2.15
N GLU A 1806 24.98 3.90 1.30
CA GLU A 1806 26.39 4.25 1.41
C GLU A 1806 26.61 5.70 1.84
N HIS A 1807 25.56 6.40 2.27
CA HIS A 1807 25.70 7.79 2.69
C HIS A 1807 24.76 8.05 3.84
N TYR A 1808 25.31 8.36 5.02
CA TYR A 1808 24.52 8.63 6.21
C TYR A 1808 24.71 10.07 6.65
N ILE A 1809 23.63 10.67 7.15
CA ILE A 1809 23.63 12.02 7.70
C ILE A 1809 23.05 11.93 9.10
N VAL A 1810 23.90 12.04 10.12
CA VAL A 1810 23.48 11.77 11.49
C VAL A 1810 23.59 13.05 12.31
N LEU A 1811 23.00 13.01 13.50
CA LEU A 1811 23.12 14.13 14.44
C LEU A 1811 24.51 14.14 15.04
N SER A 1812 25.26 15.22 14.81
CA SER A 1812 26.61 15.33 15.35
C SER A 1812 26.64 15.31 16.87
N SER A 1813 25.49 15.49 17.53
CA SER A 1813 25.42 15.42 18.98
C SER A 1813 25.22 14.00 19.49
N GLU A 1814 24.49 13.16 18.76
CA GLU A 1814 24.27 11.79 19.19
C GLU A 1814 25.52 10.95 19.00
N LEU A 1815 26.32 11.27 17.98
CA LEU A 1815 27.60 10.58 17.79
C LEU A 1815 28.49 10.69 19.01
N ARG A 1816 28.33 11.74 19.81
CA ARG A 1816 29.11 11.91 21.03
C ARG A 1816 28.85 10.79 22.03
N LEU A 1817 27.75 10.06 21.89
CA LEU A 1817 27.36 9.05 22.87
C LEU A 1817 27.38 7.63 22.31
N SER A 1818 27.74 7.44 21.05
CA SER A 1818 27.79 6.11 20.46
C SER A 1818 29.04 5.38 20.91
N HIS A 1819 28.93 4.07 21.04
CA HIS A 1819 29.97 3.27 21.68
C HIS A 1819 31.19 3.16 20.76
N THR A 1820 32.20 2.44 21.26
CA THR A 1820 33.43 2.18 20.53
C THR A 1820 33.69 0.69 20.54
N ARG A 1821 34.00 0.13 19.38
CA ARG A 1821 34.26 -1.30 19.20
C ARG A 1821 35.67 -1.45 18.63
N THR A 1822 36.66 -1.52 19.51
CA THR A 1822 38.06 -1.54 19.11
C THR A 1822 38.57 -2.98 19.07
N HIS A 1823 39.34 -3.29 18.03
CA HIS A 1823 39.94 -4.60 17.88
C HIS A 1823 41.06 -4.80 18.91
MN MN D . 11.41 18.57 -9.19
#